data_2NPB
#
_entry.id   2NPB
#
_entity_poly.entity_id   1
_entity_poly.type   'polypeptide(L)'
_entity_poly.pdbx_seq_one_letter_code
;MALAVRVVYSGACGYKPKYLQLKEKLEHEFPGCLDICGEGTPQVTGFFEVTVAGKLVHSKKRGDGYVDTESKFRKLVTAI
KAALAQCQLEHHHHHH
;
_entity_poly.pdbx_strand_id   A
#
# COMPACT_ATOMS: atom_id res chain seq x y z
N MET A 1 9.08 -11.22 -12.99
CA MET A 1 9.53 -10.97 -11.60
C MET A 1 8.34 -10.93 -10.66
N ALA A 2 8.56 -11.08 -9.35
CA ALA A 2 7.63 -10.56 -8.35
C ALA A 2 7.58 -9.01 -8.40
N LEU A 3 6.74 -8.39 -7.55
CA LEU A 3 6.62 -6.94 -7.42
C LEU A 3 6.65 -6.51 -5.95
N ALA A 4 7.44 -5.49 -5.64
CA ALA A 4 7.57 -4.88 -4.32
C ALA A 4 6.60 -3.69 -4.14
N VAL A 5 5.76 -3.74 -3.10
CA VAL A 5 4.88 -2.63 -2.66
C VAL A 5 5.37 -2.12 -1.31
N ARG A 6 5.17 -0.85 -1.04
CA ARG A 6 5.57 -0.15 0.19
C ARG A 6 4.48 0.79 0.70
N VAL A 7 4.51 1.04 2.00
CA VAL A 7 3.73 2.08 2.69
C VAL A 7 4.67 2.78 3.66
N VAL A 8 5.01 4.03 3.38
CA VAL A 8 5.71 4.89 4.34
C VAL A 8 4.69 5.50 5.30
N TYR A 9 4.91 5.39 6.62
CA TYR A 9 3.93 5.79 7.64
C TYR A 9 4.56 6.36 8.92
N SER A 10 3.78 7.12 9.69
CA SER A 10 4.10 7.66 11.02
C SER A 10 3.47 6.80 12.11
N GLY A 11 4.28 6.03 12.86
CA GLY A 11 3.84 5.05 13.88
C GLY A 11 3.14 5.60 15.14
N ALA A 12 2.06 6.36 14.96
CA ALA A 12 1.21 6.95 16.00
C ALA A 12 0.31 5.89 16.69
N CYS A 13 0.93 4.88 17.29
CA CYS A 13 0.30 3.66 17.83
C CYS A 13 -0.48 2.86 16.75
N GLY A 14 -1.19 1.79 17.13
CA GLY A 14 -2.21 1.04 16.35
C GLY A 14 -1.85 0.49 14.95
N TYR A 15 -0.63 0.70 14.46
CA TYR A 15 -0.34 0.61 13.02
C TYR A 15 -0.45 -0.80 12.42
N LYS A 16 -0.05 -1.84 13.15
CA LYS A 16 -0.09 -3.24 12.71
C LYS A 16 -1.43 -3.68 12.09
N PRO A 17 -2.58 -3.65 12.77
CA PRO A 17 -3.87 -4.01 12.15
C PRO A 17 -4.27 -3.05 11.01
N LYS A 18 -4.00 -1.74 11.14
CA LYS A 18 -4.27 -0.73 10.11
C LYS A 18 -3.54 -1.01 8.80
N TYR A 19 -2.28 -1.46 8.87
CA TYR A 19 -1.52 -2.02 7.77
C TYR A 19 -2.18 -3.30 7.27
N LEU A 20 -2.22 -4.36 8.10
CA LEU A 20 -2.60 -5.71 7.71
C LEU A 20 -3.97 -5.78 7.02
N GLN A 21 -4.97 -5.01 7.45
CA GLN A 21 -6.28 -5.15 6.82
C GLN A 21 -6.27 -4.68 5.33
N LEU A 22 -5.28 -3.88 4.93
CA LEU A 22 -4.91 -3.65 3.51
C LEU A 22 -3.87 -4.66 3.01
N LYS A 23 -2.81 -4.92 3.79
CA LYS A 23 -1.63 -5.72 3.39
C LYS A 23 -1.95 -7.19 3.16
N GLU A 24 -2.58 -7.80 4.17
CA GLU A 24 -3.15 -9.15 4.21
C GLU A 24 -4.38 -9.30 3.28
N LYS A 25 -4.79 -8.22 2.58
CA LYS A 25 -5.61 -8.26 1.37
C LYS A 25 -4.75 -8.40 0.12
N LEU A 26 -3.83 -7.48 -0.12
CA LEU A 26 -3.07 -7.41 -1.37
C LEU A 26 -2.24 -8.68 -1.67
N GLU A 27 -1.69 -9.28 -0.61
CA GLU A 27 -1.08 -10.61 -0.60
C GLU A 27 -2.06 -11.80 -0.73
N HIS A 28 -3.26 -11.71 -0.19
CA HIS A 28 -4.38 -12.64 -0.42
C HIS A 28 -4.85 -12.66 -1.89
N GLU A 29 -4.92 -11.48 -2.49
CA GLU A 29 -5.30 -11.23 -3.87
C GLU A 29 -4.27 -11.75 -4.89
N PHE A 30 -2.98 -11.55 -4.59
CA PHE A 30 -1.87 -11.78 -5.51
C PHE A 30 -0.66 -12.54 -4.91
N PRO A 31 -0.84 -13.68 -4.22
CA PRO A 31 0.20 -14.31 -3.39
C PRO A 31 1.43 -14.75 -4.20
N GLY A 32 2.63 -14.51 -3.65
CA GLY A 32 3.95 -14.85 -4.21
C GLY A 32 4.35 -14.11 -5.49
N CYS A 33 3.36 -13.68 -6.26
CA CYS A 33 3.54 -12.76 -7.37
C CYS A 33 3.92 -11.35 -6.88
N LEU A 34 3.68 -11.07 -5.60
CA LEU A 34 3.82 -9.75 -4.99
C LEU A 34 4.37 -9.83 -3.56
N ASP A 35 4.90 -8.69 -3.16
CA ASP A 35 5.35 -8.30 -1.83
C ASP A 35 4.69 -6.98 -1.43
N ILE A 36 4.48 -6.79 -0.13
CA ILE A 36 4.24 -5.50 0.50
C ILE A 36 5.05 -5.42 1.80
N CYS A 37 5.72 -4.30 1.98
CA CYS A 37 6.41 -3.90 3.21
C CYS A 37 6.08 -2.48 3.66
N GLY A 38 6.68 -2.05 4.77
CA GLY A 38 6.48 -0.72 5.35
C GLY A 38 7.67 -0.18 6.11
N GLU A 39 7.98 1.09 5.86
CA GLU A 39 9.32 1.69 6.05
C GLU A 39 9.17 3.05 6.76
N GLY A 40 8.38 3.02 7.81
CA GLY A 40 7.81 4.18 8.52
C GLY A 40 8.81 5.05 9.27
N THR A 41 9.49 5.96 8.56
CA THR A 41 10.37 6.97 9.13
C THR A 41 9.68 7.85 10.19
N PRO A 42 10.39 8.23 11.28
CA PRO A 42 9.99 9.31 12.18
C PRO A 42 10.24 10.69 11.54
N GLN A 43 10.05 11.76 12.31
CA GLN A 43 10.08 13.19 11.93
C GLN A 43 8.96 13.60 10.98
N VAL A 44 8.71 12.85 9.90
CA VAL A 44 7.49 12.93 9.10
C VAL A 44 6.28 12.48 9.94
N THR A 45 5.09 13.04 9.67
CA THR A 45 3.87 12.81 10.43
C THR A 45 2.61 12.91 9.55
N GLY A 46 1.47 12.45 10.07
CA GLY A 46 0.14 12.61 9.48
C GLY A 46 -0.05 11.96 8.10
N PHE A 47 0.71 10.90 7.77
CA PHE A 47 0.85 10.37 6.41
C PHE A 47 0.52 8.86 6.27
N PHE A 48 0.65 8.28 5.07
CA PHE A 48 0.39 6.87 4.62
C PHE A 48 0.65 6.79 3.09
N GLU A 49 1.90 6.76 2.66
CA GLU A 49 2.27 7.03 1.28
C GLU A 49 2.56 5.72 0.53
N VAL A 50 1.71 5.35 -0.46
CA VAL A 50 1.70 3.97 -0.97
C VAL A 50 2.35 3.92 -2.36
N THR A 51 3.31 3.02 -2.52
CA THR A 51 4.15 2.89 -3.72
C THR A 51 4.24 1.42 -4.14
N VAL A 52 4.30 1.16 -5.44
CA VAL A 52 4.65 -0.15 -6.03
C VAL A 52 5.74 0.03 -7.07
N ALA A 53 6.78 -0.80 -7.02
CA ALA A 53 7.98 -0.74 -7.87
C ALA A 53 8.52 0.69 -8.12
N GLY A 54 8.49 1.54 -7.07
CA GLY A 54 8.91 2.94 -7.13
C GLY A 54 7.91 3.90 -7.84
N LYS A 55 6.61 3.62 -7.75
CA LYS A 55 5.51 4.35 -8.40
C LYS A 55 4.37 4.58 -7.39
N LEU A 56 4.10 5.84 -7.02
CA LEU A 56 3.02 6.21 -6.10
C LEU A 56 1.65 5.79 -6.66
N VAL A 57 0.82 5.25 -5.78
CA VAL A 57 -0.58 4.89 -6.07
C VAL A 57 -1.55 5.63 -5.13
N HIS A 58 -1.07 6.04 -3.96
CA HIS A 58 -1.85 6.72 -2.94
C HIS A 58 -1.01 7.71 -2.14
N SER A 59 -1.63 8.79 -1.65
CA SER A 59 -0.94 9.82 -0.89
C SER A 59 -1.79 10.44 0.20
N LYS A 60 -1.71 9.92 1.43
CA LYS A 60 -2.35 10.54 2.56
C LYS A 60 -1.87 11.99 2.77
N LYS A 61 -0.62 12.30 2.41
CA LYS A 61 0.00 13.63 2.51
C LYS A 61 -0.51 14.63 1.46
N ARG A 62 -0.83 14.22 0.22
CA ARG A 62 -1.47 15.10 -0.79
C ARG A 62 -2.96 15.33 -0.56
N GLY A 63 -3.53 14.59 0.40
CA GLY A 63 -4.96 14.63 0.71
C GLY A 63 -5.77 13.57 -0.04
N ASP A 64 -5.15 12.45 -0.40
CA ASP A 64 -5.89 11.34 -0.99
C ASP A 64 -6.72 10.52 0.02
N GLY A 65 -6.51 10.71 1.33
CA GLY A 65 -7.12 9.91 2.39
C GLY A 65 -6.30 8.66 2.64
N TYR A 66 -6.80 7.77 3.49
CA TYR A 66 -6.52 6.33 3.43
C TYR A 66 -7.45 5.67 2.40
N VAL A 67 -7.53 4.33 2.35
CA VAL A 67 -8.62 3.66 1.61
C VAL A 67 -9.92 3.68 2.42
N ASP A 68 -10.51 4.85 2.37
CA ASP A 68 -11.69 5.32 3.09
C ASP A 68 -13.01 4.80 2.52
N THR A 69 -12.97 4.15 1.34
CA THR A 69 -14.15 3.56 0.71
C THR A 69 -13.77 2.36 -0.15
N GLU A 70 -14.77 1.54 -0.45
CA GLU A 70 -14.71 0.41 -1.40
C GLU A 70 -14.05 0.87 -2.68
N SER A 71 -14.64 1.91 -3.26
CA SER A 71 -14.20 2.48 -4.54
C SER A 71 -12.75 2.98 -4.51
N LYS A 72 -12.28 3.40 -3.32
CA LYS A 72 -10.89 3.80 -3.12
C LYS A 72 -9.93 2.63 -2.93
N PHE A 73 -10.33 1.58 -2.21
CA PHE A 73 -9.57 0.33 -2.15
C PHE A 73 -9.48 -0.32 -3.54
N ARG A 74 -10.60 -0.40 -4.26
CA ARG A 74 -10.76 -1.00 -5.59
C ARG A 74 -9.89 -0.38 -6.68
N LYS A 75 -9.49 0.89 -6.50
CA LYS A 75 -8.43 1.60 -7.22
C LYS A 75 -7.10 0.85 -7.15
N LEU A 76 -6.72 0.47 -5.93
CA LEU A 76 -5.53 -0.31 -5.65
C LEU A 76 -5.67 -1.71 -6.19
N VAL A 77 -6.77 -2.39 -5.84
CA VAL A 77 -6.97 -3.77 -6.30
C VAL A 77 -6.93 -3.86 -7.82
N THR A 78 -7.54 -2.89 -8.52
CA THR A 78 -7.51 -2.86 -9.97
C THR A 78 -6.12 -2.57 -10.51
N ALA A 79 -5.39 -1.63 -9.89
CA ALA A 79 -4.10 -1.23 -10.43
C ALA A 79 -3.02 -2.28 -10.17
N ILE A 80 -3.10 -2.92 -9.01
CA ILE A 80 -2.10 -3.88 -8.58
C ILE A 80 -2.32 -5.19 -9.32
N LYS A 81 -3.58 -5.52 -9.69
CA LYS A 81 -3.89 -6.68 -10.53
C LYS A 81 -3.28 -6.52 -11.92
N ALA A 82 -3.48 -5.33 -12.47
CA ALA A 82 -2.95 -4.95 -13.78
C ALA A 82 -1.41 -4.97 -13.80
N ALA A 83 -0.78 -4.35 -12.81
CA ALA A 83 0.67 -4.33 -12.63
C ALA A 83 1.28 -5.72 -12.40
N LEU A 84 0.51 -6.61 -11.78
CA LEU A 84 0.89 -7.99 -11.59
C LEU A 84 1.00 -8.71 -12.93
N ALA A 85 -0.09 -8.69 -13.71
CA ALA A 85 -0.15 -9.32 -15.02
C ALA A 85 0.84 -8.76 -16.07
N GLN A 86 1.47 -7.62 -15.80
CA GLN A 86 2.62 -7.09 -16.54
C GLN A 86 3.91 -7.80 -16.12
N CYS A 87 4.23 -7.70 -14.84
CA CYS A 87 5.45 -8.27 -14.24
C CYS A 87 5.52 -9.81 -14.28
N GLN A 88 4.37 -10.48 -14.35
CA GLN A 88 4.31 -11.93 -14.52
C GLN A 88 4.79 -12.42 -15.90
N MET A 1 8.95 -9.94 -13.48
CA MET A 1 9.42 -10.70 -12.30
C MET A 1 8.33 -10.64 -11.24
N ALA A 2 8.63 -10.63 -9.93
CA ALA A 2 7.66 -10.21 -8.90
C ALA A 2 7.36 -8.70 -9.00
N LEU A 3 6.54 -8.20 -8.07
CA LEU A 3 6.39 -6.80 -7.75
C LEU A 3 6.80 -6.59 -6.28
N ALA A 4 7.17 -5.37 -5.94
CA ALA A 4 7.66 -4.99 -4.61
C ALA A 4 7.06 -3.65 -4.15
N VAL A 5 6.47 -3.61 -2.95
CA VAL A 5 5.71 -2.46 -2.43
C VAL A 5 6.15 -2.11 -1.00
N ARG A 6 6.07 -0.82 -0.67
CA ARG A 6 6.33 -0.20 0.63
C ARG A 6 5.12 0.62 1.08
N VAL A 7 5.02 0.87 2.39
CA VAL A 7 4.09 1.82 3.00
C VAL A 7 4.83 2.62 4.07
N VAL A 8 5.33 3.81 3.75
CA VAL A 8 5.91 4.69 4.78
C VAL A 8 4.80 5.30 5.65
N TYR A 9 4.96 5.27 6.97
CA TYR A 9 4.06 5.93 7.90
C TYR A 9 4.77 6.31 9.21
N SER A 10 4.02 6.43 10.31
CA SER A 10 4.40 6.88 11.65
C SER A 10 3.74 6.01 12.74
N GLY A 11 4.09 6.27 14.00
CA GLY A 11 3.64 5.50 15.17
C GLY A 11 2.37 6.02 15.86
N ALA A 12 1.74 7.07 15.32
CA ALA A 12 0.70 7.87 15.97
C ALA A 12 -0.68 7.18 16.18
N CYS A 13 -0.84 5.91 15.79
CA CYS A 13 -2.10 5.17 15.91
C CYS A 13 -1.87 3.65 15.92
N GLY A 14 -2.95 2.86 16.02
CA GLY A 14 -2.98 1.39 15.83
C GLY A 14 -2.68 0.93 14.40
N TYR A 15 -1.54 1.37 13.85
CA TYR A 15 -1.09 1.13 12.48
C TYR A 15 -0.99 -0.35 12.14
N LYS A 16 -0.16 -1.13 12.85
CA LYS A 16 0.19 -2.52 12.46
C LYS A 16 -1.00 -3.41 12.06
N PRO A 17 -2.11 -3.50 12.81
CA PRO A 17 -3.28 -4.27 12.35
C PRO A 17 -4.06 -3.62 11.20
N LYS A 18 -4.16 -2.27 11.09
CA LYS A 18 -4.85 -1.64 9.95
C LYS A 18 -4.02 -1.68 8.66
N TYR A 19 -2.69 -1.62 8.79
CA TYR A 19 -1.68 -1.93 7.79
C TYR A 19 -1.88 -3.33 7.26
N LEU A 20 -1.79 -4.34 8.14
CA LEU A 20 -2.11 -5.72 7.78
C LEU A 20 -3.46 -5.85 7.11
N GLN A 21 -4.52 -5.17 7.54
CA GLN A 21 -5.84 -5.33 6.93
C GLN A 21 -5.79 -5.04 5.42
N LEU A 22 -5.15 -3.93 5.02
CA LEU A 22 -4.85 -3.65 3.62
C LEU A 22 -3.92 -4.73 3.03
N LYS A 23 -2.81 -5.03 3.72
CA LYS A 23 -1.71 -5.87 3.22
C LYS A 23 -2.10 -7.34 3.04
N GLU A 24 -2.60 -7.97 4.10
CA GLU A 24 -3.29 -9.27 4.10
C GLU A 24 -4.18 -9.46 2.86
N LYS A 25 -5.07 -8.51 2.58
CA LYS A 25 -5.98 -8.61 1.43
C LYS A 25 -5.27 -8.53 0.08
N LEU A 26 -4.27 -7.67 -0.03
CA LEU A 26 -3.38 -7.57 -1.18
C LEU A 26 -2.65 -8.89 -1.46
N GLU A 27 -1.91 -9.38 -0.48
CA GLU A 27 -1.26 -10.70 -0.48
C GLU A 27 -2.21 -11.87 -0.72
N HIS A 28 -3.44 -11.85 -0.22
CA HIS A 28 -4.46 -12.83 -0.58
C HIS A 28 -4.77 -12.79 -2.08
N GLU A 29 -4.86 -11.59 -2.66
CA GLU A 29 -5.23 -11.36 -4.05
C GLU A 29 -4.20 -11.93 -5.04
N PHE A 30 -2.92 -11.70 -4.72
CA PHE A 30 -1.77 -12.10 -5.54
C PHE A 30 -0.56 -12.50 -4.65
N PRO A 31 -0.60 -13.68 -3.99
CA PRO A 31 0.42 -14.09 -3.03
C PRO A 31 1.76 -14.41 -3.72
N GLY A 32 2.88 -13.97 -3.13
CA GLY A 32 4.27 -14.21 -3.55
C GLY A 32 4.68 -13.69 -4.93
N CYS A 33 3.72 -13.38 -5.78
CA CYS A 33 3.90 -12.51 -6.92
C CYS A 33 4.16 -11.07 -6.46
N LEU A 34 3.71 -10.72 -5.25
CA LEU A 34 4.00 -9.46 -4.59
C LEU A 34 4.84 -9.70 -3.33
N ASP A 35 5.65 -8.69 -3.08
CA ASP A 35 6.03 -8.16 -1.78
C ASP A 35 5.23 -6.89 -1.50
N ILE A 36 4.85 -6.74 -0.23
CA ILE A 36 4.49 -5.49 0.42
C ILE A 36 5.09 -5.52 1.84
N CYS A 37 5.82 -4.46 2.15
CA CYS A 37 6.34 -4.10 3.47
C CYS A 37 5.79 -2.74 3.93
N GLY A 38 6.10 -2.33 5.17
CA GLY A 38 5.65 -1.07 5.76
C GLY A 38 6.60 -0.58 6.85
N GLU A 39 6.74 0.73 6.97
CA GLU A 39 7.92 1.40 7.49
C GLU A 39 7.53 2.64 8.27
N GLY A 40 7.42 2.47 9.57
CA GLY A 40 6.98 3.51 10.51
C GLY A 40 8.16 4.21 11.18
N THR A 41 8.61 5.35 10.63
CA THR A 41 9.78 6.10 11.11
C THR A 41 9.41 7.52 11.59
N PRO A 42 9.88 7.96 12.78
CA PRO A 42 9.46 9.23 13.39
C PRO A 42 10.10 10.44 12.69
N GLN A 43 9.33 11.53 12.54
CA GLN A 43 9.78 12.77 11.90
C GLN A 43 9.34 14.00 12.71
N VAL A 44 8.04 14.33 12.66
CA VAL A 44 7.39 15.37 13.50
C VAL A 44 5.89 15.09 13.67
N THR A 45 5.24 14.55 12.64
CA THR A 45 3.89 13.96 12.70
C THR A 45 3.85 12.69 11.84
N GLY A 46 3.87 12.81 10.51
CA GLY A 46 4.00 11.69 9.56
C GLY A 46 3.29 11.93 8.22
N PHE A 47 3.46 11.00 7.30
CA PHE A 47 2.79 10.91 5.99
C PHE A 47 2.67 9.43 5.62
N PHE A 48 1.44 8.99 5.31
CA PHE A 48 1.12 7.63 4.89
C PHE A 48 1.27 7.56 3.37
N GLU A 49 2.36 6.99 2.83
CA GLU A 49 2.55 6.93 1.39
C GLU A 49 2.90 5.52 0.87
N VAL A 50 2.32 5.13 -0.29
CA VAL A 50 2.46 3.76 -0.84
C VAL A 50 3.05 3.79 -2.24
N THR A 51 4.15 3.07 -2.40
CA THR A 51 4.98 2.98 -3.58
C THR A 51 5.09 1.54 -4.07
N VAL A 52 4.91 1.30 -5.38
CA VAL A 52 5.05 0.00 -6.04
C VAL A 52 6.13 0.11 -7.11
N ALA A 53 7.16 -0.72 -7.02
CA ALA A 53 8.42 -0.61 -7.78
C ALA A 53 9.07 0.80 -7.83
N GLY A 54 8.67 1.71 -6.93
CA GLY A 54 9.09 3.12 -6.87
C GLY A 54 8.01 4.14 -7.33
N LYS A 55 6.92 3.69 -7.96
CA LYS A 55 5.74 4.51 -8.28
C LYS A 55 4.90 4.73 -7.04
N LEU A 56 4.91 5.95 -6.49
CA LEU A 56 3.81 6.39 -5.64
C LEU A 56 2.49 6.20 -6.39
N VAL A 57 1.53 5.57 -5.71
CA VAL A 57 0.13 5.45 -6.13
C VAL A 57 -0.82 5.98 -5.04
N HIS A 58 -0.35 6.05 -3.80
CA HIS A 58 -1.07 6.63 -2.69
C HIS A 58 -0.22 7.63 -1.90
N SER A 59 -0.90 8.61 -1.34
CA SER A 59 -0.45 9.49 -0.28
C SER A 59 -1.63 10.11 0.46
N LYS A 60 -1.61 10.12 1.79
CA LYS A 60 -2.41 11.10 2.52
C LYS A 60 -1.96 12.55 2.27
N LYS A 61 -0.66 12.86 2.29
CA LYS A 61 -0.19 14.26 2.08
C LYS A 61 -0.42 14.84 0.68
N ARG A 62 -0.54 14.02 -0.37
CA ARG A 62 -0.96 14.47 -1.72
C ARG A 62 -2.48 14.62 -1.87
N GLY A 63 -3.23 14.11 -0.90
CA GLY A 63 -4.69 14.12 -0.91
C GLY A 63 -5.30 13.00 -1.73
N ASP A 64 -4.69 11.82 -1.69
CA ASP A 64 -5.32 10.61 -2.24
C ASP A 64 -6.36 10.01 -1.28
N GLY A 65 -6.12 10.12 0.02
CA GLY A 65 -6.90 9.47 1.06
C GLY A 65 -6.75 7.93 1.04
N TYR A 66 -6.91 7.28 2.19
CA TYR A 66 -6.73 5.84 2.37
C TYR A 66 -7.73 5.03 1.52
N VAL A 67 -7.81 3.74 1.81
CA VAL A 67 -9.09 3.02 1.74
C VAL A 67 -10.13 3.55 2.74
N ASP A 68 -10.43 4.81 2.53
CA ASP A 68 -11.54 5.59 3.03
C ASP A 68 -12.86 5.07 2.43
N THR A 69 -12.80 4.33 1.31
CA THR A 69 -13.95 3.69 0.69
C THR A 69 -13.57 2.37 0.02
N GLU A 70 -14.60 1.57 -0.20
CA GLU A 70 -14.65 0.31 -0.94
C GLU A 70 -14.03 0.46 -2.33
N SER A 71 -14.56 1.44 -3.04
CA SER A 71 -14.07 1.78 -4.38
C SER A 71 -12.64 2.32 -4.37
N LYS A 72 -12.18 2.90 -3.25
CA LYS A 72 -10.79 3.34 -3.12
C LYS A 72 -9.81 2.19 -2.90
N PHE A 73 -10.20 1.17 -2.15
CA PHE A 73 -9.49 -0.12 -2.03
C PHE A 73 -9.33 -0.77 -3.41
N ARG A 74 -10.42 -0.82 -4.18
CA ARG A 74 -10.44 -1.33 -5.56
C ARG A 74 -9.47 -0.61 -6.50
N LYS A 75 -9.30 0.71 -6.37
CA LYS A 75 -8.38 1.51 -7.19
C LYS A 75 -6.92 1.09 -7.00
N LEU A 76 -6.59 0.54 -5.84
CA LEU A 76 -5.27 -0.02 -5.53
C LEU A 76 -5.19 -1.50 -5.89
N VAL A 77 -6.19 -2.28 -5.48
CA VAL A 77 -6.20 -3.73 -5.75
C VAL A 77 -6.21 -4.00 -7.24
N THR A 78 -7.00 -3.26 -8.00
CA THR A 78 -7.05 -3.37 -9.45
C THR A 78 -5.77 -2.90 -10.09
N ALA A 79 -5.14 -1.85 -9.55
CA ALA A 79 -3.92 -1.33 -10.17
C ALA A 79 -2.71 -2.22 -9.95
N ILE A 80 -2.67 -2.90 -8.81
CA ILE A 80 -1.64 -3.89 -8.52
C ILE A 80 -1.95 -5.16 -9.29
N LYS A 81 -3.23 -5.55 -9.45
CA LYS A 81 -3.57 -6.79 -10.17
C LYS A 81 -3.19 -6.70 -11.64
N ALA A 82 -3.45 -5.53 -12.22
CA ALA A 82 -3.07 -5.18 -13.58
C ALA A 82 -1.55 -5.13 -13.73
N ALA A 83 -0.85 -4.37 -12.87
CA ALA A 83 0.61 -4.28 -12.90
C ALA A 83 1.30 -5.64 -12.70
N LEU A 84 0.70 -6.48 -11.86
CA LEU A 84 1.17 -7.82 -11.57
C LEU A 84 1.08 -8.71 -12.80
N ALA A 85 -0.12 -8.81 -13.37
CA ALA A 85 -0.38 -9.62 -14.54
C ALA A 85 0.46 -9.23 -15.77
N GLN A 86 0.98 -8.00 -15.79
CA GLN A 86 1.85 -7.46 -16.84
C GLN A 86 3.34 -7.73 -16.55
N CYS A 87 3.72 -7.74 -15.28
CA CYS A 87 5.02 -8.19 -14.76
C CYS A 87 5.20 -9.71 -14.82
N GLN A 88 4.11 -10.47 -14.84
CA GLN A 88 4.14 -11.95 -14.87
C GLN A 88 4.75 -12.52 -16.17
N MET A 1 8.89 -9.90 -12.89
CA MET A 1 9.50 -9.96 -11.55
C MET A 1 8.38 -10.11 -10.52
N ALA A 2 8.68 -10.40 -9.24
CA ALA A 2 7.74 -10.08 -8.16
C ALA A 2 7.55 -8.54 -8.04
N LEU A 3 6.49 -8.07 -7.38
CA LEU A 3 6.17 -6.64 -7.30
C LEU A 3 6.40 -6.08 -5.90
N ALA A 4 7.44 -5.27 -5.78
CA ALA A 4 7.93 -4.64 -4.55
C ALA A 4 7.08 -3.43 -4.13
N VAL A 5 6.39 -3.49 -2.97
CA VAL A 5 5.63 -2.36 -2.40
C VAL A 5 6.13 -1.99 -1.00
N ARG A 6 6.15 -0.69 -0.73
CA ARG A 6 6.44 -0.04 0.55
C ARG A 6 5.27 0.84 0.99
N VAL A 7 5.17 1.13 2.29
CA VAL A 7 4.23 2.10 2.90
C VAL A 7 4.97 2.89 3.96
N VAL A 8 5.52 4.08 3.63
CA VAL A 8 6.28 4.89 4.60
C VAL A 8 5.36 5.74 5.46
N TYR A 9 5.45 5.68 6.80
CA TYR A 9 4.56 6.45 7.68
C TYR A 9 5.17 6.75 9.05
N SER A 10 4.72 7.83 9.68
CA SER A 10 4.93 8.12 11.10
C SER A 10 4.16 7.14 12.01
N GLY A 11 4.76 5.98 12.31
CA GLY A 11 4.13 4.78 12.93
C GLY A 11 3.68 4.89 14.39
N ALA A 12 2.99 5.96 14.78
CA ALA A 12 2.51 6.32 16.12
C ALA A 12 1.35 5.44 16.64
N CYS A 13 1.56 4.12 16.68
CA CYS A 13 0.58 3.09 17.03
C CYS A 13 -0.66 3.08 16.11
N GLY A 14 -1.63 2.20 16.39
CA GLY A 14 -2.84 1.89 15.59
C GLY A 14 -2.60 1.22 14.23
N TYR A 15 -1.50 1.56 13.57
CA TYR A 15 -1.15 1.21 12.20
C TYR A 15 -1.16 -0.30 11.92
N LYS A 16 -0.43 -1.12 12.69
CA LYS A 16 -0.17 -2.55 12.44
C LYS A 16 -1.39 -3.37 11.95
N PRO A 17 -2.54 -3.40 12.64
CA PRO A 17 -3.73 -4.08 12.13
C PRO A 17 -4.36 -3.40 10.89
N LYS A 18 -4.43 -2.07 10.76
CA LYS A 18 -4.95 -1.47 9.51
C LYS A 18 -4.00 -1.72 8.33
N TYR A 19 -2.69 -1.75 8.59
CA TYR A 19 -1.64 -2.15 7.66
C TYR A 19 -1.86 -3.58 7.19
N LEU A 20 -1.97 -4.53 8.13
CA LEU A 20 -2.25 -5.93 7.86
C LEU A 20 -3.57 -6.14 7.11
N GLN A 21 -4.65 -5.43 7.45
CA GLN A 21 -5.94 -5.61 6.78
C GLN A 21 -5.80 -5.31 5.29
N LEU A 22 -5.22 -4.16 4.96
CA LEU A 22 -4.88 -3.77 3.60
C LEU A 22 -3.89 -4.74 2.94
N LYS A 23 -2.83 -5.15 3.65
CA LYS A 23 -1.80 -6.06 3.15
C LYS A 23 -2.37 -7.44 2.85
N GLU A 24 -2.92 -8.09 3.88
CA GLU A 24 -3.58 -9.40 3.82
C GLU A 24 -4.44 -9.56 2.57
N LYS A 25 -5.26 -8.57 2.22
CA LYS A 25 -6.13 -8.57 1.04
C LYS A 25 -5.40 -8.53 -0.31
N LEU A 26 -4.30 -7.82 -0.39
CA LEU A 26 -3.41 -7.71 -1.55
C LEU A 26 -2.55 -8.96 -1.75
N GLU A 27 -1.89 -9.40 -0.68
CA GLU A 27 -1.18 -10.67 -0.57
C GLU A 27 -2.06 -11.91 -0.79
N HIS A 28 -3.35 -11.87 -0.41
CA HIS A 28 -4.40 -12.80 -0.84
C HIS A 28 -4.57 -12.80 -2.37
N GLU A 29 -4.62 -11.61 -2.96
CA GLU A 29 -4.88 -11.43 -4.39
C GLU A 29 -3.71 -11.91 -5.26
N PHE A 30 -2.49 -11.73 -4.75
CA PHE A 30 -1.21 -11.88 -5.45
C PHE A 30 -0.13 -12.64 -4.64
N PRO A 31 -0.41 -13.81 -4.03
CA PRO A 31 0.51 -14.40 -3.07
C PRO A 31 1.84 -14.75 -3.70
N GLY A 32 2.91 -14.21 -3.11
CA GLY A 32 4.30 -14.29 -3.56
C GLY A 32 4.63 -13.66 -4.92
N CYS A 33 3.65 -13.37 -5.77
CA CYS A 33 3.82 -12.50 -6.93
C CYS A 33 4.04 -11.04 -6.50
N LEU A 34 3.77 -10.73 -5.24
CA LEU A 34 3.96 -9.45 -4.57
C LEU A 34 4.81 -9.56 -3.31
N ASP A 35 5.35 -8.41 -2.98
CA ASP A 35 5.83 -7.93 -1.69
C ASP A 35 5.05 -6.67 -1.35
N ILE A 36 4.69 -6.56 -0.08
CA ILE A 36 4.33 -5.31 0.57
C ILE A 36 4.95 -5.33 1.97
N CYS A 37 5.86 -4.40 2.17
CA CYS A 37 6.34 -3.98 3.46
C CYS A 37 5.82 -2.58 3.79
N GLY A 38 6.08 -2.14 5.03
CA GLY A 38 5.90 -0.76 5.46
C GLY A 38 7.19 -0.24 6.10
N GLU A 39 7.31 1.06 6.23
CA GLU A 39 8.45 1.76 6.83
C GLU A 39 7.92 2.82 7.78
N GLY A 40 7.55 2.35 8.96
CA GLY A 40 6.84 3.12 9.98
C GLY A 40 7.73 4.08 10.80
N THR A 41 8.74 4.70 10.18
CA THR A 41 9.74 5.55 10.83
C THR A 41 9.16 6.91 11.30
N PRO A 42 9.67 7.52 12.38
CA PRO A 42 9.04 8.69 13.01
C PRO A 42 9.16 10.02 12.24
N GLN A 43 9.74 10.03 11.03
CA GLN A 43 10.32 11.25 10.44
C GLN A 43 9.35 12.41 10.19
N VAL A 44 8.11 12.19 9.76
CA VAL A 44 7.16 13.28 9.47
C VAL A 44 5.74 12.88 9.89
N THR A 45 5.30 13.39 11.04
CA THR A 45 3.95 13.22 11.61
C THR A 45 2.83 13.48 10.61
N GLY A 46 2.29 12.40 10.02
CA GLY A 46 1.12 12.39 9.13
C GLY A 46 1.41 12.14 7.64
N PHE A 47 2.68 12.08 7.23
CA PHE A 47 3.11 11.61 5.91
C PHE A 47 2.90 10.08 5.86
N PHE A 48 2.09 9.53 4.95
CA PHE A 48 1.73 8.08 4.86
C PHE A 48 1.65 7.69 3.38
N GLU A 49 2.69 7.12 2.77
CA GLU A 49 2.79 7.08 1.31
C GLU A 49 3.07 5.67 0.77
N VAL A 50 2.25 5.19 -0.19
CA VAL A 50 2.38 3.83 -0.74
C VAL A 50 3.08 3.88 -2.09
N THR A 51 4.13 3.09 -2.26
CA THR A 51 4.92 3.02 -3.50
C THR A 51 5.05 1.59 -3.99
N VAL A 52 4.73 1.28 -5.26
CA VAL A 52 4.92 -0.02 -5.93
C VAL A 52 5.94 0.13 -7.05
N ALA A 53 6.95 -0.74 -7.10
CA ALA A 53 8.06 -0.72 -8.06
C ALA A 53 8.67 0.69 -8.33
N GLY A 54 8.63 1.61 -7.35
CA GLY A 54 9.07 3.00 -7.50
C GLY A 54 8.01 3.99 -8.01
N LYS A 55 6.71 3.68 -7.90
CA LYS A 55 5.56 4.47 -8.35
C LYS A 55 4.59 4.72 -7.20
N LEU A 56 4.34 5.98 -6.82
CA LEU A 56 3.35 6.33 -5.81
C LEU A 56 1.94 5.96 -6.27
N VAL A 57 1.20 5.28 -5.38
CA VAL A 57 -0.19 4.85 -5.59
C VAL A 57 -1.14 5.50 -4.59
N HIS A 58 -0.59 5.96 -3.47
CA HIS A 58 -1.33 6.50 -2.34
C HIS A 58 -0.51 7.60 -1.67
N SER A 59 -1.19 8.61 -1.18
CA SER A 59 -0.58 9.75 -0.49
C SER A 59 -1.54 10.40 0.49
N LYS A 60 -1.34 10.23 1.80
CA LYS A 60 -2.02 11.10 2.76
C LYS A 60 -1.55 12.55 2.67
N LYS A 61 -0.30 12.80 2.27
CA LYS A 61 0.25 14.15 2.09
C LYS A 61 -0.49 14.95 1.02
N ARG A 62 -0.91 14.32 -0.09
CA ARG A 62 -1.76 14.98 -1.09
C ARG A 62 -3.22 15.09 -0.66
N GLY A 63 -3.70 14.15 0.15
CA GLY A 63 -5.11 14.03 0.53
C GLY A 63 -5.87 12.93 -0.19
N ASP A 64 -5.19 11.89 -0.66
CA ASP A 64 -5.83 10.71 -1.28
C ASP A 64 -6.77 9.96 -0.32
N GLY A 65 -6.45 9.98 0.99
CA GLY A 65 -7.12 9.24 2.07
C GLY A 65 -6.90 7.74 1.95
N TYR A 66 -7.02 7.01 3.06
CA TYR A 66 -6.83 5.56 3.15
C TYR A 66 -7.82 4.75 2.30
N VAL A 67 -7.83 3.42 2.50
CA VAL A 67 -9.09 2.70 2.35
C VAL A 67 -10.07 3.20 3.42
N ASP A 68 -10.78 4.22 2.96
CA ASP A 68 -11.90 4.95 3.52
C ASP A 68 -13.19 4.52 2.81
N THR A 69 -13.07 3.88 1.64
CA THR A 69 -14.21 3.35 0.88
C THR A 69 -13.79 2.11 0.13
N GLU A 70 -14.80 1.31 -0.18
CA GLU A 70 -14.82 0.12 -1.02
C GLU A 70 -14.12 0.38 -2.35
N SER A 71 -14.63 1.40 -3.04
CA SER A 71 -14.09 1.83 -4.33
C SER A 71 -12.65 2.38 -4.21
N LYS A 72 -12.26 2.89 -3.04
CA LYS A 72 -10.89 3.38 -2.80
C LYS A 72 -9.87 2.25 -2.69
N PHE A 73 -10.29 1.09 -2.17
CA PHE A 73 -9.49 -0.14 -2.22
C PHE A 73 -9.36 -0.68 -3.66
N ARG A 74 -10.49 -0.80 -4.36
CA ARG A 74 -10.59 -1.37 -5.71
C ARG A 74 -9.69 -0.69 -6.74
N LYS A 75 -9.42 0.61 -6.60
CA LYS A 75 -8.52 1.34 -7.46
C LYS A 75 -7.13 0.68 -7.48
N LEU A 76 -6.67 0.26 -6.31
CA LEU A 76 -5.32 -0.28 -6.11
C LEU A 76 -5.29 -1.75 -6.48
N VAL A 77 -6.35 -2.47 -6.11
CA VAL A 77 -6.49 -3.87 -6.55
C VAL A 77 -6.43 -3.96 -8.06
N THR A 78 -7.15 -3.09 -8.75
CA THR A 78 -7.21 -3.08 -10.21
C THR A 78 -5.86 -2.77 -10.82
N ALA A 79 -5.13 -1.81 -10.25
CA ALA A 79 -3.87 -1.37 -10.83
C ALA A 79 -2.73 -2.36 -10.56
N ILE A 80 -2.79 -3.04 -9.42
CA ILE A 80 -1.81 -4.04 -9.06
C ILE A 80 -2.12 -5.35 -9.79
N LYS A 81 -3.39 -5.64 -10.10
CA LYS A 81 -3.78 -6.84 -10.87
C LYS A 81 -3.21 -6.76 -12.28
N ALA A 82 -3.37 -5.58 -12.88
CA ALA A 82 -2.82 -5.25 -14.19
C ALA A 82 -1.30 -5.28 -14.17
N ALA A 83 -0.67 -4.56 -13.22
CA ALA A 83 0.78 -4.51 -13.11
C ALA A 83 1.41 -5.88 -12.86
N LEU A 84 0.71 -6.74 -12.13
CA LEU A 84 1.15 -8.12 -11.88
C LEU A 84 1.22 -8.91 -13.18
N ALA A 85 0.11 -8.96 -13.91
CA ALA A 85 0.02 -9.68 -15.18
C ALA A 85 0.98 -9.14 -16.26
N GLN A 86 1.39 -7.88 -16.15
CA GLN A 86 2.41 -7.26 -17.01
C GLN A 86 3.80 -7.76 -16.63
N CYS A 87 4.14 -7.63 -15.36
CA CYS A 87 5.42 -8.03 -14.76
C CYS A 87 5.64 -9.55 -14.79
N GLN A 88 4.58 -10.33 -14.90
CA GLN A 88 4.70 -11.78 -15.06
C GLN A 88 5.23 -12.22 -16.42
N MET A 1 9.67 -11.73 -12.53
CA MET A 1 8.27 -12.17 -12.47
C MET A 1 7.75 -12.12 -11.02
N ALA A 2 7.75 -10.91 -10.44
CA ALA A 2 7.14 -10.54 -9.16
C ALA A 2 6.90 -9.01 -9.18
N LEU A 3 6.22 -8.46 -8.18
CA LEU A 3 6.20 -7.05 -7.89
C LEU A 3 6.79 -6.81 -6.50
N ALA A 4 7.18 -5.57 -6.25
CA ALA A 4 7.74 -5.10 -4.96
C ALA A 4 7.05 -3.81 -4.50
N VAL A 5 6.54 -3.76 -3.26
CA VAL A 5 5.67 -2.68 -2.74
C VAL A 5 6.07 -2.24 -1.34
N ARG A 6 5.88 -0.95 -1.05
CA ARG A 6 6.23 -0.23 0.19
C ARG A 6 5.07 0.67 0.66
N VAL A 7 5.14 1.12 1.92
CA VAL A 7 4.14 1.92 2.65
C VAL A 7 4.88 2.74 3.70
N VAL A 8 5.24 4.00 3.41
CA VAL A 8 5.82 4.90 4.41
C VAL A 8 4.72 5.50 5.27
N TYR A 9 4.85 5.42 6.60
CA TYR A 9 3.96 6.13 7.53
C TYR A 9 4.61 6.29 8.92
N SER A 10 3.95 7.02 9.82
CA SER A 10 4.24 7.06 11.25
C SER A 10 3.72 5.80 11.95
N GLY A 11 4.60 5.08 12.64
CA GLY A 11 4.24 3.95 13.50
C GLY A 11 3.41 4.29 14.76
N ALA A 12 3.07 5.57 14.98
CA ALA A 12 2.75 6.10 16.32
C ALA A 12 1.36 5.74 16.87
N CYS A 13 0.41 5.36 16.02
CA CYS A 13 -0.97 5.09 16.44
C CYS A 13 -1.58 3.89 15.70
N GLY A 14 -1.45 2.70 16.29
CA GLY A 14 -2.09 1.46 15.79
C GLY A 14 -1.65 1.03 14.38
N TYR A 15 -0.46 1.44 13.92
CA TYR A 15 -0.05 1.33 12.53
C TYR A 15 -0.09 -0.10 11.97
N LYS A 16 0.33 -1.11 12.74
CA LYS A 16 0.46 -2.51 12.29
C LYS A 16 -0.84 -3.13 11.76
N PRO A 17 -1.98 -3.13 12.51
CA PRO A 17 -3.26 -3.54 11.94
C PRO A 17 -3.77 -2.60 10.84
N LYS A 18 -3.50 -1.29 10.93
CA LYS A 18 -3.83 -0.30 9.88
C LYS A 18 -3.21 -0.69 8.53
N TYR A 19 -1.93 -1.03 8.54
CA TYR A 19 -1.16 -1.60 7.44
C TYR A 19 -1.80 -2.90 6.95
N LEU A 20 -1.98 -3.88 7.84
CA LEU A 20 -2.57 -5.18 7.50
C LEU A 20 -3.88 -5.04 6.75
N GLN A 21 -4.79 -4.17 7.15
CA GLN A 21 -6.11 -4.11 6.52
C GLN A 21 -6.05 -3.67 5.04
N LEU A 22 -4.93 -3.09 4.59
CA LEU A 22 -4.57 -2.94 3.18
C LEU A 22 -3.68 -4.10 2.69
N LYS A 23 -2.60 -4.43 3.41
CA LYS A 23 -1.59 -5.43 3.07
C LYS A 23 -2.18 -6.84 2.96
N GLU A 24 -2.70 -7.35 4.08
CA GLU A 24 -3.39 -8.64 4.22
C GLU A 24 -4.34 -8.93 3.05
N LYS A 25 -5.11 -7.92 2.64
CA LYS A 25 -6.08 -7.95 1.54
C LYS A 25 -5.40 -8.19 0.18
N LEU A 26 -4.40 -7.37 -0.13
CA LEU A 26 -3.53 -7.44 -1.30
C LEU A 26 -2.77 -8.78 -1.38
N GLU A 27 -2.08 -9.17 -0.31
CA GLU A 27 -1.45 -10.48 -0.15
C GLU A 27 -2.42 -11.68 -0.19
N HIS A 28 -3.68 -11.53 0.20
CA HIS A 28 -4.73 -12.50 -0.11
C HIS A 28 -5.06 -12.54 -1.61
N GLU A 29 -5.15 -11.36 -2.23
CA GLU A 29 -5.52 -11.16 -3.66
C GLU A 29 -4.58 -11.92 -4.59
N PHE A 30 -3.29 -11.89 -4.23
CA PHE A 30 -2.18 -12.49 -4.97
C PHE A 30 -0.91 -12.69 -4.09
N PRO A 31 -0.84 -13.76 -3.29
CA PRO A 31 0.31 -14.03 -2.44
C PRO A 31 1.55 -14.40 -3.25
N GLY A 32 2.70 -13.85 -2.86
CA GLY A 32 4.03 -14.19 -3.37
C GLY A 32 4.36 -13.73 -4.80
N CYS A 33 3.34 -13.50 -5.64
CA CYS A 33 3.49 -12.72 -6.86
C CYS A 33 3.79 -11.25 -6.55
N LEU A 34 3.61 -10.83 -5.30
CA LEU A 34 4.05 -9.58 -4.74
C LEU A 34 4.87 -9.80 -3.48
N ASP A 35 5.82 -8.90 -3.31
CA ASP A 35 6.35 -8.37 -2.07
C ASP A 35 5.59 -7.09 -1.71
N ILE A 36 5.30 -6.94 -0.43
CA ILE A 36 4.75 -5.74 0.20
C ILE A 36 5.34 -5.60 1.62
N CYS A 37 6.01 -4.50 1.83
CA CYS A 37 6.56 -4.02 3.10
C CYS A 37 6.15 -2.56 3.34
N GLY A 38 6.79 -1.90 4.30
CA GLY A 38 6.64 -0.46 4.50
C GLY A 38 7.57 0.14 5.56
N GLU A 39 7.74 1.45 5.49
CA GLU A 39 8.65 2.31 6.25
C GLU A 39 7.91 2.97 7.43
N GLY A 40 7.17 2.12 8.14
CA GLY A 40 6.33 2.45 9.31
C GLY A 40 7.16 2.83 10.53
N THR A 41 7.60 4.09 10.59
CA THR A 41 8.74 4.54 11.40
C THR A 41 8.33 5.49 12.55
N PRO A 42 9.18 5.63 13.59
CA PRO A 42 8.90 6.51 14.73
C PRO A 42 9.17 7.99 14.39
N GLN A 43 8.23 8.64 13.69
CA GLN A 43 8.24 10.08 13.43
C GLN A 43 6.82 10.67 13.61
N VAL A 44 6.73 11.96 13.92
CA VAL A 44 5.45 12.70 14.07
C VAL A 44 4.76 12.92 12.72
N THR A 45 5.55 13.01 11.65
CA THR A 45 5.10 13.38 10.30
C THR A 45 4.35 12.21 9.63
N GLY A 46 3.04 12.11 9.84
CA GLY A 46 2.21 11.00 9.35
C GLY A 46 1.88 11.03 7.85
N PHE A 47 2.86 11.20 6.96
CA PHE A 47 2.66 11.02 5.51
C PHE A 47 2.53 9.53 5.15
N PHE A 48 1.29 9.04 5.05
CA PHE A 48 0.95 7.66 4.68
C PHE A 48 1.02 7.52 3.14
N GLU A 49 2.13 7.05 2.58
CA GLU A 49 2.30 6.98 1.13
C GLU A 49 2.68 5.57 0.64
N VAL A 50 2.01 5.10 -0.43
CA VAL A 50 2.09 3.67 -0.88
C VAL A 50 2.64 3.60 -2.30
N THR A 51 3.69 2.79 -2.50
CA THR A 51 4.52 2.71 -3.69
C THR A 51 4.71 1.28 -4.20
N VAL A 52 4.70 1.06 -5.52
CA VAL A 52 4.89 -0.22 -6.23
C VAL A 52 5.93 -0.07 -7.34
N ALA A 53 7.00 -0.86 -7.31
CA ALA A 53 8.15 -0.77 -8.22
C ALA A 53 8.72 0.66 -8.39
N GLY A 54 8.60 1.52 -7.37
CA GLY A 54 9.01 2.93 -7.41
C GLY A 54 7.94 3.91 -7.91
N LYS A 55 6.70 3.46 -8.13
CA LYS A 55 5.52 4.24 -8.55
C LYS A 55 4.54 4.44 -7.39
N LEU A 56 4.32 5.68 -6.95
CA LEU A 56 3.28 5.99 -5.96
C LEU A 56 1.89 5.71 -6.53
N VAL A 57 1.03 5.13 -5.69
CA VAL A 57 -0.39 4.84 -5.98
C VAL A 57 -1.33 5.51 -4.97
N HIS A 58 -0.80 5.87 -3.81
CA HIS A 58 -1.50 6.52 -2.70
C HIS A 58 -0.63 7.56 -2.02
N SER A 59 -1.29 8.58 -1.46
CA SER A 59 -0.65 9.60 -0.63
C SER A 59 -1.64 10.31 0.30
N LYS A 60 -1.50 10.22 1.62
CA LYS A 60 -2.22 11.11 2.52
C LYS A 60 -1.76 12.58 2.47
N LYS A 61 -0.53 12.90 2.05
CA LYS A 61 -0.10 14.31 1.92
C LYS A 61 -0.61 14.98 0.63
N ARG A 62 -0.78 14.23 -0.48
CA ARG A 62 -1.29 14.77 -1.75
C ARG A 62 -2.82 14.89 -1.80
N GLY A 63 -3.53 14.18 -0.91
CA GLY A 63 -4.98 14.19 -0.83
C GLY A 63 -5.64 12.93 -1.38
N ASP A 64 -4.94 11.79 -1.39
CA ASP A 64 -5.55 10.50 -1.74
C ASP A 64 -6.49 10.01 -0.62
N GLY A 65 -5.99 9.97 0.62
CA GLY A 65 -6.74 9.53 1.81
C GLY A 65 -7.11 8.03 1.81
N TYR A 66 -7.29 7.47 3.01
CA TYR A 66 -7.56 6.05 3.29
C TYR A 66 -8.82 5.48 2.59
N VAL A 67 -9.15 4.21 2.81
CA VAL A 67 -10.28 3.58 2.09
C VAL A 67 -11.64 3.97 2.66
N ASP A 68 -11.99 5.20 2.35
CA ASP A 68 -13.24 5.88 2.64
C ASP A 68 -14.40 5.29 1.83
N THR A 69 -14.06 4.56 0.75
CA THR A 69 -15.04 3.83 -0.05
C THR A 69 -14.44 2.54 -0.57
N GLU A 70 -15.32 1.60 -0.89
CA GLU A 70 -15.07 0.40 -1.71
C GLU A 70 -14.26 0.75 -2.95
N SER A 71 -14.83 1.68 -3.68
CA SER A 71 -14.29 2.18 -4.95
C SER A 71 -12.87 2.73 -4.79
N LYS A 72 -12.56 3.30 -3.61
CA LYS A 72 -11.22 3.80 -3.30
C LYS A 72 -10.22 2.68 -3.04
N PHE A 73 -10.63 1.63 -2.34
CA PHE A 73 -9.86 0.39 -2.21
C PHE A 73 -9.61 -0.22 -3.59
N ARG A 74 -10.69 -0.45 -4.35
CA ARG A 74 -10.70 -1.06 -5.69
C ARG A 74 -9.83 -0.34 -6.71
N LYS A 75 -9.66 0.97 -6.61
CA LYS A 75 -8.74 1.77 -7.43
C LYS A 75 -7.29 1.29 -7.30
N LEU A 76 -6.90 0.83 -6.11
CA LEU A 76 -5.58 0.30 -5.83
C LEU A 76 -5.50 -1.20 -6.12
N VAL A 77 -6.52 -1.95 -5.67
CA VAL A 77 -6.59 -3.40 -5.95
C VAL A 77 -6.57 -3.68 -7.45
N THR A 78 -7.30 -2.89 -8.22
CA THR A 78 -7.34 -3.03 -9.67
C THR A 78 -6.01 -2.74 -10.31
N ALA A 79 -5.29 -1.72 -9.83
CA ALA A 79 -4.04 -1.34 -10.47
C ALA A 79 -2.91 -2.32 -10.18
N ILE A 80 -2.95 -2.92 -8.98
CA ILE A 80 -1.97 -3.92 -8.60
C ILE A 80 -2.30 -5.27 -9.25
N LYS A 81 -3.58 -5.59 -9.49
CA LYS A 81 -3.96 -6.83 -10.18
C LYS A 81 -3.62 -6.76 -11.67
N ALA A 82 -3.78 -5.57 -12.24
CA ALA A 82 -3.38 -5.23 -13.61
C ALA A 82 -1.86 -5.33 -13.78
N ALA A 83 -1.09 -4.64 -12.93
CA ALA A 83 0.37 -4.66 -12.95
C ALA A 83 0.94 -6.07 -12.74
N LEU A 84 0.27 -6.84 -11.89
CA LEU A 84 0.53 -8.26 -11.71
C LEU A 84 0.31 -9.04 -13.01
N ALA A 85 -0.90 -8.98 -13.54
CA ALA A 85 -1.28 -9.68 -14.78
C ALA A 85 -0.39 -9.37 -15.99
N GLN A 86 0.32 -8.24 -15.96
CA GLN A 86 1.38 -7.85 -16.90
C GLN A 86 2.72 -8.50 -16.55
N CYS A 87 3.09 -8.45 -15.28
CA CYS A 87 4.25 -9.16 -14.72
C CYS A 87 4.19 -10.69 -14.89
N GLN A 88 2.99 -11.25 -15.04
CA GLN A 88 2.79 -12.67 -15.33
C GLN A 88 3.19 -13.10 -16.76
N MET A 1 9.49 -10.55 -13.12
CA MET A 1 9.74 -10.90 -11.71
C MET A 1 8.41 -10.93 -10.98
N ALA A 2 8.40 -11.05 -9.64
CA ALA A 2 7.35 -10.45 -8.82
C ALA A 2 7.31 -8.91 -8.99
N LEU A 3 6.32 -8.26 -8.36
CA LEU A 3 6.28 -6.82 -8.18
C LEU A 3 6.73 -6.50 -6.74
N ALA A 4 7.10 -5.25 -6.50
CA ALA A 4 7.46 -4.72 -5.19
C ALA A 4 6.70 -3.43 -4.82
N VAL A 5 6.17 -3.38 -3.60
CA VAL A 5 5.33 -2.29 -3.06
C VAL A 5 5.91 -1.82 -1.73
N ARG A 6 5.79 -0.53 -1.45
CA ARG A 6 6.27 0.12 -0.23
C ARG A 6 5.19 1.03 0.35
N VAL A 7 5.31 1.35 1.64
CA VAL A 7 4.45 2.24 2.42
C VAL A 7 5.30 2.98 3.44
N VAL A 8 5.42 4.29 3.33
CA VAL A 8 5.88 5.12 4.47
C VAL A 8 4.69 5.51 5.36
N TYR A 9 4.84 5.55 6.69
CA TYR A 9 3.85 6.21 7.55
C TYR A 9 4.45 6.71 8.88
N SER A 10 3.64 7.39 9.68
CA SER A 10 3.88 7.81 11.05
C SER A 10 3.47 6.70 12.03
N GLY A 11 4.43 6.02 12.66
CA GLY A 11 4.23 4.83 13.49
C GLY A 11 3.48 5.04 14.82
N ALA A 12 2.82 6.18 15.01
CA ALA A 12 2.44 6.74 16.31
C ALA A 12 1.50 5.86 17.17
N CYS A 13 0.40 5.35 16.60
CA CYS A 13 -0.59 4.55 17.31
C CYS A 13 -1.37 3.67 16.31
N GLY A 14 -1.82 2.48 16.74
CA GLY A 14 -2.68 1.56 15.98
C GLY A 14 -2.18 1.04 14.62
N TYR A 15 -0.99 1.45 14.16
CA TYR A 15 -0.64 1.34 12.74
C TYR A 15 -0.50 -0.09 12.23
N LYS A 16 0.05 -1.02 13.02
CA LYS A 16 0.33 -2.41 12.64
C LYS A 16 -0.84 -3.12 11.93
N PRO A 17 -2.04 -3.30 12.53
CA PRO A 17 -3.18 -3.89 11.83
C PRO A 17 -3.70 -3.02 10.67
N LYS A 18 -3.64 -1.68 10.74
CA LYS A 18 -4.01 -0.81 9.60
C LYS A 18 -3.09 -1.04 8.40
N TYR A 19 -1.79 -1.21 8.63
CA TYR A 19 -0.79 -1.65 7.65
C TYR A 19 -1.15 -3.02 7.09
N LEU A 20 -1.23 -4.05 7.95
CA LEU A 20 -1.52 -5.42 7.57
C LEU A 20 -2.82 -5.54 6.77
N GLN A 21 -3.92 -4.92 7.16
CA GLN A 21 -5.20 -5.05 6.49
C GLN A 21 -5.25 -4.44 5.08
N LEU A 22 -4.30 -3.56 4.74
CA LEU A 22 -3.95 -3.25 3.35
C LEU A 22 -3.03 -4.33 2.75
N LYS A 23 -1.95 -4.68 3.47
CA LYS A 23 -0.86 -5.56 3.02
C LYS A 23 -1.32 -6.98 2.72
N GLU A 24 -1.85 -7.64 3.74
CA GLU A 24 -2.48 -8.97 3.77
C GLU A 24 -3.43 -9.21 2.61
N LYS A 25 -4.25 -8.21 2.25
CA LYS A 25 -5.16 -8.27 1.10
C LYS A 25 -4.40 -8.41 -0.20
N LEU A 26 -3.47 -7.48 -0.44
CA LEU A 26 -2.61 -7.48 -1.61
C LEU A 26 -1.82 -8.79 -1.76
N GLU A 27 -1.21 -9.26 -0.68
CA GLU A 27 -0.58 -10.58 -0.56
C GLU A 27 -1.51 -11.80 -0.69
N HIS A 28 -2.76 -11.73 -0.24
CA HIS A 28 -3.79 -12.74 -0.50
C HIS A 28 -4.17 -12.78 -1.99
N GLU A 29 -4.29 -11.60 -2.60
CA GLU A 29 -4.67 -11.41 -3.99
C GLU A 29 -3.58 -11.91 -4.96
N PHE A 30 -2.30 -11.78 -4.58
CA PHE A 30 -1.12 -12.03 -5.42
C PHE A 30 0.02 -12.82 -4.72
N PRO A 31 -0.23 -13.96 -4.05
CA PRO A 31 0.74 -14.58 -3.15
C PRO A 31 2.01 -15.03 -3.86
N GLY A 32 3.14 -14.55 -3.36
CA GLY A 32 4.49 -14.73 -3.92
C GLY A 32 4.74 -14.19 -5.33
N CYS A 33 3.71 -13.72 -6.03
CA CYS A 33 3.82 -12.88 -7.21
C CYS A 33 4.19 -11.44 -6.85
N LEU A 34 4.21 -11.11 -5.56
CA LEU A 34 4.37 -9.75 -5.06
C LEU A 34 5.10 -9.68 -3.72
N ASP A 35 5.59 -8.49 -3.46
CA ASP A 35 6.18 -8.00 -2.21
C ASP A 35 5.47 -6.69 -1.84
N ILE A 36 5.18 -6.53 -0.56
CA ILE A 36 4.90 -5.26 0.08
C ILE A 36 5.70 -5.20 1.38
N CYS A 37 6.45 -4.13 1.54
CA CYS A 37 7.14 -3.74 2.77
C CYS A 37 6.73 -2.32 3.19
N GLY A 38 7.19 -1.85 4.35
CA GLY A 38 6.86 -0.49 4.80
C GLY A 38 7.53 -0.04 6.09
N GLU A 39 7.43 1.27 6.34
CA GLU A 39 8.31 2.11 7.16
C GLU A 39 7.45 3.11 7.97
N GLY A 40 6.60 2.54 8.82
CA GLY A 40 5.82 3.22 9.85
C GLY A 40 6.72 3.73 10.98
N THR A 41 7.37 4.87 10.73
CA THR A 41 8.54 5.42 11.44
C THR A 41 8.17 6.56 12.41
N PRO A 42 9.08 6.92 13.34
CA PRO A 42 8.93 8.14 14.15
C PRO A 42 9.24 9.40 13.33
N GLN A 43 9.07 10.58 13.95
CA GLN A 43 9.35 11.94 13.45
C GLN A 43 8.53 12.43 12.26
N VAL A 44 8.18 11.57 11.29
CA VAL A 44 7.27 11.91 10.18
C VAL A 44 5.82 12.00 10.66
N THR A 45 5.04 12.92 10.07
CA THR A 45 3.73 13.36 10.60
C THR A 45 2.59 13.11 9.62
N GLY A 46 2.00 11.91 9.65
CA GLY A 46 0.76 11.57 8.92
C GLY A 46 0.89 11.24 7.41
N PHE A 47 2.10 11.28 6.86
CA PHE A 47 2.42 10.93 5.46
C PHE A 47 2.27 9.42 5.20
N PHE A 48 1.05 8.93 4.95
CA PHE A 48 0.79 7.55 4.52
C PHE A 48 0.92 7.50 2.99
N GLU A 49 2.09 7.14 2.46
CA GLU A 49 2.38 7.24 1.02
C GLU A 49 2.66 5.84 0.45
N VAL A 50 1.89 5.39 -0.57
CA VAL A 50 2.00 4.00 -1.07
C VAL A 50 2.50 3.98 -2.50
N THR A 51 3.54 3.17 -2.74
CA THR A 51 4.32 3.14 -3.97
C THR A 51 4.44 1.71 -4.48
N VAL A 52 4.33 1.46 -5.78
CA VAL A 52 4.58 0.17 -6.45
C VAL A 52 5.55 0.35 -7.61
N ALA A 53 6.61 -0.45 -7.68
CA ALA A 53 7.75 -0.31 -8.60
C ALA A 53 8.26 1.16 -8.74
N GLY A 54 8.26 1.93 -7.65
CA GLY A 54 8.63 3.36 -7.67
C GLY A 54 7.60 4.27 -8.37
N LYS A 55 6.31 3.92 -8.30
CA LYS A 55 5.14 4.68 -8.78
C LYS A 55 4.16 4.87 -7.61
N LEU A 56 4.03 6.09 -7.11
CA LEU A 56 3.03 6.54 -6.14
C LEU A 56 1.61 6.31 -6.68
N VAL A 57 0.78 5.65 -5.87
CA VAL A 57 -0.63 5.34 -6.19
C VAL A 57 -1.61 5.86 -5.13
N HIS A 58 -1.10 6.10 -3.91
CA HIS A 58 -1.89 6.51 -2.77
C HIS A 58 -1.15 7.50 -1.87
N SER A 59 -1.88 8.46 -1.32
CA SER A 59 -1.29 9.54 -0.56
C SER A 59 -2.25 10.17 0.43
N LYS A 60 -2.04 9.96 1.73
CA LYS A 60 -2.59 10.89 2.72
C LYS A 60 -2.09 12.33 2.60
N LYS A 61 -0.94 12.59 1.95
CA LYS A 61 -0.41 13.95 1.75
C LYS A 61 -1.11 14.72 0.62
N ARG A 62 -1.39 14.09 -0.53
CA ARG A 62 -2.11 14.69 -1.67
C ARG A 62 -3.61 14.89 -1.44
N GLY A 63 -4.12 14.36 -0.32
CA GLY A 63 -5.54 14.35 0.01
C GLY A 63 -6.30 13.15 -0.57
N ASP A 64 -5.62 12.01 -0.75
CA ASP A 64 -6.28 10.77 -1.16
C ASP A 64 -6.98 10.05 -0.02
N GLY A 65 -6.69 10.37 1.24
CA GLY A 65 -7.12 9.58 2.39
C GLY A 65 -6.24 8.36 2.53
N TYR A 66 -6.59 7.49 3.46
CA TYR A 66 -6.24 6.07 3.40
C TYR A 66 -7.16 5.38 2.39
N VAL A 67 -7.11 4.04 2.24
CA VAL A 67 -8.25 3.34 1.64
C VAL A 67 -9.39 3.33 2.64
N ASP A 68 -10.29 4.28 2.41
CA ASP A 68 -11.42 4.59 3.27
C ASP A 68 -12.75 4.06 2.70
N THR A 69 -12.75 3.56 1.46
CA THR A 69 -13.90 2.89 0.87
C THR A 69 -13.45 1.79 -0.07
N GLU A 70 -14.37 0.86 -0.34
CA GLU A 70 -14.30 -0.16 -1.39
C GLU A 70 -13.80 0.44 -2.69
N SER A 71 -14.56 1.45 -3.12
CA SER A 71 -14.35 2.15 -4.39
C SER A 71 -12.97 2.82 -4.49
N LYS A 72 -12.35 3.09 -3.33
CA LYS A 72 -10.96 3.54 -3.24
C LYS A 72 -9.95 2.38 -3.25
N PHE A 73 -10.20 1.33 -2.47
CA PHE A 73 -9.37 0.12 -2.44
C PHE A 73 -9.30 -0.56 -3.82
N ARG A 74 -10.43 -0.67 -4.52
CA ARG A 74 -10.63 -1.27 -5.84
C ARG A 74 -9.73 -0.69 -6.92
N LYS A 75 -9.38 0.61 -6.81
CA LYS A 75 -8.40 1.28 -7.66
C LYS A 75 -7.02 0.61 -7.56
N LEU A 76 -6.62 0.22 -6.35
CA LEU A 76 -5.36 -0.46 -6.07
C LEU A 76 -5.43 -1.93 -6.48
N VAL A 77 -6.54 -2.58 -6.12
CA VAL A 77 -6.75 -3.97 -6.53
C VAL A 77 -6.67 -4.10 -8.03
N THR A 78 -7.28 -3.19 -8.78
CA THR A 78 -7.21 -3.21 -10.24
C THR A 78 -5.80 -2.96 -10.75
N ALA A 79 -5.12 -1.97 -10.18
CA ALA A 79 -3.82 -1.55 -10.73
C ALA A 79 -2.71 -2.53 -10.43
N ILE A 80 -2.83 -3.23 -9.31
CA ILE A 80 -1.86 -4.22 -8.88
C ILE A 80 -2.14 -5.55 -9.57
N LYS A 81 -3.40 -5.86 -9.92
CA LYS A 81 -3.78 -7.06 -10.69
C LYS A 81 -3.29 -6.96 -12.13
N ALA A 82 -3.42 -5.76 -12.69
CA ALA A 82 -2.85 -5.37 -13.98
C ALA A 82 -1.32 -5.43 -13.96
N ALA A 83 -0.66 -4.77 -12.99
CA ALA A 83 0.80 -4.78 -12.87
C ALA A 83 1.38 -6.18 -12.67
N LEU A 84 0.62 -7.05 -12.02
CA LEU A 84 0.99 -8.44 -11.80
C LEU A 84 1.02 -9.21 -13.12
N ALA A 85 -0.10 -9.22 -13.85
CA ALA A 85 -0.20 -9.84 -15.16
C ALA A 85 0.77 -9.26 -16.20
N GLN A 86 1.23 -8.03 -15.98
CA GLN A 86 2.19 -7.30 -16.80
C GLN A 86 3.63 -7.77 -16.52
N CYS A 87 3.98 -7.90 -15.24
CA CYS A 87 5.26 -8.42 -14.79
C CYS A 87 5.41 -9.94 -14.95
N GLN A 88 4.30 -10.67 -15.09
CA GLN A 88 4.34 -12.12 -15.37
C GLN A 88 5.02 -12.50 -16.70
N MET A 1 8.70 -10.64 -12.42
CA MET A 1 9.22 -10.91 -11.05
C MET A 1 8.23 -10.40 -10.01
N ALA A 2 8.28 -10.84 -8.75
CA ALA A 2 7.52 -10.22 -7.66
C ALA A 2 7.90 -8.73 -7.44
N LEU A 3 7.03 -7.97 -6.76
CA LEU A 3 7.03 -6.51 -6.79
C LEU A 3 6.89 -5.88 -5.39
N ALA A 4 7.84 -5.03 -5.05
CA ALA A 4 8.06 -4.42 -3.74
C ALA A 4 7.14 -3.21 -3.43
N VAL A 5 6.01 -3.42 -2.73
CA VAL A 5 5.17 -2.35 -2.18
C VAL A 5 5.70 -1.95 -0.81
N ARG A 6 5.63 -0.67 -0.46
CA ARG A 6 5.80 -0.11 0.89
C ARG A 6 4.63 0.81 1.24
N VAL A 7 4.47 1.06 2.53
CA VAL A 7 3.44 1.89 3.17
C VAL A 7 4.15 2.77 4.21
N VAL A 8 4.64 3.95 3.83
CA VAL A 8 5.32 4.86 4.77
C VAL A 8 4.29 5.50 5.69
N TYR A 9 4.38 5.33 7.01
CA TYR A 9 3.44 5.99 7.92
C TYR A 9 4.02 6.26 9.30
N SER A 10 3.63 7.40 9.88
CA SER A 10 3.88 7.73 11.29
C SER A 10 2.96 6.91 12.19
N GLY A 11 3.39 5.69 12.51
CA GLY A 11 2.56 4.64 13.11
C GLY A 11 2.00 4.89 14.52
N ALA A 12 2.16 6.11 15.05
CA ALA A 12 1.94 6.48 16.45
C ALA A 12 0.52 6.20 16.98
N CYS A 13 -0.49 6.13 16.10
CA CYS A 13 -1.86 5.74 16.46
C CYS A 13 -2.17 4.31 15.98
N GLY A 14 -1.62 3.30 16.65
CA GLY A 14 -1.97 1.88 16.48
C GLY A 14 -1.91 1.35 15.04
N TYR A 15 -0.74 1.47 14.39
CA TYR A 15 -0.54 1.13 12.98
C TYR A 15 -0.75 -0.34 12.61
N LYS A 16 -0.21 -1.30 13.38
CA LYS A 16 -0.04 -2.71 13.00
C LYS A 16 -1.27 -3.36 12.34
N PRO A 17 -2.48 -3.34 12.94
CA PRO A 17 -3.66 -3.90 12.29
C PRO A 17 -4.14 -3.06 11.09
N LYS A 18 -3.96 -1.73 11.08
CA LYS A 18 -4.33 -0.87 9.93
C LYS A 18 -3.39 -1.07 8.72
N TYR A 19 -2.14 -1.44 8.96
CA TYR A 19 -1.27 -2.03 7.95
C TYR A 19 -1.82 -3.38 7.49
N LEU A 20 -1.90 -4.37 8.40
CA LEU A 20 -2.27 -5.75 8.08
C LEU A 20 -3.60 -5.87 7.34
N GLN A 21 -4.62 -5.11 7.70
CA GLN A 21 -5.94 -5.18 7.09
C GLN A 21 -5.90 -4.85 5.59
N LEU A 22 -5.12 -3.83 5.19
CA LEU A 22 -4.80 -3.57 3.78
C LEU A 22 -3.92 -4.69 3.23
N LYS A 23 -2.85 -5.04 3.96
CA LYS A 23 -1.77 -5.92 3.52
C LYS A 23 -2.27 -7.34 3.23
N GLU A 24 -2.87 -7.96 4.24
CA GLU A 24 -3.59 -9.25 4.17
C GLU A 24 -4.48 -9.36 2.92
N LYS A 25 -5.27 -8.33 2.60
CA LYS A 25 -6.14 -8.32 1.43
C LYS A 25 -5.39 -8.33 0.10
N LEU A 26 -4.31 -7.56 0.00
CA LEU A 26 -3.40 -7.51 -1.14
C LEU A 26 -2.68 -8.84 -1.37
N GLU A 27 -2.05 -9.37 -0.33
CA GLU A 27 -1.42 -10.68 -0.27
C GLU A 27 -2.39 -11.84 -0.54
N HIS A 28 -3.63 -11.79 -0.06
CA HIS A 28 -4.71 -12.71 -0.47
C HIS A 28 -4.96 -12.63 -1.98
N GLU A 29 -5.02 -11.40 -2.50
CA GLU A 29 -5.37 -11.12 -3.89
C GLU A 29 -4.31 -11.63 -4.87
N PHE A 30 -3.02 -11.51 -4.53
CA PHE A 30 -1.88 -11.93 -5.36
C PHE A 30 -0.65 -12.41 -4.53
N PRO A 31 -0.75 -13.57 -3.84
CA PRO A 31 0.28 -14.05 -2.90
C PRO A 31 1.56 -14.47 -3.63
N GLY A 32 2.70 -14.01 -3.13
CA GLY A 32 4.04 -14.24 -3.70
C GLY A 32 4.27 -13.72 -5.12
N CYS A 33 3.21 -13.32 -5.83
CA CYS A 33 3.27 -12.46 -6.99
C CYS A 33 3.78 -11.06 -6.63
N LEU A 34 3.76 -10.72 -5.33
CA LEU A 34 4.07 -9.41 -4.78
C LEU A 34 4.59 -9.48 -3.34
N ASP A 35 5.25 -8.39 -2.96
CA ASP A 35 5.64 -8.02 -1.60
C ASP A 35 4.86 -6.75 -1.22
N ILE A 36 4.39 -6.69 0.02
CA ILE A 36 4.01 -5.45 0.67
C ILE A 36 4.67 -5.42 2.05
N CYS A 37 5.54 -4.45 2.17
CA CYS A 37 6.10 -3.95 3.40
C CYS A 37 5.34 -2.69 3.87
N GLY A 38 5.68 -2.22 5.06
CA GLY A 38 5.35 -0.90 5.59
C GLY A 38 6.55 -0.37 6.36
N GLU A 39 6.66 0.95 6.51
CA GLU A 39 7.84 1.60 7.07
C GLU A 39 7.44 2.83 7.88
N GLY A 40 7.54 2.68 9.19
CA GLY A 40 7.51 3.80 10.13
C GLY A 40 8.90 4.42 10.28
N THR A 41 9.37 5.05 9.20
CA THR A 41 10.57 5.89 9.16
C THR A 41 10.52 6.90 10.31
N PRO A 42 11.60 7.07 11.10
CA PRO A 42 11.47 7.57 12.47
C PRO A 42 11.01 9.03 12.56
N GLN A 43 10.10 9.31 13.50
CA GLN A 43 9.63 10.66 13.89
C GLN A 43 8.93 11.48 12.76
N VAL A 44 8.53 10.86 11.64
CA VAL A 44 7.93 11.56 10.48
C VAL A 44 6.55 12.18 10.73
N THR A 45 6.24 13.23 9.97
CA THR A 45 5.15 14.21 10.13
C THR A 45 3.74 13.70 9.75
N GLY A 46 3.33 12.51 10.22
CA GLY A 46 1.94 12.02 10.12
C GLY A 46 1.44 11.60 8.73
N PHE A 47 2.22 11.78 7.66
CA PHE A 47 1.89 11.38 6.30
C PHE A 47 1.80 9.85 6.13
N PHE A 48 1.03 9.38 5.14
CA PHE A 48 0.63 7.98 4.88
C PHE A 48 0.77 7.70 3.37
N GLU A 49 1.89 7.15 2.91
CA GLU A 49 2.31 7.27 1.53
C GLU A 49 2.59 5.88 0.95
N VAL A 50 1.86 5.46 -0.10
CA VAL A 50 1.96 4.07 -0.60
C VAL A 50 2.70 4.04 -1.92
N THR A 51 3.69 3.16 -2.02
CA THR A 51 4.61 3.07 -3.16
C THR A 51 4.74 1.62 -3.60
N VAL A 52 4.88 1.36 -4.89
CA VAL A 52 5.17 0.03 -5.47
C VAL A 52 6.33 0.10 -6.46
N ALA A 53 7.42 -0.65 -6.22
CA ALA A 53 8.67 -0.61 -6.98
C ALA A 53 9.17 0.80 -7.37
N GLY A 54 8.97 1.78 -6.48
CA GLY A 54 9.35 3.19 -6.70
C GLY A 54 8.28 4.05 -7.40
N LYS A 55 7.00 3.63 -7.37
CA LYS A 55 5.86 4.33 -7.96
C LYS A 55 4.81 4.62 -6.89
N LEU A 56 4.69 5.89 -6.46
CA LEU A 56 3.64 6.31 -5.53
C LEU A 56 2.26 6.16 -6.17
N VAL A 57 1.35 5.53 -5.44
CA VAL A 57 -0.05 5.30 -5.84
C VAL A 57 -1.00 6.13 -4.96
N HIS A 58 -0.58 6.41 -3.72
CA HIS A 58 -1.36 7.06 -2.69
C HIS A 58 -0.52 8.03 -1.86
N SER A 59 -1.17 9.07 -1.35
CA SER A 59 -0.56 10.09 -0.51
C SER A 59 -1.57 10.81 0.39
N LYS A 60 -1.52 10.60 1.70
CA LYS A 60 -2.21 11.49 2.65
C LYS A 60 -1.59 12.88 2.72
N LYS A 61 -0.29 13.03 2.42
CA LYS A 61 0.42 14.32 2.31
C LYS A 61 -0.15 15.20 1.20
N ARG A 62 -0.55 14.59 0.07
CA ARG A 62 -1.28 15.23 -1.04
C ARG A 62 -2.71 15.59 -0.71
N GLY A 63 -3.36 14.75 0.10
CA GLY A 63 -4.79 14.80 0.35
C GLY A 63 -5.61 13.86 -0.51
N ASP A 64 -5.01 12.74 -0.92
CA ASP A 64 -5.71 11.69 -1.64
C ASP A 64 -6.88 11.06 -0.83
N GLY A 65 -6.77 11.02 0.50
CA GLY A 65 -7.78 10.43 1.40
C GLY A 65 -7.65 8.90 1.48
N TYR A 66 -8.08 8.31 2.60
CA TYR A 66 -8.04 6.87 2.86
C TYR A 66 -8.97 6.08 1.93
N VAL A 67 -9.26 4.79 2.22
CA VAL A 67 -10.26 4.04 1.44
C VAL A 67 -11.69 4.43 1.80
N ASP A 68 -11.96 5.65 1.39
CA ASP A 68 -13.15 6.45 1.55
C ASP A 68 -14.33 5.82 0.79
N THR A 69 -14.03 4.98 -0.20
CA THR A 69 -14.96 4.07 -0.84
C THR A 69 -14.27 2.73 -1.11
N GLU A 70 -15.07 1.66 -1.18
CA GLU A 70 -14.67 0.34 -1.71
C GLU A 70 -13.96 0.47 -3.06
N SER A 71 -14.63 1.20 -3.93
CA SER A 71 -14.18 1.51 -5.27
C SER A 71 -12.80 2.16 -5.28
N LYS A 72 -12.46 2.97 -4.26
CA LYS A 72 -11.10 3.49 -4.11
C LYS A 72 -10.11 2.34 -3.90
N PHE A 73 -10.37 1.46 -2.93
CA PHE A 73 -9.50 0.29 -2.67
C PHE A 73 -9.35 -0.60 -3.90
N ARG A 74 -10.47 -0.87 -4.59
CA ARG A 74 -10.56 -1.70 -5.79
C ARG A 74 -9.81 -1.12 -6.99
N LYS A 75 -9.62 0.20 -7.09
CA LYS A 75 -8.76 0.84 -8.11
C LYS A 75 -7.30 0.43 -7.96
N LEU A 76 -6.83 0.26 -6.72
CA LEU A 76 -5.45 -0.19 -6.46
C LEU A 76 -5.34 -1.68 -6.64
N VAL A 77 -6.26 -2.41 -6.02
CA VAL A 77 -6.27 -3.89 -6.11
C VAL A 77 -6.31 -4.35 -7.56
N THR A 78 -7.17 -3.72 -8.37
CA THR A 78 -7.25 -4.03 -9.79
C THR A 78 -5.99 -3.64 -10.53
N ALA A 79 -5.41 -2.48 -10.20
CA ALA A 79 -4.26 -2.00 -10.95
C ALA A 79 -2.99 -2.79 -10.67
N ILE A 80 -2.86 -3.35 -9.47
CA ILE A 80 -1.73 -4.20 -9.11
C ILE A 80 -1.93 -5.58 -9.72
N LYS A 81 -3.18 -6.09 -9.76
CA LYS A 81 -3.51 -7.40 -10.33
C LYS A 81 -3.32 -7.41 -11.84
N ALA A 82 -3.83 -6.36 -12.47
CA ALA A 82 -3.71 -6.12 -13.91
C ALA A 82 -2.26 -5.93 -14.33
N ALA A 83 -1.51 -5.09 -13.61
CA ALA A 83 -0.07 -4.92 -13.84
C ALA A 83 0.72 -6.22 -13.66
N LEU A 84 0.33 -7.05 -12.70
CA LEU A 84 0.94 -8.35 -12.44
C LEU A 84 0.74 -9.29 -13.65
N ALA A 85 -0.52 -9.47 -14.03
CA ALA A 85 -0.87 -10.29 -15.19
C ALA A 85 -0.26 -9.81 -16.53
N GLN A 86 0.11 -8.53 -16.61
CA GLN A 86 0.77 -7.91 -17.76
C GLN A 86 2.29 -8.12 -17.74
N CYS A 87 2.86 -8.07 -16.54
CA CYS A 87 4.25 -8.44 -16.23
C CYS A 87 4.54 -9.92 -16.55
N GLN A 88 3.56 -10.80 -16.33
CA GLN A 88 3.76 -12.26 -16.50
C GLN A 88 4.02 -12.76 -17.93
N MET A 1 9.19 -9.27 -12.11
CA MET A 1 9.21 -10.56 -11.41
C MET A 1 7.95 -10.63 -10.54
N ALA A 2 8.04 -10.97 -9.26
CA ALA A 2 7.18 -10.32 -8.26
C ALA A 2 7.25 -8.77 -8.35
N LEU A 3 6.31 -8.08 -7.72
CA LEU A 3 6.30 -6.63 -7.54
C LEU A 3 6.86 -6.29 -6.14
N ALA A 4 7.19 -5.02 -5.95
CA ALA A 4 7.72 -4.48 -4.69
C ALA A 4 6.97 -3.19 -4.27
N VAL A 5 6.38 -3.15 -3.07
CA VAL A 5 5.57 -2.02 -2.58
C VAL A 5 6.02 -1.57 -1.19
N ARG A 6 5.88 -0.28 -0.93
CA ARG A 6 6.25 0.44 0.30
C ARG A 6 5.13 1.34 0.80
N VAL A 7 5.17 1.68 2.10
CA VAL A 7 4.25 2.60 2.79
C VAL A 7 5.07 3.41 3.81
N VAL A 8 5.38 4.68 3.54
CA VAL A 8 5.83 5.58 4.62
C VAL A 8 4.65 5.85 5.55
N TYR A 9 4.87 5.86 6.88
CA TYR A 9 3.96 6.45 7.86
C TYR A 9 4.69 6.77 9.17
N SER A 10 4.15 7.61 10.05
CA SER A 10 4.64 7.76 11.44
C SER A 10 4.14 6.62 12.32
N GLY A 11 5.07 5.80 12.83
CA GLY A 11 4.81 4.63 13.68
C GLY A 11 4.30 4.92 15.10
N ALA A 12 3.32 5.82 15.26
CA ALA A 12 2.75 6.33 16.53
C ALA A 12 1.86 5.32 17.30
N CYS A 13 2.29 4.05 17.38
CA CYS A 13 1.50 2.89 17.80
C CYS A 13 0.22 2.68 16.96
N GLY A 14 -0.56 1.64 17.26
CA GLY A 14 -1.80 1.21 16.55
C GLY A 14 -1.63 0.74 15.09
N TYR A 15 -0.60 1.20 14.39
CA TYR A 15 -0.42 1.03 12.95
C TYR A 15 -0.32 -0.42 12.48
N LYS A 16 0.33 -1.32 13.22
CA LYS A 16 0.63 -2.71 12.79
C LYS A 16 -0.60 -3.49 12.26
N PRO A 17 -1.71 -3.64 13.01
CA PRO A 17 -2.93 -4.27 12.47
C PRO A 17 -3.61 -3.45 11.35
N LYS A 18 -3.60 -2.11 11.39
CA LYS A 18 -4.13 -1.30 10.26
C LYS A 18 -3.35 -1.55 8.96
N TYR A 19 -2.03 -1.66 9.06
CA TYR A 19 -1.11 -2.06 7.98
C TYR A 19 -1.48 -3.44 7.43
N LEU A 20 -1.54 -4.45 8.32
CA LEU A 20 -1.94 -5.81 7.97
C LEU A 20 -3.30 -5.86 7.28
N GLN A 21 -4.29 -5.09 7.71
CA GLN A 21 -5.65 -5.11 7.19
C GLN A 21 -5.69 -4.77 5.69
N LEU A 22 -4.87 -3.82 5.24
CA LEU A 22 -4.64 -3.55 3.82
C LEU A 22 -3.75 -4.63 3.18
N LYS A 23 -2.62 -4.98 3.81
CA LYS A 23 -1.61 -5.87 3.27
C LYS A 23 -2.12 -7.29 3.05
N GLU A 24 -2.67 -7.90 4.09
CA GLU A 24 -3.36 -9.19 4.09
C GLU A 24 -4.17 -9.43 2.82
N LYS A 25 -5.01 -8.45 2.43
CA LYS A 25 -5.87 -8.51 1.25
C LYS A 25 -5.08 -8.68 -0.05
N LEU A 26 -4.09 -7.82 -0.22
CA LEU A 26 -3.18 -7.73 -1.35
C LEU A 26 -2.30 -8.98 -1.49
N GLU A 27 -1.60 -9.32 -0.41
CA GLU A 27 -0.83 -10.55 -0.26
C GLU A 27 -1.67 -11.83 -0.38
N HIS A 28 -2.95 -11.84 -0.01
CA HIS A 28 -3.88 -12.91 -0.36
C HIS A 28 -4.21 -12.96 -1.86
N GLU A 29 -4.41 -11.79 -2.49
CA GLU A 29 -4.65 -11.66 -3.93
C GLU A 29 -3.45 -12.06 -4.80
N PHE A 30 -2.23 -11.84 -4.30
CA PHE A 30 -0.95 -11.95 -5.01
C PHE A 30 0.16 -12.66 -4.18
N PRO A 31 -0.09 -13.88 -3.64
CA PRO A 31 0.76 -14.47 -2.61
C PRO A 31 2.15 -14.84 -3.13
N GLY A 32 3.13 -14.15 -2.56
CA GLY A 32 4.53 -14.08 -3.02
C GLY A 32 4.74 -13.59 -4.45
N CYS A 33 3.68 -13.33 -5.23
CA CYS A 33 3.71 -12.54 -6.44
C CYS A 33 4.02 -11.06 -6.12
N LEU A 34 3.93 -10.68 -4.85
CA LEU A 34 4.25 -9.36 -4.34
C LEU A 34 5.07 -9.40 -3.05
N ASP A 35 5.79 -8.30 -2.88
CA ASP A 35 6.19 -7.68 -1.63
C ASP A 35 5.34 -6.42 -1.40
N ILE A 36 5.01 -6.21 -0.14
CA ILE A 36 4.56 -4.95 0.45
C ILE A 36 5.17 -4.84 1.85
N CYS A 37 5.82 -3.71 2.07
CA CYS A 37 6.42 -3.28 3.33
C CYS A 37 6.02 -1.85 3.69
N GLY A 38 6.55 -1.35 4.80
CA GLY A 38 6.49 0.05 5.23
C GLY A 38 7.86 0.61 5.61
N GLU A 39 7.94 1.93 5.71
CA GLU A 39 9.11 2.76 6.01
C GLU A 39 8.68 3.74 7.13
N GLY A 40 8.59 3.18 8.33
CA GLY A 40 7.96 3.81 9.49
C GLY A 40 8.83 4.87 10.16
N THR A 41 8.49 6.13 9.96
CA THR A 41 9.32 7.29 10.31
C THR A 41 9.50 7.46 11.84
N PRO A 42 10.63 8.03 12.29
CA PRO A 42 10.83 8.46 13.68
C PRO A 42 10.03 9.75 13.97
N GLN A 43 8.69 9.62 14.00
CA GLN A 43 7.65 10.64 14.24
C GLN A 43 7.59 11.82 13.22
N VAL A 44 8.71 12.21 12.63
CA VAL A 44 8.84 13.22 11.56
C VAL A 44 8.01 12.88 10.32
N THR A 45 7.46 13.91 9.65
CA THR A 45 6.75 13.86 8.35
C THR A 45 5.87 12.60 8.17
N GLY A 46 4.99 12.35 9.15
CA GLY A 46 4.22 11.12 9.35
C GLY A 46 3.13 10.78 8.34
N PHE A 47 3.24 11.29 7.12
CA PHE A 47 2.35 11.08 5.99
C PHE A 47 2.22 9.58 5.64
N PHE A 48 1.02 9.11 5.30
CA PHE A 48 0.76 7.72 4.87
C PHE A 48 0.84 7.59 3.34
N GLU A 49 2.01 7.24 2.82
CA GLU A 49 2.37 7.38 1.40
C GLU A 49 2.72 6.04 0.75
N VAL A 50 1.95 5.55 -0.24
CA VAL A 50 2.09 4.18 -0.78
C VAL A 50 2.67 4.20 -2.18
N THR A 51 3.75 3.45 -2.41
CA THR A 51 4.52 3.37 -3.64
C THR A 51 4.70 1.93 -4.13
N VAL A 52 4.50 1.68 -5.42
CA VAL A 52 4.69 0.38 -6.10
C VAL A 52 5.74 0.53 -7.21
N ALA A 53 6.83 -0.23 -7.10
CA ALA A 53 8.03 -0.12 -7.94
C ALA A 53 8.60 1.32 -8.08
N GLY A 54 8.25 2.22 -7.15
CA GLY A 54 8.60 3.66 -7.14
C GLY A 54 7.48 4.60 -7.58
N LYS A 55 6.37 4.10 -8.14
CA LYS A 55 5.16 4.88 -8.47
C LYS A 55 4.30 5.08 -7.23
N LEU A 56 4.21 6.30 -6.71
CA LEU A 56 3.20 6.62 -5.68
C LEU A 56 1.79 6.46 -6.27
N VAL A 57 0.93 5.81 -5.50
CA VAL A 57 -0.49 5.62 -5.82
C VAL A 57 -1.39 6.23 -4.75
N HIS A 58 -0.89 6.33 -3.51
CA HIS A 58 -1.65 6.82 -2.37
C HIS A 58 -0.84 7.82 -1.55
N SER A 59 -1.52 8.77 -0.93
CA SER A 59 -0.92 9.81 -0.10
C SER A 59 -1.93 10.47 0.83
N LYS A 60 -1.86 10.23 2.14
CA LYS A 60 -2.70 10.99 3.06
C LYS A 60 -2.39 12.48 3.07
N LYS A 61 -1.13 12.91 2.85
CA LYS A 61 -0.78 14.35 2.83
C LYS A 61 -1.21 15.09 1.57
N ARG A 62 -1.28 14.44 0.39
CA ARG A 62 -1.88 15.08 -0.80
C ARG A 62 -3.40 15.20 -0.75
N GLY A 63 -4.04 14.43 0.13
CA GLY A 63 -5.49 14.41 0.27
C GLY A 63 -6.16 13.26 -0.47
N ASP A 64 -5.44 12.16 -0.66
CA ASP A 64 -5.98 10.98 -1.32
C ASP A 64 -7.09 10.29 -0.52
N GLY A 65 -7.04 10.39 0.81
CA GLY A 65 -7.95 9.71 1.72
C GLY A 65 -7.28 8.52 2.41
N TYR A 66 -8.09 7.60 2.90
CA TYR A 66 -7.78 6.19 3.08
C TYR A 66 -8.63 5.34 2.11
N VAL A 67 -8.80 4.05 2.37
CA VAL A 67 -9.84 3.23 1.71
C VAL A 67 -11.23 3.58 2.24
N ASP A 68 -11.65 4.74 1.79
CA ASP A 68 -12.85 5.44 2.18
C ASP A 68 -14.10 4.89 1.46
N THR A 69 -13.88 4.03 0.48
CA THR A 69 -14.91 3.22 -0.19
C THR A 69 -14.26 2.01 -0.85
N GLU A 70 -15.06 1.01 -1.19
CA GLU A 70 -14.60 -0.15 -1.95
C GLU A 70 -14.06 0.24 -3.34
N SER A 71 -14.68 1.24 -3.98
CA SER A 71 -14.18 1.74 -5.26
C SER A 71 -12.81 2.41 -5.16
N LYS A 72 -12.50 2.99 -4.00
CA LYS A 72 -11.14 3.45 -3.66
C LYS A 72 -10.17 2.27 -3.58
N PHE A 73 -10.48 1.27 -2.76
CA PHE A 73 -9.64 0.09 -2.61
C PHE A 73 -9.39 -0.62 -3.94
N ARG A 74 -10.47 -0.90 -4.67
CA ARG A 74 -10.47 -1.61 -5.95
C ARG A 74 -9.66 -0.92 -7.03
N LYS A 75 -9.48 0.41 -6.97
CA LYS A 75 -8.57 1.16 -7.82
C LYS A 75 -7.15 0.61 -7.75
N LEU A 76 -6.69 0.40 -6.52
CA LEU A 76 -5.35 -0.09 -6.22
C LEU A 76 -5.23 -1.58 -6.51
N VAL A 77 -6.23 -2.34 -6.08
CA VAL A 77 -6.33 -3.78 -6.40
C VAL A 77 -6.21 -4.02 -7.90
N THR A 78 -6.95 -3.25 -8.69
CA THR A 78 -6.92 -3.35 -10.15
C THR A 78 -5.55 -3.02 -10.72
N ALA A 79 -4.90 -2.01 -10.16
CA ALA A 79 -3.62 -1.55 -10.70
C ALA A 79 -2.46 -2.46 -10.32
N ILE A 80 -2.54 -3.10 -9.16
CA ILE A 80 -1.57 -4.09 -8.73
C ILE A 80 -1.81 -5.37 -9.52
N LYS A 81 -3.06 -5.74 -9.81
CA LYS A 81 -3.37 -6.96 -10.59
C LYS A 81 -2.82 -6.87 -12.00
N ALA A 82 -2.99 -5.69 -12.60
CA ALA A 82 -2.47 -5.36 -13.93
C ALA A 82 -0.94 -5.27 -13.97
N ALA A 83 -0.32 -4.60 -12.99
CA ALA A 83 1.13 -4.55 -12.86
C ALA A 83 1.75 -5.94 -12.66
N LEU A 84 1.06 -6.77 -11.88
CA LEU A 84 1.49 -8.12 -11.55
C LEU A 84 1.55 -8.99 -12.80
N ALA A 85 0.43 -9.08 -13.50
CA ALA A 85 0.32 -9.91 -14.70
C ALA A 85 1.30 -9.51 -15.83
N GLN A 86 1.77 -8.26 -15.82
CA GLN A 86 2.82 -7.77 -16.71
C GLN A 86 4.20 -8.23 -16.25
N CYS A 87 4.51 -7.95 -14.99
CA CYS A 87 5.77 -8.34 -14.35
C CYS A 87 5.99 -9.87 -14.30
N GLN A 88 4.92 -10.66 -14.37
CA GLN A 88 5.01 -12.11 -14.58
C GLN A 88 5.59 -12.49 -15.95
N MET A 1 9.25 -10.53 -13.09
CA MET A 1 9.65 -10.28 -11.68
C MET A 1 8.42 -10.33 -10.78
N ALA A 2 8.59 -10.60 -9.48
CA ALA A 2 7.60 -10.24 -8.45
C ALA A 2 7.51 -8.71 -8.29
N LEU A 3 6.55 -8.21 -7.49
CA LEU A 3 6.30 -6.78 -7.32
C LEU A 3 6.54 -6.31 -5.88
N ALA A 4 7.57 -5.48 -5.71
CA ALA A 4 7.97 -4.87 -4.44
C ALA A 4 7.09 -3.67 -4.06
N VAL A 5 6.24 -3.78 -3.03
CA VAL A 5 5.40 -2.70 -2.51
C VAL A 5 5.86 -2.30 -1.11
N ARG A 6 5.71 -1.03 -0.73
CA ARG A 6 5.91 -0.48 0.61
C ARG A 6 4.76 0.44 1.02
N VAL A 7 4.68 0.70 2.33
CA VAL A 7 3.81 1.67 2.99
C VAL A 7 4.62 2.43 4.03
N VAL A 8 5.06 3.65 3.72
CA VAL A 8 5.70 4.53 4.70
C VAL A 8 4.63 5.06 5.66
N TYR A 9 4.69 4.80 6.97
CA TYR A 9 3.79 5.46 7.93
C TYR A 9 4.40 5.71 9.31
N SER A 10 4.02 6.84 9.87
CA SER A 10 4.23 7.25 11.26
C SER A 10 3.24 6.53 12.22
N GLY A 11 3.54 5.27 12.52
CA GLY A 11 2.74 4.29 13.27
C GLY A 11 2.33 4.58 14.73
N ALA A 12 2.20 5.85 15.13
CA ALA A 12 1.99 6.28 16.52
C ALA A 12 0.71 5.73 17.19
N CYS A 13 -0.34 5.46 16.41
CA CYS A 13 -1.57 4.81 16.89
C CYS A 13 -2.29 4.09 15.74
N GLY A 14 -3.19 3.16 16.05
CA GLY A 14 -4.18 2.51 15.17
C GLY A 14 -3.66 1.67 13.98
N TYR A 15 -2.39 1.80 13.60
CA TYR A 15 -1.86 1.35 12.32
C TYR A 15 -2.02 -0.14 12.06
N LYS A 16 -1.58 -0.99 12.99
CA LYS A 16 -1.38 -2.44 12.77
C LYS A 16 -2.53 -3.13 12.01
N PRO A 17 -3.81 -3.05 12.42
CA PRO A 17 -4.90 -3.63 11.63
C PRO A 17 -5.17 -2.88 10.31
N LYS A 18 -5.11 -1.54 10.23
CA LYS A 18 -5.27 -0.82 8.94
C LYS A 18 -4.17 -1.21 7.93
N TYR A 19 -2.97 -1.48 8.43
CA TYR A 19 -1.84 -2.01 7.66
C TYR A 19 -2.08 -3.44 7.20
N LEU A 20 -2.24 -4.35 8.17
CA LEU A 20 -2.48 -5.77 7.90
C LEU A 20 -3.71 -6.00 7.03
N GLN A 21 -4.81 -5.28 7.20
CA GLN A 21 -6.03 -5.55 6.45
C GLN A 21 -5.85 -5.22 4.97
N LEU A 22 -5.15 -4.11 4.66
CA LEU A 22 -4.66 -3.84 3.30
C LEU A 22 -3.73 -4.97 2.83
N LYS A 23 -2.70 -5.29 3.63
CA LYS A 23 -1.65 -6.26 3.28
C LYS A 23 -2.21 -7.65 3.04
N GLU A 24 -2.83 -8.23 4.07
CA GLU A 24 -3.49 -9.54 4.04
C GLU A 24 -4.34 -9.73 2.79
N LYS A 25 -5.18 -8.76 2.40
CA LYS A 25 -6.03 -8.86 1.21
C LYS A 25 -5.23 -8.89 -0.10
N LEU A 26 -4.24 -8.01 -0.23
CA LEU A 26 -3.34 -7.94 -1.37
C LEU A 26 -2.57 -9.25 -1.58
N GLU A 27 -1.94 -9.74 -0.52
CA GLU A 27 -1.31 -11.06 -0.45
C GLU A 27 -2.26 -12.25 -0.64
N HIS A 28 -3.52 -12.17 -0.21
CA HIS A 28 -4.55 -13.14 -0.62
C HIS A 28 -4.80 -13.10 -2.14
N GLU A 29 -4.87 -11.90 -2.72
CA GLU A 29 -5.21 -11.66 -4.12
C GLU A 29 -4.21 -12.34 -5.06
N PHE A 30 -2.93 -12.23 -4.71
CA PHE A 30 -1.78 -12.82 -5.42
C PHE A 30 -0.53 -12.93 -4.51
N PRO A 31 -0.39 -14.01 -3.72
CA PRO A 31 0.77 -14.17 -2.84
C PRO A 31 2.02 -14.52 -3.64
N GLY A 32 3.16 -13.92 -3.28
CA GLY A 32 4.48 -14.19 -3.86
C GLY A 32 4.68 -13.84 -5.33
N CYS A 33 3.64 -13.38 -6.04
CA CYS A 33 3.79 -12.47 -7.17
C CYS A 33 4.04 -11.04 -6.68
N LEU A 34 3.71 -10.76 -5.41
CA LEU A 34 3.90 -9.52 -4.68
C LEU A 34 4.74 -9.76 -3.42
N ASP A 35 5.42 -8.69 -3.04
CA ASP A 35 5.89 -8.33 -1.72
C ASP A 35 5.18 -7.03 -1.31
N ILE A 36 4.76 -6.94 -0.07
CA ILE A 36 4.33 -5.71 0.57
C ILE A 36 5.02 -5.61 1.93
N CYS A 37 5.84 -4.59 2.01
CA CYS A 37 6.66 -4.14 3.13
C CYS A 37 6.08 -2.85 3.73
N GLY A 38 6.79 -2.28 4.69
CA GLY A 38 6.53 -0.96 5.26
C GLY A 38 7.81 -0.13 5.32
N GLU A 39 7.70 1.07 5.89
CA GLU A 39 8.76 1.99 6.24
C GLU A 39 8.16 2.87 7.36
N GLY A 40 8.99 3.38 8.26
CA GLY A 40 8.62 4.20 9.42
C GLY A 40 9.69 5.24 9.73
N THR A 41 9.86 6.18 8.80
CA THR A 41 10.87 7.25 8.78
C THR A 41 10.84 8.13 10.05
N PRO A 42 11.98 8.43 10.69
CA PRO A 42 12.05 9.22 11.92
C PRO A 42 12.06 10.74 11.70
N GLN A 43 11.97 11.50 12.79
CA GLN A 43 12.08 12.97 12.91
C GLN A 43 10.97 13.81 12.22
N VAL A 44 10.34 13.30 11.17
CA VAL A 44 9.14 13.88 10.54
C VAL A 44 7.91 13.67 11.43
N THR A 45 6.93 14.60 11.37
CA THR A 45 5.65 14.52 12.10
C THR A 45 4.75 13.38 11.62
N GLY A 46 4.70 13.14 10.31
CA GLY A 46 4.03 11.99 9.72
C GLY A 46 3.59 12.17 8.26
N PHE A 47 3.25 11.04 7.64
CA PHE A 47 2.75 10.84 6.27
C PHE A 47 2.34 9.37 6.10
N PHE A 48 1.55 8.99 5.07
CA PHE A 48 1.08 7.62 4.80
C PHE A 48 1.22 7.35 3.29
N GLU A 49 2.32 6.76 2.84
CA GLU A 49 2.75 6.87 1.45
C GLU A 49 2.97 5.49 0.81
N VAL A 50 2.12 5.10 -0.16
CA VAL A 50 2.08 3.71 -0.69
C VAL A 50 2.72 3.63 -2.06
N THR A 51 3.73 2.77 -2.21
CA THR A 51 4.67 2.75 -3.31
C THR A 51 4.82 1.34 -3.89
N VAL A 52 4.62 1.13 -5.20
CA VAL A 52 4.76 -0.16 -5.91
C VAL A 52 5.86 -0.04 -6.96
N ALA A 53 6.90 -0.87 -6.90
CA ALA A 53 8.21 -0.64 -7.55
C ALA A 53 8.74 0.80 -7.34
N GLY A 54 8.48 1.40 -6.18
CA GLY A 54 8.78 2.81 -5.85
C GLY A 54 7.82 3.84 -6.43
N LYS A 55 6.89 3.44 -7.31
CA LYS A 55 5.82 4.30 -7.85
C LYS A 55 4.79 4.58 -6.77
N LEU A 56 4.85 5.76 -6.17
CA LEU A 56 3.82 6.27 -5.26
C LEU A 56 2.47 6.33 -5.98
N VAL A 57 1.52 5.59 -5.42
CA VAL A 57 0.11 5.62 -5.86
C VAL A 57 -0.68 6.47 -4.88
N HIS A 58 -0.41 6.30 -3.57
CA HIS A 58 -1.14 6.94 -2.49
C HIS A 58 -0.23 7.84 -1.68
N SER A 59 -0.81 8.91 -1.15
CA SER A 59 -0.16 9.85 -0.28
C SER A 59 -1.16 10.54 0.65
N LYS A 60 -1.00 10.41 1.96
CA LYS A 60 -1.73 11.24 2.91
C LYS A 60 -1.26 12.69 2.94
N LYS A 61 0.01 12.99 2.66
CA LYS A 61 0.45 14.39 2.53
C LYS A 61 -0.06 15.10 1.28
N ARG A 62 -0.46 14.36 0.22
CA ARG A 62 -1.26 14.86 -0.90
C ARG A 62 -2.72 15.09 -0.55
N GLY A 63 -3.23 14.27 0.38
CA GLY A 63 -4.56 14.37 0.94
C GLY A 63 -5.56 13.34 0.42
N ASP A 64 -5.04 12.29 -0.22
CA ASP A 64 -5.83 11.29 -0.92
C ASP A 64 -6.81 10.52 -0.02
N GLY A 65 -6.47 10.39 1.27
CA GLY A 65 -7.20 9.60 2.27
C GLY A 65 -7.07 8.09 2.04
N TYR A 66 -7.05 7.34 3.12
CA TYR A 66 -6.77 5.90 3.11
C TYR A 66 -7.81 5.09 2.31
N VAL A 67 -7.64 3.76 2.27
CA VAL A 67 -8.74 2.90 1.84
C VAL A 67 -9.87 2.90 2.87
N ASP A 68 -10.78 3.81 2.61
CA ASP A 68 -11.92 4.20 3.42
C ASP A 68 -13.24 3.97 2.70
N THR A 69 -13.19 3.42 1.48
CA THR A 69 -14.36 2.92 0.75
C THR A 69 -13.96 1.78 -0.16
N GLU A 70 -14.97 0.99 -0.58
CA GLU A 70 -14.81 -0.11 -1.55
C GLU A 70 -14.11 0.39 -2.79
N SER A 71 -14.65 1.46 -3.36
CA SER A 71 -14.09 2.05 -4.57
C SER A 71 -12.63 2.47 -4.41
N LYS A 72 -12.27 2.97 -3.23
CA LYS A 72 -10.89 3.34 -2.92
C LYS A 72 -9.99 2.11 -2.94
N PHE A 73 -10.37 1.09 -2.17
CA PHE A 73 -9.66 -0.18 -2.13
C PHE A 73 -9.53 -0.77 -3.55
N ARG A 74 -10.66 -0.93 -4.24
CA ARG A 74 -10.79 -1.53 -5.57
C ARG A 74 -10.06 -0.81 -6.69
N LYS A 75 -9.86 0.52 -6.61
CA LYS A 75 -8.96 1.26 -7.52
C LYS A 75 -7.53 0.76 -7.38
N LEU A 76 -7.09 0.54 -6.13
CA LEU A 76 -5.75 0.09 -5.80
C LEU A 76 -5.56 -1.38 -6.12
N VAL A 77 -6.51 -2.22 -5.70
CA VAL A 77 -6.49 -3.65 -6.03
C VAL A 77 -6.51 -3.86 -7.53
N THR A 78 -7.34 -3.11 -8.27
CA THR A 78 -7.38 -3.25 -9.72
C THR A 78 -6.09 -2.80 -10.37
N ALA A 79 -5.45 -1.76 -9.82
CA ALA A 79 -4.20 -1.27 -10.40
C ALA A 79 -3.02 -2.20 -10.13
N ILE A 80 -3.01 -2.83 -8.96
CA ILE A 80 -1.98 -3.80 -8.60
C ILE A 80 -2.26 -5.11 -9.32
N LYS A 81 -3.53 -5.49 -9.53
CA LYS A 81 -3.90 -6.73 -10.25
C LYS A 81 -3.53 -6.66 -11.71
N ALA A 82 -3.84 -5.51 -12.30
CA ALA A 82 -3.47 -5.17 -13.67
C ALA A 82 -1.95 -5.17 -13.83
N ALA A 83 -1.24 -4.37 -13.01
CA ALA A 83 0.21 -4.28 -13.07
C ALA A 83 0.89 -5.64 -12.83
N LEU A 84 0.29 -6.47 -11.97
CA LEU A 84 0.77 -7.82 -11.69
C LEU A 84 0.64 -8.71 -12.91
N ALA A 85 -0.56 -8.82 -13.47
CA ALA A 85 -0.82 -9.63 -14.66
C ALA A 85 -0.05 -9.18 -15.92
N GLN A 86 0.40 -7.93 -15.94
CA GLN A 86 1.28 -7.37 -16.96
C GLN A 86 2.74 -7.79 -16.72
N CYS A 87 3.21 -7.56 -15.50
CA CYS A 87 4.53 -7.94 -15.00
C CYS A 87 4.78 -9.45 -15.00
N GLN A 88 3.72 -10.27 -14.91
CA GLN A 88 3.86 -11.73 -14.90
C GLN A 88 4.49 -12.29 -16.18
N MET A 1 10.50 -9.01 -11.88
CA MET A 1 10.81 -9.05 -10.43
C MET A 1 9.52 -9.13 -9.63
N ALA A 2 9.59 -9.29 -8.30
CA ALA A 2 8.44 -9.02 -7.43
C ALA A 2 8.20 -7.49 -7.31
N LEU A 3 6.93 -7.09 -7.13
CA LEU A 3 6.56 -5.66 -7.09
C LEU A 3 6.81 -5.10 -5.68
N ALA A 4 7.79 -4.22 -5.57
CA ALA A 4 8.32 -3.69 -4.34
C ALA A 4 7.52 -2.45 -3.84
N VAL A 5 6.82 -2.55 -2.70
CA VAL A 5 5.98 -1.47 -2.13
C VAL A 5 6.45 -1.05 -0.73
N ARG A 6 6.37 0.25 -0.47
CA ARG A 6 6.62 0.92 0.83
C ARG A 6 5.41 1.75 1.25
N VAL A 7 5.32 2.10 2.53
CA VAL A 7 4.28 2.94 3.13
C VAL A 7 4.92 3.82 4.19
N VAL A 8 4.92 5.14 3.99
CA VAL A 8 5.25 6.13 5.04
C VAL A 8 4.01 6.39 5.90
N TYR A 9 4.09 6.22 7.22
CA TYR A 9 3.07 6.77 8.13
C TYR A 9 3.60 7.01 9.56
N SER A 10 2.97 7.93 10.29
CA SER A 10 3.13 8.12 11.73
C SER A 10 2.55 6.93 12.51
N GLY A 11 3.40 6.09 13.08
CA GLY A 11 3.01 4.91 13.87
C GLY A 11 2.12 5.16 15.12
N ALA A 12 1.74 6.41 15.41
CA ALA A 12 1.25 6.89 16.71
C ALA A 12 -0.13 6.36 17.14
N CYS A 13 -0.94 5.81 16.22
CA CYS A 13 -2.31 5.38 16.50
C CYS A 13 -2.54 3.92 16.05
N GLY A 14 -2.00 2.96 16.81
CA GLY A 14 -2.24 1.52 16.62
C GLY A 14 -1.91 1.03 15.20
N TYR A 15 -0.79 1.47 14.65
CA TYR A 15 -0.46 1.32 13.23
C TYR A 15 -0.38 -0.14 12.74
N LYS A 16 0.30 -1.05 13.46
CA LYS A 16 0.55 -2.44 13.02
C LYS A 16 -0.68 -3.17 12.43
N PRO A 17 -1.81 -3.35 13.13
CA PRO A 17 -2.99 -4.02 12.55
C PRO A 17 -3.65 -3.21 11.42
N LYS A 18 -3.58 -1.87 11.44
CA LYS A 18 -4.11 -1.02 10.35
C LYS A 18 -3.29 -1.18 9.06
N TYR A 19 -1.96 -1.19 9.17
CA TYR A 19 -1.04 -1.56 8.10
C TYR A 19 -1.32 -2.97 7.59
N LEU A 20 -1.36 -3.96 8.49
CA LEU A 20 -1.60 -5.35 8.15
C LEU A 20 -2.94 -5.56 7.45
N GLN A 21 -4.02 -4.89 7.81
CA GLN A 21 -5.31 -5.06 7.15
C GLN A 21 -5.18 -4.84 5.64
N LEU A 22 -4.59 -3.71 5.23
CA LEU A 22 -4.26 -3.47 3.83
C LEU A 22 -3.25 -4.51 3.33
N LYS A 23 -2.14 -4.74 4.06
CA LYS A 23 -1.01 -5.55 3.58
C LYS A 23 -1.40 -7.01 3.35
N GLU A 24 -2.05 -7.61 4.33
CA GLU A 24 -2.70 -8.92 4.28
C GLU A 24 -3.48 -9.14 2.98
N LYS A 25 -4.28 -8.16 2.54
CA LYS A 25 -5.02 -8.23 1.27
C LYS A 25 -4.11 -8.28 0.05
N LEU A 26 -3.20 -7.33 -0.05
CA LEU A 26 -2.21 -7.25 -1.13
C LEU A 26 -1.39 -8.53 -1.30
N GLU A 27 -0.79 -9.02 -0.22
CA GLU A 27 -0.08 -10.29 -0.15
C GLU A 27 -0.97 -11.54 -0.27
N HIS A 28 -2.24 -11.50 0.15
CA HIS A 28 -3.23 -12.55 -0.18
C HIS A 28 -3.52 -12.60 -1.68
N GLU A 29 -3.68 -11.45 -2.32
CA GLU A 29 -4.05 -11.30 -3.72
C GLU A 29 -2.90 -11.69 -4.66
N PHE A 30 -1.66 -11.37 -4.28
CA PHE A 30 -0.44 -11.50 -5.09
C PHE A 30 0.72 -12.22 -4.36
N PRO A 31 0.51 -13.41 -3.74
CA PRO A 31 1.43 -13.99 -2.77
C PRO A 31 2.79 -14.31 -3.38
N GLY A 32 3.86 -13.79 -2.74
CA GLY A 32 5.25 -13.83 -3.20
C GLY A 32 5.55 -13.29 -4.61
N CYS A 33 4.53 -12.84 -5.34
CA CYS A 33 4.67 -12.02 -6.53
C CYS A 33 4.93 -10.55 -6.14
N LEU A 34 4.72 -10.21 -4.87
CA LEU A 34 4.77 -8.88 -4.30
C LEU A 34 5.59 -8.79 -3.02
N ASP A 35 5.98 -7.57 -2.72
CA ASP A 35 6.45 -7.06 -1.44
C ASP A 35 5.66 -5.81 -1.07
N ILE A 36 5.28 -5.72 0.19
CA ILE A 36 4.87 -4.50 0.85
C ILE A 36 5.50 -4.46 2.25
N CYS A 37 6.33 -3.46 2.43
CA CYS A 37 6.84 -3.03 3.72
C CYS A 37 6.32 -1.63 4.06
N GLY A 38 6.65 -1.15 5.25
CA GLY A 38 6.36 0.21 5.71
C GLY A 38 7.58 0.87 6.35
N GLU A 39 7.43 2.13 6.72
CA GLU A 39 8.41 3.15 7.03
C GLU A 39 7.71 4.16 7.96
N GLY A 40 8.45 4.61 8.95
CA GLY A 40 8.03 5.51 10.03
C GLY A 40 9.16 6.33 10.65
N THR A 41 9.83 7.17 9.85
CA THR A 41 10.97 8.00 10.26
C THR A 41 10.68 8.87 11.52
N PRO A 42 11.45 8.72 12.61
CA PRO A 42 11.21 9.38 13.90
C PRO A 42 11.64 10.85 13.87
N GLN A 43 11.12 11.61 12.91
CA GLN A 43 11.47 12.99 12.55
C GLN A 43 10.21 13.81 12.30
N VAL A 44 9.33 13.35 11.38
CA VAL A 44 8.02 13.97 11.11
C VAL A 44 6.96 12.90 10.80
N THR A 45 7.01 12.26 9.63
CA THR A 45 5.91 11.50 9.00
C THR A 45 4.58 12.28 8.95
N GLY A 46 3.60 11.97 9.80
CA GLY A 46 2.25 12.57 9.88
C GLY A 46 1.35 12.20 8.70
N PHE A 47 1.83 12.48 7.49
CA PHE A 47 1.30 12.00 6.22
C PHE A 47 1.28 10.45 6.16
N PHE A 48 0.36 9.89 5.38
CA PHE A 48 0.17 8.45 5.12
C PHE A 48 0.29 8.21 3.61
N GLU A 49 1.43 7.69 3.14
CA GLU A 49 1.84 7.75 1.74
C GLU A 49 2.24 6.34 1.24
N VAL A 50 1.77 5.87 0.08
CA VAL A 50 2.08 4.51 -0.44
C VAL A 50 2.76 4.57 -1.81
N THR A 51 3.91 3.92 -1.95
CA THR A 51 4.72 3.88 -3.17
C THR A 51 4.97 2.44 -3.64
N VAL A 52 4.65 2.11 -4.89
CA VAL A 52 4.88 0.82 -5.56
C VAL A 52 5.87 1.01 -6.71
N ALA A 53 6.95 0.23 -6.75
CA ALA A 53 8.04 0.34 -7.74
C ALA A 53 8.52 1.79 -8.00
N GLY A 54 8.48 2.67 -6.98
CA GLY A 54 8.83 4.09 -7.11
C GLY A 54 7.70 4.98 -7.66
N LYS A 55 6.44 4.56 -7.56
CA LYS A 55 5.21 5.24 -8.05
C LYS A 55 4.22 5.41 -6.90
N LEU A 56 3.93 6.63 -6.50
CA LEU A 56 2.92 6.90 -5.46
C LEU A 56 1.50 6.63 -5.95
N VAL A 57 0.78 5.84 -5.16
CA VAL A 57 -0.61 5.40 -5.42
C VAL A 57 -1.57 5.84 -4.32
N HIS A 58 -1.04 6.17 -3.14
CA HIS A 58 -1.79 6.77 -2.04
C HIS A 58 -1.04 7.92 -1.41
N SER A 59 -1.80 8.90 -0.95
CA SER A 59 -1.37 9.98 -0.07
C SER A 59 -2.56 10.58 0.67
N LYS A 60 -2.68 10.38 1.99
CA LYS A 60 -3.57 11.22 2.79
C LYS A 60 -3.16 12.70 2.78
N LYS A 61 -1.88 13.03 2.57
CA LYS A 61 -1.41 14.41 2.42
C LYS A 61 -1.94 15.11 1.17
N ARG A 62 -2.03 14.43 0.03
CA ARG A 62 -2.64 14.99 -1.19
C ARG A 62 -4.16 15.12 -1.10
N GLY A 63 -4.79 14.34 -0.23
CA GLY A 63 -6.25 14.20 -0.19
C GLY A 63 -6.79 13.07 -1.06
N ASP A 64 -6.02 11.99 -1.23
CA ASP A 64 -6.50 10.79 -1.91
C ASP A 64 -7.69 10.16 -1.17
N GLY A 65 -7.58 10.03 0.14
CA GLY A 65 -8.40 9.09 0.92
C GLY A 65 -7.90 7.64 0.85
N TYR A 66 -8.08 6.88 1.93
CA TYR A 66 -7.73 5.48 2.17
C TYR A 66 -8.49 4.52 1.22
N VAL A 67 -8.69 3.27 1.64
CA VAL A 67 -9.93 2.50 1.40
C VAL A 67 -11.20 3.10 2.01
N ASP A 68 -11.31 4.39 1.86
CA ASP A 68 -12.45 5.26 2.19
C ASP A 68 -13.70 4.94 1.33
N THR A 69 -13.60 3.97 0.41
CA THR A 69 -14.69 3.29 -0.31
C THR A 69 -14.20 1.94 -0.82
N GLU A 70 -15.11 1.09 -1.29
CA GLU A 70 -14.79 -0.14 -2.03
C GLU A 70 -13.95 0.19 -3.26
N SER A 71 -14.47 1.11 -4.06
CA SER A 71 -13.84 1.61 -5.28
C SER A 71 -12.42 2.13 -5.02
N LYS A 72 -12.26 2.77 -3.87
CA LYS A 72 -11.05 3.43 -3.38
C LYS A 72 -9.95 2.47 -2.93
N PHE A 73 -10.34 1.28 -2.47
CA PHE A 73 -9.53 0.07 -2.43
C PHE A 73 -9.29 -0.53 -3.83
N ARG A 74 -10.36 -0.92 -4.53
CA ARG A 74 -10.39 -1.64 -5.82
C ARG A 74 -9.54 -1.00 -6.91
N LYS A 75 -9.39 0.33 -6.89
CA LYS A 75 -8.51 1.12 -7.79
C LYS A 75 -7.06 0.68 -7.65
N LEU A 76 -6.65 0.33 -6.43
CA LEU A 76 -5.33 -0.19 -6.13
C LEU A 76 -5.24 -1.66 -6.47
N VAL A 77 -6.20 -2.45 -6.01
CA VAL A 77 -6.23 -3.90 -6.27
C VAL A 77 -6.12 -4.19 -7.76
N THR A 78 -6.88 -3.46 -8.55
CA THR A 78 -6.90 -3.59 -10.00
C THR A 78 -5.59 -3.17 -10.63
N ALA A 79 -4.98 -2.09 -10.12
CA ALA A 79 -3.75 -1.58 -10.73
C ALA A 79 -2.52 -2.39 -10.35
N ILE A 80 -2.52 -2.96 -9.15
CA ILE A 80 -1.42 -3.82 -8.69
C ILE A 80 -1.52 -5.15 -9.40
N LYS A 81 -2.73 -5.65 -9.69
CA LYS A 81 -2.89 -6.92 -10.41
C LYS A 81 -2.39 -6.78 -11.83
N ALA A 82 -2.76 -5.67 -12.45
CA ALA A 82 -2.40 -5.31 -13.82
C ALA A 82 -0.88 -5.16 -13.98
N ALA A 83 -0.25 -4.38 -13.11
CA ALA A 83 1.21 -4.23 -13.07
C ALA A 83 1.91 -5.57 -12.83
N LEU A 84 1.36 -6.37 -11.91
CA LEU A 84 1.92 -7.68 -11.56
C LEU A 84 1.90 -8.61 -12.77
N ALA A 85 0.74 -8.71 -13.40
CA ALA A 85 0.53 -9.59 -14.55
C ALA A 85 1.40 -9.29 -15.78
N GLN A 86 1.96 -8.08 -15.88
CA GLN A 86 2.94 -7.76 -16.95
C GLN A 86 4.40 -7.91 -16.51
N CYS A 87 4.66 -7.73 -15.22
CA CYS A 87 5.91 -8.09 -14.56
C CYS A 87 6.10 -9.61 -14.46
N GLN A 88 5.02 -10.41 -14.45
CA GLN A 88 5.09 -11.88 -14.46
C GLN A 88 5.53 -12.50 -15.79
N MET A 1 9.63 -12.33 -12.37
CA MET A 1 10.19 -11.64 -11.18
C MET A 1 9.07 -11.35 -10.18
N ALA A 2 9.39 -10.81 -8.99
CA ALA A 2 8.42 -10.25 -8.05
C ALA A 2 8.39 -8.70 -8.14
N LEU A 3 7.43 -8.07 -7.45
CA LEU A 3 7.38 -6.63 -7.23
C LEU A 3 7.73 -6.34 -5.75
N ALA A 4 7.95 -5.06 -5.45
CA ALA A 4 8.17 -4.51 -4.11
C ALA A 4 7.27 -3.28 -3.87
N VAL A 5 6.41 -3.35 -2.86
CA VAL A 5 5.49 -2.25 -2.46
C VAL A 5 5.92 -1.71 -1.10
N ARG A 6 5.64 -0.44 -0.85
CA ARG A 6 6.00 0.28 0.38
C ARG A 6 4.84 1.09 0.92
N VAL A 7 4.87 1.31 2.23
CA VAL A 7 3.86 2.01 3.01
C VAL A 7 4.60 2.88 4.04
N VAL A 8 4.94 4.13 3.69
CA VAL A 8 5.53 5.07 4.66
C VAL A 8 4.42 5.60 5.54
N TYR A 9 4.42 5.27 6.84
CA TYR A 9 3.51 5.82 7.85
C TYR A 9 4.24 6.02 9.19
N SER A 10 3.56 6.44 10.27
CA SER A 10 4.16 6.79 11.56
C SER A 10 3.82 5.80 12.67
N GLY A 11 4.61 5.85 13.74
CA GLY A 11 4.51 5.03 14.94
C GLY A 11 3.41 5.46 15.92
N ALA A 12 2.34 6.10 15.44
CA ALA A 12 1.29 6.81 16.20
C ALA A 12 0.38 5.93 17.09
N CYS A 13 0.78 4.69 17.38
CA CYS A 13 -0.08 3.58 17.82
C CYS A 13 -1.23 3.30 16.83
N GLY A 14 -2.10 2.33 17.13
CA GLY A 14 -3.26 1.90 16.33
C GLY A 14 -2.97 1.23 14.97
N TYR A 15 -1.88 1.62 14.29
CA TYR A 15 -1.57 1.31 12.91
C TYR A 15 -1.52 -0.20 12.59
N LYS A 16 -0.92 -1.02 13.47
CA LYS A 16 -0.57 -2.43 13.18
C LYS A 16 -1.68 -3.26 12.51
N PRO A 17 -2.91 -3.36 13.06
CA PRO A 17 -4.00 -4.05 12.35
C PRO A 17 -4.47 -3.32 11.09
N LYS A 18 -4.56 -1.98 11.03
CA LYS A 18 -4.93 -1.28 9.78
C LYS A 18 -3.87 -1.52 8.68
N TYR A 19 -2.60 -1.57 9.06
CA TYR A 19 -1.45 -1.88 8.21
C TYR A 19 -1.61 -3.27 7.61
N LEU A 20 -1.73 -4.28 8.48
CA LEU A 20 -2.00 -5.66 8.06
C LEU A 20 -3.25 -5.74 7.20
N GLN A 21 -4.35 -5.08 7.53
CA GLN A 21 -5.62 -5.19 6.83
C GLN A 21 -5.53 -4.64 5.40
N LEU A 22 -4.67 -3.66 5.14
CA LEU A 22 -4.18 -3.32 3.79
C LEU A 22 -3.23 -4.37 3.22
N LYS A 23 -2.18 -4.73 3.97
CA LYS A 23 -1.03 -5.52 3.49
C LYS A 23 -1.41 -6.96 3.17
N GLU A 24 -2.00 -7.64 4.16
CA GLU A 24 -2.60 -8.97 4.06
C GLU A 24 -3.43 -9.12 2.78
N LYS A 25 -4.28 -8.14 2.46
CA LYS A 25 -5.18 -8.21 1.30
C LYS A 25 -4.43 -8.28 -0.02
N LEU A 26 -3.40 -7.47 -0.16
CA LEU A 26 -2.57 -7.35 -1.35
C LEU A 26 -1.67 -8.58 -1.56
N GLU A 27 -1.04 -9.05 -0.49
CA GLU A 27 -0.33 -10.34 -0.45
C GLU A 27 -1.21 -11.56 -0.69
N HIS A 28 -2.44 -11.56 -0.17
CA HIS A 28 -3.47 -12.58 -0.46
C HIS A 28 -3.88 -12.56 -1.93
N GLU A 29 -4.06 -11.37 -2.49
CA GLU A 29 -4.43 -11.17 -3.89
C GLU A 29 -3.31 -11.60 -4.86
N PHE A 30 -2.05 -11.43 -4.46
CA PHE A 30 -0.85 -11.65 -5.27
C PHE A 30 0.26 -12.41 -4.50
N PRO A 31 0.05 -13.69 -4.13
CA PRO A 31 1.02 -14.41 -3.33
C PRO A 31 2.33 -14.62 -4.10
N GLY A 32 3.46 -14.35 -3.43
CA GLY A 32 4.85 -14.60 -3.86
C GLY A 32 5.37 -13.81 -5.06
N CYS A 33 4.46 -13.35 -5.92
CA CYS A 33 4.69 -12.42 -7.03
C CYS A 33 4.94 -10.99 -6.52
N LEU A 34 4.76 -10.77 -5.22
CA LEU A 34 4.81 -9.47 -4.60
C LEU A 34 5.33 -9.51 -3.17
N ASP A 35 5.81 -8.35 -2.78
CA ASP A 35 6.17 -7.89 -1.44
C ASP A 35 5.41 -6.60 -1.17
N ILE A 36 5.09 -6.37 0.10
CA ILE A 36 4.83 -5.06 0.67
C ILE A 36 5.51 -4.97 2.04
N CYS A 37 6.31 -3.93 2.19
CA CYS A 37 6.98 -3.53 3.41
C CYS A 37 6.52 -2.14 3.88
N GLY A 38 6.94 -1.73 5.07
CA GLY A 38 6.66 -0.42 5.64
C GLY A 38 7.80 0.06 6.52
N GLU A 39 8.10 1.35 6.42
CA GLU A 39 9.39 1.94 6.77
C GLU A 39 9.07 3.29 7.42
N GLY A 40 8.95 3.22 8.74
CA GLY A 40 8.07 4.10 9.53
C GLY A 40 8.67 5.45 9.92
N THR A 41 9.29 6.16 8.98
CA THR A 41 10.12 7.36 9.24
C THR A 41 9.58 8.64 8.56
N PRO A 42 8.34 9.08 8.84
CA PRO A 42 7.77 10.30 8.28
C PRO A 42 8.28 11.52 9.05
N GLN A 43 9.37 12.12 8.55
CA GLN A 43 10.14 13.24 9.14
C GLN A 43 9.37 14.59 9.28
N VAL A 44 8.07 14.56 9.50
CA VAL A 44 7.22 15.69 9.90
C VAL A 44 6.29 15.25 11.05
N THR A 45 5.33 14.36 10.77
CA THR A 45 4.39 13.78 11.76
C THR A 45 3.93 12.36 11.40
N GLY A 46 3.20 12.20 10.29
CA GLY A 46 2.58 10.94 9.88
C GLY A 46 1.71 11.04 8.63
N PHE A 47 2.32 11.44 7.52
CA PHE A 47 1.80 11.13 6.19
C PHE A 47 1.78 9.60 5.95
N PHE A 48 0.83 9.10 5.14
CA PHE A 48 0.60 7.66 4.84
C PHE A 48 0.70 7.49 3.32
N GLU A 49 1.85 7.05 2.84
CA GLU A 49 2.25 7.24 1.46
C GLU A 49 2.59 5.90 0.82
N VAL A 50 1.79 5.45 -0.16
CA VAL A 50 1.93 4.09 -0.70
C VAL A 50 2.64 4.13 -2.05
N THR A 51 3.65 3.28 -2.21
CA THR A 51 4.52 3.21 -3.38
C THR A 51 4.61 1.78 -3.90
N VAL A 52 4.71 1.56 -5.21
CA VAL A 52 5.03 0.28 -5.85
C VAL A 52 6.16 0.45 -6.86
N ALA A 53 7.28 -0.25 -6.68
CA ALA A 53 8.54 -0.07 -7.43
C ALA A 53 9.01 1.41 -7.56
N GLY A 54 8.73 2.27 -6.58
CA GLY A 54 9.02 3.72 -6.65
C GLY A 54 7.95 4.58 -7.35
N LYS A 55 6.78 4.00 -7.66
CA LYS A 55 5.58 4.71 -8.13
C LYS A 55 4.64 4.97 -6.96
N LEU A 56 4.62 6.20 -6.44
CA LEU A 56 3.60 6.64 -5.49
C LEU A 56 2.22 6.52 -6.15
N VAL A 57 1.33 5.83 -5.47
CA VAL A 57 -0.08 5.66 -5.92
C VAL A 57 -1.03 6.49 -5.06
N HIS A 58 -0.61 6.77 -3.82
CA HIS A 58 -1.51 7.09 -2.73
C HIS A 58 -0.85 8.00 -1.70
N SER A 59 -1.63 8.85 -1.04
CA SER A 59 -1.05 9.92 -0.23
C SER A 59 -2.03 10.57 0.76
N LYS A 60 -2.01 10.19 2.05
CA LYS A 60 -2.68 10.98 3.09
C LYS A 60 -2.33 12.47 3.04
N LYS A 61 -1.07 12.86 2.73
CA LYS A 61 -0.70 14.29 2.67
C LYS A 61 -1.12 15.07 1.42
N ARG A 62 -1.36 14.42 0.27
CA ARG A 62 -2.01 15.08 -0.89
C ARG A 62 -3.53 15.23 -0.72
N GLY A 63 -4.09 14.56 0.28
CA GLY A 63 -5.52 14.55 0.58
C GLY A 63 -6.25 13.29 0.14
N ASP A 64 -5.53 12.19 -0.09
CA ASP A 64 -6.11 10.95 -0.58
C ASP A 64 -6.86 10.15 0.49
N GLY A 65 -6.60 10.39 1.78
CA GLY A 65 -6.96 9.46 2.84
C GLY A 65 -6.14 8.18 2.71
N TYR A 66 -6.45 7.21 3.56
CA TYR A 66 -6.07 5.81 3.37
C TYR A 66 -7.05 5.14 2.38
N VAL A 67 -6.86 3.87 2.01
CA VAL A 67 -7.96 3.10 1.37
C VAL A 67 -9.00 2.69 2.40
N ASP A 68 -10.12 3.41 2.31
CA ASP A 68 -11.16 3.46 3.30
C ASP A 68 -12.54 3.12 2.73
N THR A 69 -12.64 2.93 1.42
CA THR A 69 -13.88 2.50 0.77
C THR A 69 -13.55 1.55 -0.35
N GLU A 70 -14.50 0.70 -0.73
CA GLU A 70 -14.37 -0.27 -1.84
C GLU A 70 -13.89 0.44 -3.11
N SER A 71 -14.58 1.52 -3.44
CA SER A 71 -14.27 2.29 -4.65
C SER A 71 -12.91 2.98 -4.63
N LYS A 72 -12.30 3.15 -3.46
CA LYS A 72 -10.89 3.52 -3.30
C LYS A 72 -9.96 2.31 -3.34
N PHE A 73 -10.27 1.26 -2.59
CA PHE A 73 -9.51 0.01 -2.53
C PHE A 73 -9.30 -0.60 -3.92
N ARG A 74 -10.35 -0.65 -4.74
CA ARG A 74 -10.33 -1.21 -6.10
C ARG A 74 -9.40 -0.50 -7.07
N LYS A 75 -9.11 0.78 -6.84
CA LYS A 75 -8.08 1.56 -7.55
C LYS A 75 -6.71 0.92 -7.36
N LEU A 76 -6.39 0.52 -6.12
CA LEU A 76 -5.12 -0.13 -5.80
C LEU A 76 -5.10 -1.58 -6.23
N VAL A 77 -6.16 -2.31 -5.90
CA VAL A 77 -6.31 -3.70 -6.33
C VAL A 77 -6.17 -3.83 -7.84
N THR A 78 -6.82 -2.97 -8.63
CA THR A 78 -6.70 -3.03 -10.09
C THR A 78 -5.31 -2.62 -10.56
N ALA A 79 -4.68 -1.64 -9.91
CA ALA A 79 -3.39 -1.15 -10.37
C ALA A 79 -2.24 -2.09 -10.03
N ILE A 80 -2.36 -2.81 -8.93
CA ILE A 80 -1.35 -3.77 -8.51
C ILE A 80 -1.54 -5.07 -9.30
N LYS A 81 -2.77 -5.40 -9.71
CA LYS A 81 -3.08 -6.55 -10.58
C LYS A 81 -2.48 -6.38 -11.96
N ALA A 82 -2.63 -5.17 -12.50
CA ALA A 82 -2.06 -4.75 -13.77
C ALA A 82 -0.52 -4.75 -13.71
N ALA A 83 0.06 -4.13 -12.67
CA ALA A 83 1.50 -4.16 -12.43
C ALA A 83 2.05 -5.58 -12.35
N LEU A 84 1.32 -6.47 -11.69
CA LEU A 84 1.69 -7.87 -11.50
C LEU A 84 1.70 -8.64 -12.81
N ALA A 85 0.59 -8.58 -13.55
CA ALA A 85 0.45 -9.23 -14.85
C ALA A 85 1.39 -8.67 -15.94
N GLN A 86 1.94 -7.48 -15.75
CA GLN A 86 2.97 -6.87 -16.61
C GLN A 86 4.38 -7.32 -16.21
N CYS A 87 4.64 -7.27 -14.90
CA CYS A 87 5.83 -7.78 -14.21
C CYS A 87 6.09 -9.26 -14.44
N GLN A 88 5.02 -10.07 -14.48
CA GLN A 88 5.12 -11.53 -14.58
C GLN A 88 5.80 -12.05 -15.86
N MET A 1 10.68 -9.97 -10.70
CA MET A 1 10.74 -11.16 -9.85
C MET A 1 10.19 -10.74 -8.51
N ALA A 2 8.90 -10.96 -8.28
CA ALA A 2 8.05 -10.13 -7.42
C ALA A 2 8.13 -8.62 -7.77
N LEU A 3 7.37 -7.80 -7.04
CA LEU A 3 7.33 -6.33 -7.11
C LEU A 3 7.18 -5.74 -5.69
N ALA A 4 8.09 -4.85 -5.29
CA ALA A 4 8.22 -4.35 -3.92
C ALA A 4 7.31 -3.13 -3.64
N VAL A 5 6.22 -3.29 -2.89
CA VAL A 5 5.44 -2.17 -2.32
C VAL A 5 6.02 -1.83 -0.95
N ARG A 6 6.12 -0.55 -0.62
CA ARG A 6 6.33 -0.03 0.74
C ARG A 6 5.20 0.96 1.05
N VAL A 7 5.01 1.22 2.34
CA VAL A 7 4.05 2.19 2.89
C VAL A 7 4.76 3.02 3.95
N VAL A 8 5.15 4.24 3.60
CA VAL A 8 5.71 5.20 4.57
C VAL A 8 4.59 5.68 5.49
N TYR A 9 4.71 5.52 6.82
CA TYR A 9 3.77 6.13 7.76
C TYR A 9 4.47 6.63 9.03
N SER A 10 3.87 7.61 9.70
CA SER A 10 4.30 8.04 11.03
C SER A 10 3.96 6.97 12.07
N GLY A 11 4.98 6.29 12.61
CA GLY A 11 4.88 5.09 13.45
C GLY A 11 4.16 5.22 14.80
N ALA A 12 3.25 6.17 15.00
CA ALA A 12 2.54 6.57 16.21
C ALA A 12 1.54 5.54 16.81
N CYS A 13 1.90 4.26 16.80
CA CYS A 13 1.08 3.10 17.20
C CYS A 13 -0.25 2.97 16.40
N GLY A 14 -1.07 1.97 16.72
CA GLY A 14 -2.31 1.58 16.01
C GLY A 14 -2.15 1.08 14.56
N TYR A 15 -1.02 1.37 13.90
CA TYR A 15 -0.77 1.08 12.49
C TYR A 15 -0.77 -0.41 12.15
N LYS A 16 -0.20 -1.29 13.00
CA LYS A 16 0.00 -2.73 12.72
C LYS A 16 -1.24 -3.47 12.17
N PRO A 17 -2.40 -3.55 12.87
CA PRO A 17 -3.59 -4.20 12.30
C PRO A 17 -4.20 -3.44 11.12
N LYS A 18 -4.08 -2.10 11.05
CA LYS A 18 -4.53 -1.32 9.88
C LYS A 18 -3.71 -1.65 8.63
N TYR A 19 -2.39 -1.73 8.77
CA TYR A 19 -1.46 -2.22 7.75
C TYR A 19 -1.87 -3.62 7.30
N LEU A 20 -1.92 -4.59 8.23
CA LEU A 20 -2.28 -5.97 7.93
C LEU A 20 -3.61 -6.10 7.19
N GLN A 21 -4.65 -5.37 7.57
CA GLN A 21 -5.96 -5.46 6.94
C GLN A 21 -5.89 -5.15 5.43
N LEU A 22 -5.13 -4.13 5.04
CA LEU A 22 -4.76 -3.86 3.65
C LEU A 22 -3.80 -4.95 3.10
N LYS A 23 -2.72 -5.26 3.84
CA LYS A 23 -1.61 -6.11 3.38
C LYS A 23 -2.06 -7.53 3.08
N GLU A 24 -2.74 -8.13 4.04
CA GLU A 24 -3.48 -9.39 3.92
C GLU A 24 -4.27 -9.48 2.61
N LYS A 25 -5.02 -8.44 2.26
CA LYS A 25 -5.85 -8.41 1.03
C LYS A 25 -5.01 -8.48 -0.23
N LEU A 26 -3.94 -7.69 -0.27
CA LEU A 26 -2.99 -7.59 -1.34
C LEU A 26 -2.25 -8.92 -1.56
N GLU A 27 -1.56 -9.39 -0.54
CA GLU A 27 -0.87 -10.69 -0.52
C GLU A 27 -1.79 -11.91 -0.66
N HIS A 28 -3.06 -11.83 -0.25
CA HIS A 28 -4.08 -12.81 -0.66
C HIS A 28 -4.30 -12.80 -2.17
N GLU A 29 -4.41 -11.61 -2.76
CA GLU A 29 -4.73 -11.41 -4.16
C GLU A 29 -3.56 -11.78 -5.09
N PHE A 30 -2.33 -11.47 -4.69
CA PHE A 30 -1.12 -11.67 -5.48
C PHE A 30 0.12 -12.08 -4.64
N PRO A 31 0.07 -13.24 -3.95
CA PRO A 31 1.18 -13.71 -3.12
C PRO A 31 2.39 -14.05 -3.99
N GLY A 32 3.59 -13.61 -3.57
CA GLY A 32 4.88 -13.87 -4.23
C GLY A 32 5.08 -13.21 -5.60
N CYS A 33 4.00 -12.91 -6.31
CA CYS A 33 3.93 -11.96 -7.42
C CYS A 33 4.33 -10.54 -6.99
N LEU A 34 4.24 -10.27 -5.68
CA LEU A 34 4.42 -8.99 -5.04
C LEU A 34 4.89 -9.12 -3.59
N ASP A 35 5.34 -7.98 -3.05
CA ASP A 35 5.58 -7.77 -1.62
C ASP A 35 4.94 -6.46 -1.16
N ILE A 36 4.60 -6.35 0.12
CA ILE A 36 4.24 -5.11 0.78
C ILE A 36 4.91 -5.04 2.16
N CYS A 37 5.86 -4.13 2.23
CA CYS A 37 6.50 -3.64 3.45
C CYS A 37 5.90 -2.30 3.92
N GLY A 38 6.47 -1.76 5.00
CA GLY A 38 6.27 -0.40 5.49
C GLY A 38 7.60 0.32 5.70
N GLU A 39 7.52 1.62 5.99
CA GLU A 39 8.59 2.49 6.47
C GLU A 39 7.99 3.40 7.55
N GLY A 40 8.17 2.99 8.81
CA GLY A 40 7.52 3.59 9.98
C GLY A 40 8.37 4.69 10.63
N THR A 41 8.61 5.74 9.86
CA THR A 41 9.27 7.01 10.23
C THR A 41 8.70 7.65 11.52
N PRO A 42 9.52 8.36 12.33
CA PRO A 42 9.12 8.95 13.61
C PRO A 42 8.40 10.31 13.48
N GLN A 43 8.45 11.13 14.54
CA GLN A 43 7.96 12.52 14.63
C GLN A 43 8.41 13.44 13.48
N VAL A 44 7.81 14.63 13.39
CA VAL A 44 7.89 15.61 12.27
C VAL A 44 7.23 15.11 10.99
N THR A 45 7.44 13.84 10.59
CA THR A 45 6.64 13.21 9.54
C THR A 45 5.22 12.86 10.03
N GLY A 46 4.24 12.84 9.13
CA GLY A 46 2.82 12.74 9.47
C GLY A 46 1.94 12.49 8.25
N PHE A 47 2.23 11.44 7.48
CA PHE A 47 1.63 11.13 6.17
C PHE A 47 1.62 9.61 5.93
N PHE A 48 0.83 9.09 4.98
CA PHE A 48 0.58 7.64 4.74
C PHE A 48 0.68 7.36 3.23
N GLU A 49 1.82 6.87 2.76
CA GLU A 49 2.26 7.03 1.38
C GLU A 49 2.67 5.67 0.79
N VAL A 50 1.97 5.18 -0.25
CA VAL A 50 2.12 3.80 -0.76
C VAL A 50 2.81 3.81 -2.11
N THR A 51 3.99 3.19 -2.20
CA THR A 51 4.83 3.20 -3.40
C THR A 51 5.22 1.77 -3.77
N VAL A 52 5.12 1.42 -5.05
CA VAL A 52 5.45 0.11 -5.63
C VAL A 52 6.55 0.24 -6.67
N ALA A 53 7.67 -0.46 -6.50
CA ALA A 53 8.86 -0.36 -7.37
C ALA A 53 9.25 1.09 -7.76
N GLY A 54 9.06 2.05 -6.85
CA GLY A 54 9.30 3.48 -7.10
C GLY A 54 8.21 4.17 -7.93
N LYS A 55 6.94 3.82 -7.72
CA LYS A 55 5.71 4.38 -8.32
C LYS A 55 4.67 4.60 -7.22
N LEU A 56 4.35 5.83 -6.87
CA LEU A 56 3.33 6.12 -5.84
C LEU A 56 1.92 5.87 -6.39
N VAL A 57 1.10 5.24 -5.56
CA VAL A 57 -0.29 4.85 -5.87
C VAL A 57 -1.28 5.42 -4.85
N HIS A 58 -0.76 5.88 -3.71
CA HIS A 58 -1.49 6.52 -2.61
C HIS A 58 -0.64 7.55 -1.86
N SER A 59 -1.30 8.53 -1.25
CA SER A 59 -0.72 9.56 -0.40
C SER A 59 -1.78 10.25 0.46
N LYS A 60 -1.77 10.07 1.78
CA LYS A 60 -2.55 10.96 2.66
C LYS A 60 -2.05 12.41 2.64
N LYS A 61 -0.76 12.66 2.38
CA LYS A 61 -0.18 14.01 2.24
C LYS A 61 -0.85 14.82 1.13
N ARG A 62 -1.04 14.22 -0.06
CA ARG A 62 -1.69 14.89 -1.21
C ARG A 62 -3.20 14.97 -1.09
N GLY A 63 -3.81 14.14 -0.26
CA GLY A 63 -5.27 14.02 -0.12
C GLY A 63 -5.90 12.85 -0.87
N ASP A 64 -5.15 11.78 -1.15
CA ASP A 64 -5.74 10.53 -1.69
C ASP A 64 -6.80 9.94 -0.72
N GLY A 65 -6.53 10.00 0.59
CA GLY A 65 -7.41 9.57 1.68
C GLY A 65 -7.68 8.06 1.72
N TYR A 66 -7.93 7.55 2.92
CA TYR A 66 -8.17 6.13 3.16
C TYR A 66 -9.41 5.58 2.42
N VAL A 67 -9.72 4.31 2.62
CA VAL A 67 -10.69 3.60 1.76
C VAL A 67 -12.14 3.88 2.14
N ASP A 68 -12.55 5.07 1.77
CA ASP A 68 -13.87 5.66 1.90
C ASP A 68 -14.90 4.91 1.04
N THR A 69 -14.43 4.21 0.01
CA THR A 69 -15.24 3.34 -0.84
C THR A 69 -14.47 2.08 -1.21
N GLU A 70 -15.21 1.02 -1.54
CA GLU A 70 -14.73 -0.17 -2.23
C GLU A 70 -13.86 0.20 -3.43
N SER A 71 -14.43 1.06 -4.26
CA SER A 71 -13.78 1.72 -5.40
C SER A 71 -12.37 2.20 -5.08
N LYS A 72 -12.19 2.84 -3.93
CA LYS A 72 -10.90 3.43 -3.53
C LYS A 72 -9.88 2.40 -3.04
N PHE A 73 -10.35 1.29 -2.48
CA PHE A 73 -9.53 0.10 -2.29
C PHE A 73 -9.18 -0.55 -3.64
N ARG A 74 -10.19 -0.91 -4.43
CA ARG A 74 -10.03 -1.61 -5.70
C ARG A 74 -9.30 -0.81 -6.76
N LYS A 75 -9.20 0.52 -6.71
CA LYS A 75 -8.40 1.30 -7.66
C LYS A 75 -6.91 1.04 -7.48
N LEU A 76 -6.51 0.60 -6.28
CA LEU A 76 -5.14 0.14 -6.04
C LEU A 76 -5.00 -1.34 -6.31
N VAL A 77 -5.85 -2.16 -5.71
CA VAL A 77 -5.72 -3.62 -5.90
C VAL A 77 -5.83 -3.99 -7.39
N THR A 78 -6.79 -3.41 -8.11
CA THR A 78 -6.97 -3.66 -9.53
C THR A 78 -5.81 -3.16 -10.36
N ALA A 79 -5.21 -2.03 -9.97
CA ALA A 79 -4.08 -1.51 -10.74
C ALA A 79 -2.83 -2.38 -10.62
N ILE A 80 -2.65 -2.99 -9.45
CA ILE A 80 -1.56 -3.94 -9.23
C ILE A 80 -1.86 -5.27 -9.94
N LYS A 81 -3.13 -5.70 -10.01
CA LYS A 81 -3.57 -6.94 -10.65
C LYS A 81 -3.43 -6.85 -12.17
N ALA A 82 -3.69 -5.66 -12.73
CA ALA A 82 -3.53 -5.36 -14.14
C ALA A 82 -2.04 -5.40 -14.54
N ALA A 83 -1.20 -4.68 -13.78
CA ALA A 83 0.26 -4.71 -13.95
C ALA A 83 0.83 -6.13 -13.83
N LEU A 84 0.32 -6.90 -12.88
CA LEU A 84 0.67 -8.31 -12.68
C LEU A 84 0.30 -9.17 -13.88
N ALA A 85 -0.96 -9.15 -14.27
CA ALA A 85 -1.47 -9.92 -15.42
C ALA A 85 -0.75 -9.63 -16.75
N GLN A 86 -0.08 -8.48 -16.85
CA GLN A 86 0.78 -8.07 -17.96
C GLN A 86 2.21 -8.61 -17.81
N CYS A 87 2.74 -8.57 -16.60
CA CYS A 87 4.01 -9.15 -16.18
C CYS A 87 4.02 -10.69 -16.15
N GLN A 88 2.87 -11.35 -15.96
CA GLN A 88 2.78 -12.82 -15.81
C GLN A 88 3.07 -13.59 -17.11
N MET A 1 10.25 -12.17 -11.59
CA MET A 1 10.28 -11.02 -10.65
C MET A 1 9.31 -11.23 -9.49
N ALA A 2 9.45 -10.48 -8.39
CA ALA A 2 8.41 -10.21 -7.38
C ALA A 2 8.29 -8.68 -7.15
N LEU A 3 7.20 -8.20 -6.52
CA LEU A 3 6.87 -6.78 -6.47
C LEU A 3 6.89 -6.23 -5.04
N ALA A 4 7.85 -5.36 -4.76
CA ALA A 4 8.02 -4.68 -3.47
C ALA A 4 6.99 -3.56 -3.27
N VAL A 5 6.15 -3.67 -2.25
CA VAL A 5 5.22 -2.61 -1.79
C VAL A 5 5.55 -2.20 -0.36
N ARG A 6 5.43 -0.91 -0.11
CA ARG A 6 5.68 -0.26 1.20
C ARG A 6 4.48 0.60 1.59
N VAL A 7 4.33 0.80 2.89
CA VAL A 7 3.49 1.85 3.49
C VAL A 7 4.30 2.50 4.60
N VAL A 8 4.70 3.75 4.39
CA VAL A 8 5.18 4.58 5.50
C VAL A 8 4.00 5.27 6.18
N TYR A 9 4.01 5.29 7.51
CA TYR A 9 3.11 6.11 8.33
C TYR A 9 3.71 6.31 9.74
N SER A 10 2.94 6.82 10.69
CA SER A 10 3.27 6.92 12.11
C SER A 10 2.48 5.90 12.94
N GLY A 11 2.95 5.67 14.16
CA GLY A 11 2.33 4.75 15.11
C GLY A 11 1.10 5.31 15.85
N ALA A 12 0.68 6.54 15.55
CA ALA A 12 -0.12 7.44 16.41
C ALA A 12 -1.29 6.77 17.16
N CYS A 13 -2.12 5.99 16.46
CA CYS A 13 -3.01 5.02 17.09
C CYS A 13 -3.30 3.85 16.12
N GLY A 14 -3.61 2.67 16.66
CA GLY A 14 -4.16 1.51 15.94
C GLY A 14 -3.38 0.94 14.73
N TYR A 15 -2.19 1.45 14.42
CA TYR A 15 -1.55 1.24 13.11
C TYR A 15 -1.39 -0.23 12.69
N LYS A 16 -0.80 -1.11 13.52
CA LYS A 16 -0.53 -2.52 13.18
C LYS A 16 -1.74 -3.31 12.63
N PRO A 17 -2.88 -3.46 13.35
CA PRO A 17 -4.06 -4.12 12.77
C PRO A 17 -4.71 -3.33 11.63
N LYS A 18 -4.67 -1.98 11.63
CA LYS A 18 -5.18 -1.17 10.50
C LYS A 18 -4.40 -1.52 9.22
N TYR A 19 -3.07 -1.56 9.30
CA TYR A 19 -2.15 -2.02 8.25
C TYR A 19 -2.50 -3.42 7.77
N LEU A 20 -2.55 -4.40 8.70
CA LEU A 20 -2.86 -5.80 8.39
C LEU A 20 -4.16 -5.96 7.63
N GLN A 21 -5.22 -5.25 7.98
CA GLN A 21 -6.53 -5.40 7.35
C GLN A 21 -6.50 -5.04 5.86
N LEU A 22 -5.73 -4.00 5.50
CA LEU A 22 -5.42 -3.64 4.12
C LEU A 22 -4.46 -4.64 3.47
N LYS A 23 -3.35 -4.98 4.16
CA LYS A 23 -2.30 -5.90 3.72
C LYS A 23 -2.86 -7.28 3.39
N GLU A 24 -3.47 -7.92 4.38
CA GLU A 24 -4.17 -9.21 4.28
C GLU A 24 -5.01 -9.34 3.02
N LYS A 25 -5.83 -8.31 2.71
CA LYS A 25 -6.69 -8.29 1.51
C LYS A 25 -5.89 -8.33 0.22
N LEU A 26 -4.88 -7.48 0.12
CA LEU A 26 -3.94 -7.37 -0.98
C LEU A 26 -3.20 -8.70 -1.23
N GLU A 27 -2.55 -9.22 -0.21
CA GLU A 27 -1.91 -10.54 -0.20
C GLU A 27 -2.87 -11.71 -0.49
N HIS A 28 -4.14 -11.66 -0.10
CA HIS A 28 -5.18 -12.59 -0.59
C HIS A 28 -5.42 -12.43 -2.10
N GLU A 29 -5.45 -11.19 -2.59
CA GLU A 29 -5.80 -10.80 -3.97
C GLU A 29 -4.75 -11.24 -5.00
N PHE A 30 -3.48 -11.18 -4.59
CA PHE A 30 -2.30 -11.57 -5.38
C PHE A 30 -1.15 -12.10 -4.49
N PRO A 31 -1.27 -13.33 -3.95
CA PRO A 31 -0.33 -13.88 -2.96
C PRO A 31 1.05 -14.19 -3.55
N GLY A 32 2.10 -13.95 -2.75
CA GLY A 32 3.50 -14.37 -2.93
C GLY A 32 4.28 -13.78 -4.10
N CYS A 33 3.58 -13.36 -5.16
CA CYS A 33 4.11 -12.55 -6.24
C CYS A 33 4.44 -11.12 -5.77
N LEU A 34 3.88 -10.73 -4.63
CA LEU A 34 4.08 -9.46 -3.95
C LEU A 34 4.83 -9.66 -2.64
N ASP A 35 5.67 -8.69 -2.34
CA ASP A 35 6.08 -8.26 -1.01
C ASP A 35 5.26 -7.01 -0.67
N ILE A 36 4.78 -6.94 0.56
CA ILE A 36 4.13 -5.79 1.14
C ILE A 36 4.58 -5.67 2.59
N CYS A 37 5.35 -4.62 2.80
CA CYS A 37 5.94 -4.19 4.05
C CYS A 37 5.40 -2.80 4.46
N GLY A 38 5.81 -2.35 5.64
CA GLY A 38 5.64 -0.98 6.11
C GLY A 38 6.95 -0.40 6.62
N GLU A 39 6.92 0.86 7.02
CA GLU A 39 8.00 1.62 7.61
C GLU A 39 7.39 2.70 8.53
N GLY A 40 8.28 3.38 9.24
CA GLY A 40 8.01 4.40 10.25
C GLY A 40 9.24 5.16 10.77
N THR A 41 10.19 5.48 9.89
CA THR A 41 11.49 6.06 10.28
C THR A 41 11.38 7.47 10.92
N PRO A 42 12.27 7.83 11.87
CA PRO A 42 12.17 9.07 12.67
C PRO A 42 12.62 10.33 11.89
N GLN A 43 11.89 10.66 10.82
CA GLN A 43 12.10 11.83 9.96
C GLN A 43 10.78 12.55 9.65
N VAL A 44 10.02 12.11 8.64
CA VAL A 44 8.85 12.85 8.07
C VAL A 44 7.53 12.05 8.21
N THR A 45 7.57 10.93 8.94
CA THR A 45 6.69 9.76 8.83
C THR A 45 5.16 9.94 9.05
N GLY A 46 4.64 11.14 9.32
CA GLY A 46 3.19 11.39 9.38
C GLY A 46 2.47 11.22 8.03
N PHE A 47 3.20 11.28 6.92
CA PHE A 47 2.75 10.93 5.58
C PHE A 47 2.36 9.45 5.49
N PHE A 48 1.05 9.13 5.46
CA PHE A 48 0.54 7.82 5.03
C PHE A 48 0.80 7.67 3.52
N GLU A 49 1.91 7.02 3.14
CA GLU A 49 2.34 6.95 1.73
C GLU A 49 2.49 5.50 1.27
N VAL A 50 1.76 5.07 0.22
CA VAL A 50 1.84 3.68 -0.28
C VAL A 50 2.54 3.65 -1.62
N THR A 51 3.62 2.88 -1.71
CA THR A 51 4.53 2.86 -2.86
C THR A 51 4.71 1.42 -3.35
N VAL A 52 4.75 1.18 -4.67
CA VAL A 52 5.04 -0.12 -5.31
C VAL A 52 6.16 0.05 -6.31
N ALA A 53 7.18 -0.82 -6.27
CA ALA A 53 8.38 -0.75 -7.12
C ALA A 53 8.99 0.67 -7.29
N GLY A 54 8.87 1.54 -6.27
CA GLY A 54 9.34 2.93 -6.31
C GLY A 54 8.32 3.98 -6.79
N LYS A 55 7.02 3.65 -6.87
CA LYS A 55 5.94 4.52 -7.38
C LYS A 55 4.77 4.67 -6.41
N LEU A 56 4.42 5.89 -6.04
CA LEU A 56 3.23 6.24 -5.26
C LEU A 56 1.95 5.75 -5.94
N VAL A 57 1.08 5.13 -5.15
CA VAL A 57 -0.27 4.68 -5.56
C VAL A 57 -1.36 5.23 -4.63
N HIS A 58 -0.95 5.62 -3.43
CA HIS A 58 -1.79 6.11 -2.36
C HIS A 58 -1.02 7.14 -1.54
N SER A 59 -1.71 8.18 -1.11
CA SER A 59 -1.05 9.34 -0.54
C SER A 59 -2.01 10.24 0.23
N LYS A 60 -1.96 10.22 1.56
CA LYS A 60 -2.52 11.36 2.30
C LYS A 60 -1.67 12.62 2.17
N LYS A 61 -0.38 12.54 1.82
CA LYS A 61 0.50 13.73 1.67
C LYS A 61 0.41 14.46 0.32
N ARG A 62 -0.27 13.92 -0.69
CA ARG A 62 -0.63 14.61 -1.95
C ARG A 62 -2.10 15.02 -2.02
N GLY A 63 -2.96 14.35 -1.25
CA GLY A 63 -4.40 14.42 -1.41
C GLY A 63 -4.94 13.36 -2.39
N ASP A 64 -4.47 12.11 -2.25
CA ASP A 64 -5.11 10.96 -2.87
C ASP A 64 -6.27 10.42 -2.03
N GLY A 65 -6.14 10.42 -0.70
CA GLY A 65 -7.04 9.79 0.25
C GLY A 65 -6.43 8.56 0.94
N TYR A 66 -7.19 7.94 1.84
CA TYR A 66 -7.01 6.60 2.39
C TYR A 66 -7.68 5.61 1.41
N VAL A 67 -8.04 4.42 1.89
CA VAL A 67 -9.30 3.81 1.46
C VAL A 67 -10.46 4.43 2.22
N ASP A 68 -10.87 5.59 1.71
CA ASP A 68 -12.00 6.35 2.21
C ASP A 68 -13.34 5.69 1.79
N THR A 69 -13.34 4.89 0.72
CA THR A 69 -14.43 4.09 0.16
C THR A 69 -13.92 2.78 -0.45
N GLU A 70 -14.85 1.86 -0.76
CA GLU A 70 -14.57 0.68 -1.60
C GLU A 70 -13.99 1.07 -2.96
N SER A 71 -14.61 2.04 -3.64
CA SER A 71 -14.11 2.47 -4.96
C SER A 71 -12.68 3.02 -4.90
N LYS A 72 -12.30 3.60 -3.76
CA LYS A 72 -10.97 4.11 -3.41
C LYS A 72 -9.96 2.99 -3.15
N PHE A 73 -10.37 1.95 -2.43
CA PHE A 73 -9.66 0.67 -2.30
C PHE A 73 -9.44 0.01 -3.66
N ARG A 74 -10.48 -0.24 -4.43
CA ARG A 74 -10.41 -0.94 -5.71
C ARG A 74 -9.58 -0.22 -6.77
N LYS A 75 -9.40 1.10 -6.70
CA LYS A 75 -8.49 1.89 -7.55
C LYS A 75 -7.02 1.50 -7.36
N LEU A 76 -6.65 1.05 -6.16
CA LEU A 76 -5.31 0.52 -5.89
C LEU A 76 -5.25 -0.99 -6.12
N VAL A 77 -6.23 -1.70 -5.59
CA VAL A 77 -6.29 -3.16 -5.68
C VAL A 77 -6.29 -3.63 -7.13
N THR A 78 -7.00 -2.90 -7.99
CA THR A 78 -7.02 -3.15 -9.43
C THR A 78 -5.67 -2.87 -10.06
N ALA A 79 -5.00 -1.80 -9.65
CA ALA A 79 -3.76 -1.41 -10.31
C ALA A 79 -2.57 -2.30 -9.94
N ILE A 80 -2.61 -2.86 -8.72
CA ILE A 80 -1.60 -3.82 -8.30
C ILE A 80 -1.85 -5.18 -8.98
N LYS A 81 -3.12 -5.60 -9.13
CA LYS A 81 -3.41 -6.89 -9.77
C LYS A 81 -3.02 -6.84 -11.25
N ALA A 82 -3.37 -5.73 -11.88
CA ALA A 82 -3.13 -5.48 -13.30
C ALA A 82 -1.63 -5.35 -13.59
N ALA A 83 -0.87 -4.64 -12.74
CA ALA A 83 0.59 -4.62 -12.83
C ALA A 83 1.19 -6.02 -12.68
N LEU A 84 0.66 -6.81 -11.75
CA LEU A 84 1.18 -8.14 -11.44
C LEU A 84 0.98 -9.11 -12.59
N ALA A 85 -0.27 -9.29 -13.02
CA ALA A 85 -0.62 -10.23 -14.09
C ALA A 85 -0.09 -9.86 -15.48
N GLN A 86 0.41 -8.62 -15.65
CA GLN A 86 1.03 -8.13 -16.87
C GLN A 86 2.56 -8.27 -16.82
N CYS A 87 3.15 -7.97 -15.66
CA CYS A 87 4.54 -8.30 -15.33
C CYS A 87 4.81 -9.80 -15.38
N GLN A 88 3.83 -10.64 -15.01
CA GLN A 88 3.92 -12.10 -14.99
C GLN A 88 4.30 -12.77 -16.32
N MET A 1 9.75 -9.51 -12.63
CA MET A 1 10.09 -9.99 -11.27
C MET A 1 8.82 -10.06 -10.44
N ALA A 2 8.92 -10.19 -9.11
CA ALA A 2 7.84 -9.77 -8.22
C ALA A 2 7.72 -8.23 -8.22
N LEU A 3 6.53 -7.70 -7.92
CA LEU A 3 6.25 -6.27 -7.85
C LEU A 3 6.59 -5.74 -6.46
N ALA A 4 7.52 -4.79 -6.42
CA ALA A 4 8.09 -4.20 -5.20
C ALA A 4 7.22 -3.05 -4.64
N VAL A 5 6.51 -3.25 -3.50
CA VAL A 5 5.64 -2.24 -2.87
C VAL A 5 6.19 -1.82 -1.51
N ARG A 6 5.98 -0.55 -1.18
CA ARG A 6 6.34 0.16 0.04
C ARG A 6 5.18 1.01 0.54
N VAL A 7 5.20 1.32 1.83
CA VAL A 7 4.27 2.17 2.56
C VAL A 7 5.08 2.94 3.57
N VAL A 8 5.08 4.28 3.54
CA VAL A 8 5.60 5.06 4.69
C VAL A 8 4.44 5.53 5.56
N TYR A 9 4.51 5.31 6.89
CA TYR A 9 3.52 5.86 7.83
C TYR A 9 4.10 6.24 9.18
N SER A 10 3.61 7.33 9.73
CA SER A 10 3.78 7.79 11.11
C SER A 10 3.07 6.85 12.10
N GLY A 11 3.64 5.66 12.32
CA GLY A 11 3.09 4.54 13.10
C GLY A 11 2.97 4.73 14.62
N ALA A 12 2.80 5.98 15.09
CA ALA A 12 2.82 6.33 16.52
C ALA A 12 1.72 5.65 17.37
N CYS A 13 0.67 5.10 16.75
CA CYS A 13 -0.27 4.18 17.38
C CYS A 13 -0.84 3.19 16.35
N GLY A 14 -1.36 2.05 16.81
CA GLY A 14 -2.14 1.04 16.06
C GLY A 14 -1.52 0.41 14.80
N TYR A 15 -0.30 0.80 14.41
CA TYR A 15 0.20 0.66 13.04
C TYR A 15 0.21 -0.77 12.50
N LYS A 16 0.66 -1.77 13.28
CA LYS A 16 0.94 -3.13 12.82
C LYS A 16 -0.27 -3.82 12.14
N PRO A 17 -1.44 -3.98 12.78
CA PRO A 17 -2.63 -4.47 12.07
C PRO A 17 -3.14 -3.46 11.02
N LYS A 18 -3.02 -2.14 11.24
CA LYS A 18 -3.45 -1.11 10.26
C LYS A 18 -2.68 -1.20 8.93
N TYR A 19 -1.43 -1.65 8.98
CA TYR A 19 -0.61 -2.11 7.85
C TYR A 19 -1.08 -3.47 7.33
N LEU A 20 -1.01 -4.52 8.15
CA LEU A 20 -1.26 -5.91 7.74
C LEU A 20 -2.61 -6.10 7.06
N GLN A 21 -3.68 -5.49 7.56
CA GLN A 21 -5.03 -5.65 7.05
C GLN A 21 -5.16 -5.19 5.58
N LEU A 22 -4.45 -4.13 5.20
CA LEU A 22 -4.31 -3.71 3.81
C LEU A 22 -3.33 -4.60 3.03
N LYS A 23 -2.22 -5.03 3.67
CA LYS A 23 -1.18 -5.85 3.04
C LYS A 23 -1.69 -7.25 2.67
N GLU A 24 -2.21 -7.96 3.68
CA GLU A 24 -2.81 -9.30 3.58
C GLU A 24 -3.69 -9.46 2.34
N LYS A 25 -4.54 -8.48 2.04
CA LYS A 25 -5.40 -8.42 0.85
C LYS A 25 -4.65 -8.46 -0.49
N LEU A 26 -3.58 -7.70 -0.59
CA LEU A 26 -2.71 -7.58 -1.75
C LEU A 26 -1.81 -8.83 -1.96
N GLU A 27 -1.21 -9.32 -0.87
CA GLU A 27 -0.54 -10.62 -0.78
C GLU A 27 -1.45 -11.82 -1.10
N HIS A 28 -2.71 -11.82 -0.64
CA HIS A 28 -3.71 -12.83 -1.00
C HIS A 28 -3.95 -12.86 -2.51
N GLU A 29 -4.10 -11.69 -3.12
CA GLU A 29 -4.38 -11.55 -4.55
C GLU A 29 -3.17 -11.94 -5.42
N PHE A 30 -1.95 -11.67 -4.94
CA PHE A 30 -0.70 -11.80 -5.69
C PHE A 30 0.40 -12.55 -4.89
N PRO A 31 0.17 -13.80 -4.44
CA PRO A 31 0.99 -14.43 -3.40
C PRO A 31 2.42 -14.71 -3.88
N GLY A 32 3.36 -14.06 -3.21
CA GLY A 32 4.76 -13.84 -3.61
C GLY A 32 5.00 -13.40 -5.06
N CYS A 33 3.95 -13.12 -5.83
CA CYS A 33 4.02 -12.36 -7.07
C CYS A 33 4.27 -10.87 -6.74
N LEU A 34 4.04 -10.48 -5.49
CA LEU A 34 4.34 -9.18 -4.91
C LEU A 34 5.30 -9.33 -3.73
N ASP A 35 6.00 -8.24 -3.50
CA ASP A 35 6.52 -7.78 -2.22
C ASP A 35 5.68 -6.58 -1.79
N ILE A 36 5.34 -6.51 -0.52
CA ILE A 36 4.96 -5.28 0.15
C ILE A 36 5.65 -5.24 1.50
N CYS A 37 6.48 -4.24 1.67
CA CYS A 37 6.97 -3.80 2.96
C CYS A 37 6.29 -2.48 3.37
N GLY A 38 6.53 -2.06 4.62
CA GLY A 38 6.21 -0.73 5.10
C GLY A 38 7.25 -0.26 6.12
N GLU A 39 7.29 1.06 6.35
CA GLU A 39 8.46 1.78 6.83
C GLU A 39 8.04 2.98 7.66
N GLY A 40 8.01 2.75 8.96
CA GLY A 40 7.66 3.76 9.96
C GLY A 40 8.88 4.55 10.45
N THR A 41 9.48 5.33 9.56
CA THR A 41 10.62 6.21 9.86
C THR A 41 10.18 7.54 10.49
N PRO A 42 11.03 8.19 11.31
CA PRO A 42 10.72 9.49 11.93
C PRO A 42 10.67 10.67 10.94
N GLN A 43 10.88 10.42 9.64
CA GLN A 43 10.64 11.40 8.57
C GLN A 43 9.14 11.73 8.37
N VAL A 44 8.24 10.96 8.99
CA VAL A 44 6.78 11.21 8.95
C VAL A 44 6.18 11.27 10.36
N THR A 45 5.36 12.29 10.63
CA THR A 45 4.69 12.51 11.94
C THR A 45 3.16 12.59 11.88
N GLY A 46 2.57 12.58 10.67
CA GLY A 46 1.13 12.60 10.44
C GLY A 46 0.76 12.26 9.00
N PHE A 47 1.59 11.44 8.34
CA PHE A 47 1.62 11.23 6.90
C PHE A 47 1.60 9.74 6.60
N PHE A 48 0.81 9.31 5.61
CA PHE A 48 0.70 7.94 5.10
C PHE A 48 0.85 8.00 3.58
N GLU A 49 1.71 7.20 2.97
CA GLU A 49 1.86 7.08 1.52
C GLU A 49 1.93 5.63 1.06
N VAL A 50 1.60 5.39 -0.21
CA VAL A 50 1.82 4.08 -0.87
C VAL A 50 2.57 4.26 -2.18
N THR A 51 3.63 3.45 -2.37
CA THR A 51 4.42 3.39 -3.60
C THR A 51 4.62 1.95 -4.06
N VAL A 52 4.52 1.71 -5.37
CA VAL A 52 4.82 0.45 -6.05
C VAL A 52 5.78 0.69 -7.20
N ALA A 53 6.76 -0.19 -7.42
CA ALA A 53 7.86 -0.03 -8.38
C ALA A 53 8.49 1.38 -8.41
N GLY A 54 8.48 2.13 -7.29
CA GLY A 54 8.87 3.54 -7.26
C GLY A 54 7.93 4.46 -8.06
N LYS A 55 6.61 4.36 -7.79
CA LYS A 55 5.48 5.11 -8.35
C LYS A 55 4.44 5.32 -7.24
N LEU A 56 4.18 6.57 -6.83
CA LEU A 56 3.19 6.90 -5.80
C LEU A 56 1.77 6.66 -6.32
N VAL A 57 1.01 5.92 -5.52
CA VAL A 57 -0.42 5.66 -5.70
C VAL A 57 -1.25 6.55 -4.77
N HIS A 58 -0.74 6.78 -3.57
CA HIS A 58 -1.45 7.38 -2.44
C HIS A 58 -0.56 8.35 -1.66
N SER A 59 -1.18 9.36 -1.07
CA SER A 59 -0.59 10.16 -0.02
C SER A 59 -1.64 10.85 0.86
N LYS A 60 -1.98 10.35 2.05
CA LYS A 60 -2.84 11.05 3.00
C LYS A 60 -2.40 12.48 3.28
N LYS A 61 -1.08 12.72 3.26
CA LYS A 61 -0.42 14.04 3.33
C LYS A 61 -0.84 15.00 2.20
N ARG A 62 -1.04 14.51 0.97
CA ARG A 62 -1.59 15.29 -0.15
C ARG A 62 -3.10 15.48 -0.08
N GLY A 63 -3.81 14.60 0.62
CA GLY A 63 -5.26 14.65 0.74
C GLY A 63 -5.88 13.27 0.82
N ASP A 64 -5.13 12.23 0.45
CA ASP A 64 -5.66 11.19 -0.41
C ASP A 64 -6.70 10.30 0.24
N GLY A 65 -6.51 9.91 1.50
CA GLY A 65 -7.42 8.94 2.16
C GLY A 65 -7.08 7.48 1.90
N TYR A 66 -7.42 6.60 2.84
CA TYR A 66 -7.16 5.15 2.84
C TYR A 66 -7.96 4.40 1.76
N VAL A 67 -8.17 3.09 1.92
CA VAL A 67 -9.30 2.47 1.22
C VAL A 67 -10.61 2.85 1.89
N ASP A 68 -11.03 4.05 1.55
CA ASP A 68 -12.20 4.73 2.05
C ASP A 68 -13.51 4.13 1.49
N THR A 69 -13.43 3.46 0.33
CA THR A 69 -14.54 2.83 -0.35
C THR A 69 -14.11 1.56 -1.08
N GLU A 70 -15.09 0.75 -1.50
CA GLU A 70 -14.86 -0.39 -2.39
C GLU A 70 -14.21 0.01 -3.71
N SER A 71 -14.68 1.10 -4.32
CA SER A 71 -14.07 1.60 -5.56
C SER A 71 -12.59 1.91 -5.36
N LYS A 72 -12.23 2.50 -4.22
CA LYS A 72 -10.87 2.73 -3.79
C LYS A 72 -10.04 1.46 -3.64
N PHE A 73 -10.52 0.47 -2.90
CA PHE A 73 -9.83 -0.81 -2.77
C PHE A 73 -9.55 -1.42 -4.15
N ARG A 74 -10.56 -1.44 -5.02
CA ARG A 74 -10.47 -1.87 -6.41
C ARG A 74 -9.56 -1.02 -7.30
N LYS A 75 -9.31 0.26 -7.02
CA LYS A 75 -8.29 1.07 -7.73
C LYS A 75 -6.88 0.57 -7.44
N LEU A 76 -6.60 0.14 -6.19
CA LEU A 76 -5.29 -0.45 -5.88
C LEU A 76 -5.19 -1.84 -6.49
N VAL A 77 -6.21 -2.65 -6.26
CA VAL A 77 -6.27 -4.00 -6.82
C VAL A 77 -6.13 -3.98 -8.33
N THR A 78 -6.78 -3.03 -9.03
CA THR A 78 -6.61 -2.89 -10.47
C THR A 78 -5.19 -2.53 -10.86
N ALA A 79 -4.60 -1.57 -10.16
CA ALA A 79 -3.30 -1.06 -10.59
C ALA A 79 -2.17 -2.03 -10.27
N ILE A 80 -2.35 -2.81 -9.21
CA ILE A 80 -1.42 -3.84 -8.81
C ILE A 80 -1.64 -5.06 -9.68
N LYS A 81 -2.87 -5.40 -10.10
CA LYS A 81 -3.12 -6.56 -10.98
C LYS A 81 -2.55 -6.33 -12.37
N ALA A 82 -2.78 -5.13 -12.90
CA ALA A 82 -2.27 -4.69 -14.19
C ALA A 82 -0.74 -4.61 -14.20
N ALA A 83 -0.14 -3.95 -13.20
CA ALA A 83 1.31 -3.87 -13.06
C ALA A 83 1.96 -5.22 -12.76
N LEU A 84 1.26 -6.11 -12.05
CA LEU A 84 1.70 -7.48 -11.83
C LEU A 84 1.76 -8.24 -13.15
N ALA A 85 0.66 -8.23 -13.89
CA ALA A 85 0.60 -8.87 -15.22
C ALA A 85 1.64 -8.35 -16.24
N GLN A 86 2.15 -7.13 -16.03
CA GLN A 86 3.22 -6.53 -16.82
C GLN A 86 4.60 -7.04 -16.40
N CYS A 87 4.86 -7.08 -15.10
CA CYS A 87 6.07 -7.62 -14.47
C CYS A 87 6.23 -9.15 -14.65
N GLN A 88 5.09 -9.86 -14.80
CA GLN A 88 5.07 -11.27 -15.23
C GLN A 88 5.73 -11.49 -16.60
N MET A 1 9.68 -10.39 -12.24
CA MET A 1 10.06 -10.20 -10.82
C MET A 1 8.83 -10.32 -9.92
N ALA A 2 9.00 -10.17 -8.60
CA ALA A 2 7.91 -9.77 -7.71
C ALA A 2 7.77 -8.23 -7.67
N LEU A 3 6.59 -7.72 -7.26
CA LEU A 3 6.28 -6.31 -7.22
C LEU A 3 6.69 -5.67 -5.88
N ALA A 4 7.67 -4.78 -5.91
CA ALA A 4 8.21 -4.07 -4.77
C ALA A 4 7.28 -2.93 -4.29
N VAL A 5 6.57 -3.08 -3.15
CA VAL A 5 5.67 -2.06 -2.57
C VAL A 5 6.20 -1.56 -1.21
N ARG A 6 5.92 -0.30 -0.89
CA ARG A 6 6.34 0.52 0.28
C ARG A 6 5.15 1.31 0.86
N VAL A 7 5.16 1.70 2.15
CA VAL A 7 4.07 2.45 2.83
C VAL A 7 4.64 3.35 3.94
N VAL A 8 4.84 4.65 3.70
CA VAL A 8 5.49 5.55 4.70
C VAL A 8 4.50 6.46 5.40
N TYR A 9 4.40 6.33 6.73
CA TYR A 9 3.47 7.10 7.58
C TYR A 9 4.06 7.43 8.96
N SER A 10 3.45 8.42 9.62
CA SER A 10 3.71 8.76 11.02
C SER A 10 3.13 7.72 12.00
N GLY A 11 3.91 6.69 12.28
CA GLY A 11 3.68 5.61 13.27
C GLY A 11 3.68 6.07 14.73
N ALA A 12 3.11 7.22 15.02
CA ALA A 12 2.89 7.77 16.37
C ALA A 12 1.84 6.98 17.20
N CYS A 13 1.14 6.04 16.58
CA CYS A 13 0.26 5.08 17.23
C CYS A 13 0.40 3.67 16.62
N GLY A 14 -0.48 2.74 17.02
CA GLY A 14 -0.52 1.32 16.64
C GLY A 14 -0.73 1.04 15.15
N TYR A 15 0.27 1.37 14.33
CA TYR A 15 0.29 1.17 12.89
C TYR A 15 0.01 -0.27 12.46
N LYS A 16 0.47 -1.27 13.24
CA LYS A 16 0.52 -2.69 12.85
C LYS A 16 -0.75 -3.21 12.18
N PRO A 17 -1.95 -3.19 12.79
CA PRO A 17 -3.18 -3.58 12.10
C PRO A 17 -3.54 -2.62 10.95
N LYS A 18 -3.44 -1.29 11.11
CA LYS A 18 -3.77 -0.32 10.04
C LYS A 18 -2.93 -0.54 8.77
N TYR A 19 -1.68 -0.98 8.94
CA TYR A 19 -0.76 -1.45 7.91
C TYR A 19 -1.16 -2.84 7.40
N LEU A 20 -1.18 -3.85 8.27
CA LEU A 20 -1.50 -5.22 7.91
C LEU A 20 -2.79 -5.29 7.12
N GLN A 21 -3.88 -4.68 7.53
CA GLN A 21 -5.18 -4.82 6.88
C GLN A 21 -5.26 -4.17 5.49
N LEU A 22 -4.26 -3.36 5.11
CA LEU A 22 -3.97 -3.03 3.71
C LEU A 22 -3.03 -4.09 3.07
N LYS A 23 -1.94 -4.40 3.77
CA LYS A 23 -0.80 -5.23 3.31
C LYS A 23 -1.19 -6.68 3.07
N GLU A 24 -1.70 -7.33 4.12
CA GLU A 24 -2.40 -8.63 4.16
C GLU A 24 -3.33 -8.82 2.97
N LYS A 25 -4.18 -7.84 2.63
CA LYS A 25 -5.12 -7.93 1.49
C LYS A 25 -4.41 -8.14 0.15
N LEU A 26 -3.42 -7.30 -0.10
CA LEU A 26 -2.56 -7.28 -1.27
C LEU A 26 -1.73 -8.57 -1.39
N GLU A 27 -1.01 -8.93 -0.34
CA GLU A 27 -0.29 -10.20 -0.17
C GLU A 27 -1.16 -11.45 -0.25
N HIS A 28 -2.42 -11.42 0.21
CA HIS A 28 -3.37 -12.50 0.01
C HIS A 28 -3.78 -12.64 -1.46
N GLU A 29 -3.97 -11.52 -2.15
CA GLU A 29 -4.29 -11.54 -3.57
C GLU A 29 -3.13 -12.00 -4.46
N PHE A 30 -1.90 -11.63 -4.09
CA PHE A 30 -0.68 -11.77 -4.89
C PHE A 30 0.50 -12.40 -4.11
N PRO A 31 0.31 -13.57 -3.44
CA PRO A 31 1.30 -14.10 -2.52
C PRO A 31 2.62 -14.43 -3.22
N GLY A 32 3.71 -13.91 -2.64
CA GLY A 32 5.09 -13.92 -3.15
C GLY A 32 5.33 -13.29 -4.53
N CYS A 33 4.28 -13.03 -5.31
CA CYS A 33 4.31 -12.18 -6.48
C CYS A 33 4.45 -10.70 -6.11
N LEU A 34 4.30 -10.36 -4.83
CA LEU A 34 4.54 -9.07 -4.22
C LEU A 34 5.56 -9.17 -3.08
N ASP A 35 6.25 -8.07 -2.88
CA ASP A 35 6.77 -7.55 -1.63
C ASP A 35 5.92 -6.34 -1.23
N ILE A 36 5.69 -6.16 0.06
CA ILE A 36 5.18 -4.93 0.63
C ILE A 36 5.82 -4.72 2.00
N CYS A 37 6.76 -3.80 2.00
CA CYS A 37 7.26 -3.18 3.21
C CYS A 37 6.40 -1.96 3.56
N GLY A 38 6.62 -1.44 4.76
CA GLY A 38 5.98 -0.23 5.26
C GLY A 38 6.77 0.37 6.41
N GLU A 39 6.89 1.68 6.43
CA GLU A 39 7.89 2.47 7.14
C GLU A 39 7.18 3.40 8.14
N GLY A 40 6.27 2.79 8.90
CA GLY A 40 5.44 3.40 9.94
C GLY A 40 6.31 3.80 11.12
N THR A 41 6.74 5.06 11.13
CA THR A 41 7.83 5.59 11.97
C THR A 41 7.40 6.86 12.73
N PRO A 42 7.96 7.15 13.92
CA PRO A 42 7.61 8.36 14.65
C PRO A 42 8.11 9.64 13.96
N GLN A 43 7.63 10.79 14.40
CA GLN A 43 7.80 12.10 13.74
C GLN A 43 7.24 12.08 12.30
N VAL A 44 8.05 12.34 11.26
CA VAL A 44 7.80 12.48 9.80
C VAL A 44 6.67 13.39 9.29
N THR A 45 5.55 13.53 10.01
CA THR A 45 4.28 14.25 9.75
C THR A 45 3.20 13.28 9.29
N GLY A 46 1.91 13.58 9.51
CA GLY A 46 0.72 12.75 9.25
C GLY A 46 0.39 12.42 7.78
N PHE A 47 1.41 12.26 6.95
CA PHE A 47 1.38 11.64 5.64
C PHE A 47 1.12 10.12 5.79
N PHE A 48 0.74 9.45 4.69
CA PHE A 48 0.59 8.00 4.58
C PHE A 48 0.75 7.62 3.11
N GLU A 49 1.96 7.30 2.64
CA GLU A 49 2.26 7.42 1.22
C GLU A 49 2.66 6.05 0.64
N VAL A 50 1.81 5.48 -0.24
CA VAL A 50 1.95 4.09 -0.71
C VAL A 50 2.57 4.10 -2.10
N THR A 51 3.66 3.36 -2.26
CA THR A 51 4.48 3.33 -3.46
C THR A 51 4.64 1.89 -3.95
N VAL A 52 4.64 1.66 -5.27
CA VAL A 52 4.89 0.35 -5.92
C VAL A 52 5.84 0.55 -7.11
N ALA A 53 6.89 -0.28 -7.23
CA ALA A 53 7.94 -0.18 -8.26
C ALA A 53 8.50 1.26 -8.47
N GLY A 54 8.55 2.07 -7.40
CA GLY A 54 8.96 3.49 -7.44
C GLY A 54 7.87 4.47 -7.89
N LYS A 55 6.59 4.11 -7.81
CA LYS A 55 5.43 4.86 -8.30
C LYS A 55 4.39 5.01 -7.18
N LEU A 56 4.13 6.22 -6.71
CA LEU A 56 3.07 6.49 -5.73
C LEU A 56 1.69 6.16 -6.31
N VAL A 57 0.85 5.55 -5.48
CA VAL A 57 -0.56 5.23 -5.80
C VAL A 57 -1.53 5.80 -4.76
N HIS A 58 -1.02 6.05 -3.55
CA HIS A 58 -1.76 6.70 -2.48
C HIS A 58 -0.93 7.76 -1.77
N SER A 59 -1.61 8.75 -1.21
CA SER A 59 -1.08 9.83 -0.40
C SER A 59 -2.16 10.38 0.54
N LYS A 60 -2.03 10.22 1.86
CA LYS A 60 -2.84 11.04 2.77
C LYS A 60 -2.44 12.51 2.74
N LYS A 61 -1.17 12.85 2.44
CA LYS A 61 -0.64 14.21 2.29
C LYS A 61 -1.49 15.05 1.33
N ARG A 62 -1.70 14.57 0.10
CA ARG A 62 -2.52 15.25 -0.91
C ARG A 62 -4.03 15.12 -0.70
N GLY A 63 -4.46 14.36 0.30
CA GLY A 63 -5.87 14.13 0.58
C GLY A 63 -6.46 13.15 -0.42
N ASP A 64 -5.69 12.16 -0.90
CA ASP A 64 -6.31 11.06 -1.67
C ASP A 64 -7.32 10.24 -0.85
N GLY A 65 -7.11 10.15 0.47
CA GLY A 65 -7.89 9.24 1.33
C GLY A 65 -7.45 7.79 1.19
N TYR A 66 -7.48 7.03 2.27
CA TYR A 66 -7.02 5.65 2.42
C TYR A 66 -7.74 4.68 1.46
N VAL A 67 -7.68 3.38 1.72
CA VAL A 67 -8.87 2.56 1.44
C VAL A 67 -9.99 2.85 2.44
N ASP A 68 -10.56 4.03 2.24
CA ASP A 68 -11.69 4.60 2.95
C ASP A 68 -13.02 3.99 2.44
N THR A 69 -13.04 3.38 1.25
CA THR A 69 -14.18 2.68 0.65
C THR A 69 -13.74 1.51 -0.23
N GLU A 70 -14.69 0.67 -0.63
CA GLU A 70 -14.48 -0.36 -1.65
C GLU A 70 -13.96 0.20 -2.98
N SER A 71 -14.54 1.30 -3.45
CA SER A 71 -14.08 1.93 -4.71
C SER A 71 -12.62 2.41 -4.61
N LYS A 72 -12.27 2.92 -3.42
CA LYS A 72 -10.93 3.36 -3.06
C LYS A 72 -9.93 2.20 -3.02
N PHE A 73 -10.32 1.10 -2.38
CA PHE A 73 -9.59 -0.19 -2.41
C PHE A 73 -9.38 -0.70 -3.83
N ARG A 74 -10.44 -0.79 -4.63
CA ARG A 74 -10.41 -1.32 -6.00
C ARG A 74 -9.47 -0.57 -6.93
N LYS A 75 -9.22 0.72 -6.67
CA LYS A 75 -8.27 1.56 -7.38
C LYS A 75 -6.83 1.05 -7.25
N LEU A 76 -6.49 0.59 -6.05
CA LEU A 76 -5.20 -0.04 -5.76
C LEU A 76 -5.16 -1.46 -6.29
N VAL A 77 -6.20 -2.23 -5.97
CA VAL A 77 -6.32 -3.62 -6.44
C VAL A 77 -6.13 -3.69 -7.94
N THR A 78 -6.74 -2.78 -8.70
CA THR A 78 -6.61 -2.76 -10.16
C THR A 78 -5.19 -2.50 -10.60
N ALA A 79 -4.48 -1.59 -9.93
CA ALA A 79 -3.13 -1.24 -10.37
C ALA A 79 -2.10 -2.30 -9.99
N ILE A 80 -2.32 -2.94 -8.85
CA ILE A 80 -1.44 -4.01 -8.37
C ILE A 80 -1.70 -5.27 -9.19
N LYS A 81 -2.94 -5.55 -9.58
CA LYS A 81 -3.31 -6.73 -10.39
C LYS A 81 -2.70 -6.63 -11.79
N ALA A 82 -2.86 -5.45 -12.38
CA ALA A 82 -2.30 -5.14 -13.70
C ALA A 82 -0.77 -5.19 -13.68
N ALA A 83 -0.15 -4.53 -12.69
CA ALA A 83 1.30 -4.54 -12.52
C ALA A 83 1.85 -5.94 -12.25
N LEU A 84 1.10 -6.79 -11.54
CA LEU A 84 1.49 -8.17 -11.28
C LEU A 84 1.60 -8.96 -12.57
N ALA A 85 0.56 -8.92 -13.39
CA ALA A 85 0.55 -9.58 -14.69
C ALA A 85 1.60 -9.04 -15.68
N GLN A 86 2.10 -7.82 -15.46
CA GLN A 86 3.18 -7.19 -16.23
C GLN A 86 4.55 -7.67 -15.77
N CYS A 87 4.74 -7.70 -14.45
CA CYS A 87 5.95 -8.16 -13.80
C CYS A 87 6.16 -9.68 -13.93
N GLN A 88 5.09 -10.46 -14.07
CA GLN A 88 5.17 -11.92 -14.29
C GLN A 88 5.91 -12.31 -15.60
N MET A 1 8.18 -11.15 -12.86
CA MET A 1 8.72 -11.04 -11.49
C MET A 1 7.61 -10.69 -10.52
N ALA A 2 7.82 -10.90 -9.22
CA ALA A 2 6.89 -10.41 -8.20
C ALA A 2 6.98 -8.88 -8.04
N LEU A 3 5.93 -8.26 -7.48
CA LEU A 3 5.80 -6.81 -7.32
C LEU A 3 6.18 -6.39 -5.89
N ALA A 4 7.22 -5.56 -5.75
CA ALA A 4 7.65 -4.96 -4.49
C ALA A 4 6.74 -3.78 -4.09
N VAL A 5 6.02 -3.88 -2.97
CA VAL A 5 5.13 -2.83 -2.45
C VAL A 5 5.56 -2.42 -1.05
N ARG A 6 5.42 -1.15 -0.73
CA ARG A 6 5.86 -0.51 0.52
C ARG A 6 4.88 0.54 1.01
N VAL A 7 4.75 0.66 2.34
CA VAL A 7 4.01 1.72 3.02
C VAL A 7 4.89 2.28 4.13
N VAL A 8 5.38 3.50 3.92
CA VAL A 8 5.91 4.35 5.00
C VAL A 8 4.75 4.98 5.78
N TYR A 9 4.83 5.03 7.12
CA TYR A 9 3.90 5.75 8.02
C TYR A 9 4.55 5.99 9.40
N SER A 10 3.87 6.68 10.31
CA SER A 10 4.18 6.75 11.74
C SER A 10 3.69 5.51 12.49
N GLY A 11 4.39 5.14 13.56
CA GLY A 11 3.93 4.21 14.59
C GLY A 11 2.83 4.75 15.52
N ALA A 12 1.88 5.54 15.01
CA ALA A 12 0.84 6.27 15.76
C ALA A 12 -0.31 5.37 16.30
N CYS A 13 0.06 4.31 17.02
CA CYS A 13 -0.75 3.25 17.61
C CYS A 13 -1.67 2.49 16.64
N GLY A 14 -1.89 1.20 16.92
CA GLY A 14 -2.71 0.31 16.09
C GLY A 14 -2.27 0.15 14.62
N TYR A 15 -1.08 0.63 14.23
CA TYR A 15 -0.62 0.65 12.83
C TYR A 15 -0.57 -0.76 12.22
N LYS A 16 -0.12 -1.77 12.96
CA LYS A 16 -0.07 -3.18 12.51
C LYS A 16 -1.38 -3.70 11.89
N PRO A 17 -2.53 -3.76 12.61
CA PRO A 17 -3.80 -4.20 11.99
C PRO A 17 -4.29 -3.25 10.90
N LYS A 18 -4.11 -1.93 11.04
CA LYS A 18 -4.44 -0.93 9.99
C LYS A 18 -3.72 -1.25 8.66
N TYR A 19 -2.42 -1.57 8.74
CA TYR A 19 -1.58 -2.01 7.64
C TYR A 19 -2.10 -3.31 7.03
N LEU A 20 -2.24 -4.36 7.84
CA LEU A 20 -2.71 -5.68 7.41
C LEU A 20 -4.06 -5.62 6.69
N GLN A 21 -4.97 -4.74 7.08
CA GLN A 21 -6.30 -4.71 6.48
C GLN A 21 -6.24 -4.33 4.98
N LEU A 22 -5.20 -3.58 4.57
CA LEU A 22 -4.72 -3.48 3.18
C LEU A 22 -3.83 -4.68 2.81
N LYS A 23 -2.73 -4.92 3.54
CA LYS A 23 -1.63 -5.85 3.17
C LYS A 23 -2.14 -7.27 2.92
N GLU A 24 -2.83 -7.81 3.92
CA GLU A 24 -3.44 -9.15 3.95
C GLU A 24 -4.52 -9.35 2.87
N LYS A 25 -5.12 -8.28 2.34
CA LYS A 25 -5.94 -8.32 1.12
C LYS A 25 -5.10 -8.51 -0.14
N LEU A 26 -4.13 -7.63 -0.33
CA LEU A 26 -3.25 -7.55 -1.49
C LEU A 26 -2.44 -8.83 -1.72
N GLU A 27 -1.89 -9.38 -0.65
CA GLU A 27 -1.28 -10.71 -0.61
C GLU A 27 -2.26 -11.88 -0.82
N HIS A 28 -3.49 -11.81 -0.33
CA HIS A 28 -4.56 -12.79 -0.65
C HIS A 28 -4.93 -12.75 -2.15
N GLU A 29 -4.97 -11.56 -2.71
CA GLU A 29 -5.31 -11.24 -4.09
C GLU A 29 -4.22 -11.69 -5.09
N PHE A 30 -2.95 -11.46 -4.71
CA PHE A 30 -1.76 -11.70 -5.55
C PHE A 30 -0.66 -12.53 -4.83
N PRO A 31 -0.96 -13.72 -4.29
CA PRO A 31 -0.08 -14.44 -3.38
C PRO A 31 1.24 -14.84 -4.03
N GLY A 32 2.34 -14.48 -3.37
CA GLY A 32 3.74 -14.59 -3.83
C GLY A 32 4.08 -13.96 -5.18
N CYS A 33 3.09 -13.51 -5.94
CA CYS A 33 3.24 -12.60 -7.07
C CYS A 33 3.50 -11.16 -6.59
N LEU A 34 3.33 -10.90 -5.30
CA LEU A 34 3.64 -9.68 -4.60
C LEU A 34 4.55 -9.93 -3.40
N ASP A 35 5.29 -8.88 -3.09
CA ASP A 35 5.90 -8.53 -1.84
C ASP A 35 5.21 -7.26 -1.35
N ILE A 36 4.93 -7.17 -0.05
CA ILE A 36 4.50 -5.96 0.60
C ILE A 36 5.17 -5.89 1.98
N CYS A 37 5.83 -4.77 2.21
CA CYS A 37 6.39 -4.44 3.53
C CYS A 37 6.11 -2.99 3.95
N GLY A 38 6.64 -2.58 5.10
CA GLY A 38 6.42 -1.26 5.68
C GLY A 38 7.60 -0.75 6.49
N GLU A 39 7.73 0.58 6.56
CA GLU A 39 8.98 1.25 6.92
C GLU A 39 8.69 2.54 7.67
N GLY A 40 8.66 2.45 8.99
CA GLY A 40 7.97 3.41 9.86
C GLY A 40 8.64 4.78 10.06
N THR A 41 9.35 5.32 9.06
CA THR A 41 10.25 6.49 9.18
C THR A 41 10.02 7.60 8.12
N PRO A 42 8.92 8.37 8.23
CA PRO A 42 8.56 9.45 7.30
C PRO A 42 9.40 10.74 7.42
N GLN A 43 10.48 10.73 8.22
CA GLN A 43 11.35 11.84 8.63
C GLN A 43 10.65 12.93 9.48
N VAL A 44 9.40 13.31 9.16
CA VAL A 44 8.61 14.32 9.88
C VAL A 44 7.14 13.86 10.02
N THR A 45 6.50 14.26 11.11
CA THR A 45 5.07 14.06 11.47
C THR A 45 4.55 12.61 11.40
N GLY A 46 4.23 12.09 10.21
CA GLY A 46 3.51 10.81 10.06
C GLY A 46 2.82 10.59 8.71
N PHE A 47 3.58 10.69 7.61
CA PHE A 47 3.06 10.52 6.24
C PHE A 47 2.85 9.05 5.87
N PHE A 48 1.59 8.63 5.75
CA PHE A 48 1.15 7.35 5.17
C PHE A 48 1.28 7.40 3.64
N GLU A 49 2.35 6.82 3.10
CA GLU A 49 2.75 6.94 1.70
C GLU A 49 2.86 5.55 1.05
N VAL A 50 2.02 5.24 0.05
CA VAL A 50 2.00 3.87 -0.54
C VAL A 50 2.69 3.88 -1.90
N THR A 51 3.74 3.07 -2.04
CA THR A 51 4.56 2.95 -3.27
C THR A 51 4.59 1.51 -3.75
N VAL A 52 4.64 1.30 -5.07
CA VAL A 52 4.84 0.00 -5.73
C VAL A 52 5.88 0.12 -6.84
N ALA A 53 6.87 -0.77 -6.89
CA ALA A 53 8.02 -0.73 -7.80
C ALA A 53 8.72 0.65 -7.89
N GLY A 54 8.72 1.44 -6.80
CA GLY A 54 9.30 2.80 -6.77
C GLY A 54 8.35 3.91 -7.28
N LYS A 55 7.04 3.66 -7.29
CA LYS A 55 6.00 4.55 -7.84
C LYS A 55 4.87 4.75 -6.84
N LEU A 56 4.77 5.96 -6.28
CA LEU A 56 3.74 6.31 -5.30
C LEU A 56 2.35 6.34 -5.94
N VAL A 57 1.40 5.77 -5.22
CA VAL A 57 -0.02 5.68 -5.61
C VAL A 57 -0.89 6.47 -4.62
N HIS A 58 -0.43 6.60 -3.38
CA HIS A 58 -1.22 7.10 -2.26
C HIS A 58 -0.38 7.93 -1.30
N SER A 59 -1.00 8.91 -0.66
CA SER A 59 -0.31 9.94 0.12
C SER A 59 -1.25 10.69 1.06
N LYS A 60 -1.29 10.32 2.35
CA LYS A 60 -1.94 11.17 3.36
C LYS A 60 -1.37 12.59 3.46
N LYS A 61 -0.12 12.81 3.03
CA LYS A 61 0.50 14.14 2.94
C LYS A 61 -0.12 15.06 1.88
N ARG A 62 -0.76 14.49 0.84
CA ARG A 62 -1.52 15.21 -0.20
C ARG A 62 -3.02 15.27 0.06
N GLY A 63 -3.56 14.29 0.79
CA GLY A 63 -4.99 14.18 1.05
C GLY A 63 -5.73 13.28 0.07
N ASP A 64 -5.14 12.14 -0.23
CA ASP A 64 -5.81 10.95 -0.73
C ASP A 64 -7.05 10.55 0.08
N GLY A 65 -6.88 10.53 1.41
CA GLY A 65 -7.60 9.61 2.29
C GLY A 65 -6.65 8.56 2.86
N TYR A 66 -7.19 7.59 3.58
CA TYR A 66 -6.72 6.21 3.45
C TYR A 66 -7.42 5.60 2.22
N VAL A 67 -7.44 4.27 2.10
CA VAL A 67 -8.49 3.60 1.32
C VAL A 67 -9.80 3.54 2.10
N ASP A 68 -10.47 4.69 2.05
CA ASP A 68 -11.64 5.09 2.83
C ASP A 68 -12.94 4.40 2.39
N THR A 69 -12.94 3.79 1.21
CA THR A 69 -14.16 3.24 0.60
C THR A 69 -13.81 2.09 -0.32
N GLU A 70 -14.81 1.27 -0.62
CA GLU A 70 -14.70 0.15 -1.58
C GLU A 70 -14.10 0.64 -2.88
N SER A 71 -14.75 1.64 -3.46
CA SER A 71 -14.34 2.19 -4.75
C SER A 71 -12.94 2.84 -4.73
N LYS A 72 -12.52 3.31 -3.54
CA LYS A 72 -11.16 3.81 -3.30
C LYS A 72 -10.15 2.65 -3.22
N PHE A 73 -10.44 1.63 -2.40
CA PHE A 73 -9.62 0.43 -2.26
C PHE A 73 -9.45 -0.32 -3.59
N ARG A 74 -10.56 -0.61 -4.27
CA ARG A 74 -10.65 -1.30 -5.56
C ARG A 74 -9.87 -0.60 -6.67
N LYS A 75 -9.61 0.71 -6.54
CA LYS A 75 -8.73 1.49 -7.42
C LYS A 75 -7.28 1.01 -7.34
N LEU A 76 -6.84 0.68 -6.12
CA LEU A 76 -5.53 0.07 -5.86
C LEU A 76 -5.51 -1.37 -6.30
N VAL A 77 -6.48 -2.16 -5.85
CA VAL A 77 -6.56 -3.58 -6.25
C VAL A 77 -6.54 -3.73 -7.76
N THR A 78 -7.30 -2.90 -8.47
CA THR A 78 -7.33 -2.94 -9.94
C THR A 78 -6.00 -2.56 -10.55
N ALA A 79 -5.29 -1.59 -9.96
CA ALA A 79 -4.01 -1.15 -10.50
C ALA A 79 -2.88 -2.13 -10.23
N ILE A 80 -2.94 -2.80 -9.08
CA ILE A 80 -1.97 -3.83 -8.72
C ILE A 80 -2.27 -5.09 -9.53
N LYS A 81 -3.54 -5.38 -9.86
CA LYS A 81 -3.91 -6.53 -10.69
C LYS A 81 -3.34 -6.36 -12.10
N ALA A 82 -3.48 -5.15 -12.62
CA ALA A 82 -2.98 -4.71 -13.92
C ALA A 82 -1.46 -4.79 -13.96
N ALA A 83 -0.78 -4.23 -12.95
CA ALA A 83 0.67 -4.32 -12.81
C ALA A 83 1.18 -5.76 -12.71
N LEU A 84 0.45 -6.60 -11.97
CA LEU A 84 0.76 -8.03 -11.82
C LEU A 84 0.72 -8.72 -13.18
N ALA A 85 -0.39 -8.55 -13.90
CA ALA A 85 -0.58 -9.11 -15.24
C ALA A 85 0.38 -8.60 -16.32
N GLN A 86 1.05 -7.47 -16.07
CA GLN A 86 2.14 -6.91 -16.88
C GLN A 86 3.45 -7.61 -16.54
N CYS A 87 3.79 -7.62 -15.25
CA CYS A 87 5.00 -8.20 -14.69
C CYS A 87 5.09 -9.74 -14.72
N GLN A 88 3.97 -10.46 -14.80
CA GLN A 88 4.00 -11.93 -14.74
C GLN A 88 4.76 -12.60 -15.89
N MET A 1 9.10 -9.97 -12.56
CA MET A 1 9.35 -11.06 -11.58
C MET A 1 8.22 -11.00 -10.55
N ALA A 2 8.52 -11.00 -9.24
CA ALA A 2 7.67 -10.35 -8.24
C ALA A 2 7.70 -8.81 -8.40
N LEU A 3 6.89 -8.11 -7.60
CA LEU A 3 6.92 -6.66 -7.41
C LEU A 3 7.11 -6.36 -5.92
N ALA A 4 7.41 -5.11 -5.58
CA ALA A 4 7.57 -4.61 -4.21
C ALA A 4 6.75 -3.35 -3.96
N VAL A 5 5.97 -3.33 -2.87
CA VAL A 5 5.32 -2.13 -2.34
C VAL A 5 5.96 -1.73 -1.02
N ARG A 6 6.01 -0.43 -0.77
CA ARG A 6 6.43 0.21 0.49
C ARG A 6 5.32 1.14 1.00
N VAL A 7 5.35 1.44 2.30
CA VAL A 7 4.39 2.32 3.00
C VAL A 7 5.15 3.09 4.08
N VAL A 8 5.52 4.35 3.85
CA VAL A 8 6.01 5.19 4.98
C VAL A 8 4.82 5.61 5.84
N TYR A 9 4.95 5.55 7.18
CA TYR A 9 3.99 6.17 8.09
C TYR A 9 4.55 6.38 9.51
N SER A 10 3.93 7.26 10.29
CA SER A 10 4.09 7.39 11.74
C SER A 10 3.08 6.52 12.49
N GLY A 11 3.39 5.23 12.68
CA GLY A 11 2.54 4.25 13.37
C GLY A 11 2.40 4.43 14.89
N ALA A 12 2.30 5.66 15.39
CA ALA A 12 2.38 6.01 16.81
C ALA A 12 1.31 5.37 17.72
N CYS A 13 0.16 4.95 17.17
CA CYS A 13 -0.78 4.06 17.82
C CYS A 13 -1.55 3.24 16.77
N GLY A 14 -2.18 2.14 17.18
CA GLY A 14 -3.08 1.27 16.39
C GLY A 14 -2.54 0.67 15.08
N TYR A 15 -1.29 0.95 14.69
CA TYR A 15 -0.86 0.81 13.30
C TYR A 15 -0.85 -0.62 12.79
N LYS A 16 -0.36 -1.57 13.59
CA LYS A 16 -0.19 -2.98 13.17
C LYS A 16 -1.43 -3.58 12.49
N PRO A 17 -2.62 -3.69 13.14
CA PRO A 17 -3.80 -4.20 12.46
C PRO A 17 -4.30 -3.28 11.34
N LYS A 18 -4.21 -1.95 11.47
CA LYS A 18 -4.55 -1.00 10.38
C LYS A 18 -3.74 -1.30 9.11
N TYR A 19 -2.43 -1.49 9.26
CA TYR A 19 -1.47 -1.83 8.21
C TYR A 19 -1.80 -3.20 7.59
N LEU A 20 -1.85 -4.23 8.44
CA LEU A 20 -2.17 -5.59 8.00
C LEU A 20 -3.51 -5.66 7.25
N GLN A 21 -4.54 -4.92 7.60
CA GLN A 21 -5.85 -5.03 6.94
C GLN A 21 -5.76 -4.69 5.45
N LEU A 22 -4.96 -3.68 5.08
CA LEU A 22 -4.58 -3.45 3.69
C LEU A 22 -3.62 -4.53 3.16
N LYS A 23 -2.56 -4.86 3.94
CA LYS A 23 -1.46 -5.73 3.49
C LYS A 23 -1.94 -7.15 3.18
N GLU A 24 -2.58 -7.77 4.17
CA GLU A 24 -3.30 -9.05 4.10
C GLU A 24 -4.06 -9.23 2.78
N LYS A 25 -4.89 -8.25 2.41
CA LYS A 25 -5.74 -8.32 1.23
C LYS A 25 -4.93 -8.50 -0.05
N LEU A 26 -3.92 -7.66 -0.21
CA LEU A 26 -3.10 -7.59 -1.41
C LEU A 26 -2.17 -8.81 -1.55
N GLU A 27 -1.56 -9.24 -0.47
CA GLU A 27 -0.82 -10.49 -0.41
C GLU A 27 -1.70 -11.75 -0.54
N HIS A 28 -2.96 -11.71 -0.12
CA HIS A 28 -3.93 -12.78 -0.43
C HIS A 28 -4.33 -12.81 -1.91
N GLU A 29 -4.46 -11.64 -2.54
CA GLU A 29 -4.78 -11.45 -3.95
C GLU A 29 -3.63 -11.85 -4.89
N PHE A 30 -2.38 -11.60 -4.49
CA PHE A 30 -1.17 -11.74 -5.31
C PHE A 30 -0.03 -12.51 -4.60
N PRO A 31 -0.28 -13.66 -3.94
CA PRO A 31 0.70 -14.28 -3.05
C PRO A 31 1.98 -14.66 -3.79
N GLY A 32 3.12 -14.25 -3.22
CA GLY A 32 4.48 -14.37 -3.76
C GLY A 32 4.75 -13.72 -5.11
N CYS A 33 3.72 -13.29 -5.85
CA CYS A 33 3.84 -12.42 -6.99
C CYS A 33 4.20 -10.99 -6.56
N LEU A 34 4.03 -10.68 -5.28
CA LEU A 34 4.15 -9.35 -4.72
C LEU A 34 4.67 -9.39 -3.29
N ASP A 35 5.16 -8.23 -2.91
CA ASP A 35 5.52 -7.79 -1.57
C ASP A 35 4.77 -6.49 -1.22
N ILE A 36 4.53 -6.33 0.07
CA ILE A 36 4.33 -5.04 0.71
C ILE A 36 5.05 -5.06 2.07
N CYS A 37 5.87 -4.04 2.19
CA CYS A 37 6.66 -3.59 3.31
C CYS A 37 6.19 -2.21 3.78
N GLY A 38 6.77 -1.71 4.87
CA GLY A 38 6.43 -0.41 5.45
C GLY A 38 7.59 0.11 6.29
N GLU A 39 7.86 1.40 6.19
CA GLU A 39 9.16 1.98 6.48
C GLU A 39 8.95 3.14 7.46
N GLY A 40 8.87 2.80 8.73
CA GLY A 40 8.40 3.69 9.80
C GLY A 40 9.49 4.66 10.29
N THR A 41 9.84 5.63 9.44
CA THR A 41 10.87 6.65 9.70
C THR A 41 10.30 8.09 9.57
N PRO A 42 9.31 8.47 10.40
CA PRO A 42 8.66 9.78 10.36
C PRO A 42 9.52 10.84 11.07
N GLN A 43 9.09 12.11 11.00
CA GLN A 43 9.58 13.20 11.84
C GLN A 43 8.38 13.98 12.43
N VAL A 44 8.12 15.19 11.97
CA VAL A 44 7.14 16.12 12.59
C VAL A 44 5.67 15.88 12.18
N THR A 45 5.40 14.91 11.31
CA THR A 45 4.03 14.57 10.85
C THR A 45 3.96 13.14 10.28
N GLY A 46 2.73 12.64 10.12
CA GLY A 46 2.38 11.30 9.66
C GLY A 46 2.03 11.23 8.19
N PHE A 47 3.02 11.48 7.33
CA PHE A 47 2.99 11.12 5.91
C PHE A 47 2.78 9.60 5.76
N PHE A 48 1.52 9.18 5.60
CA PHE A 48 1.11 7.82 5.21
C PHE A 48 1.18 7.72 3.68
N GLU A 49 2.29 7.27 3.08
CA GLU A 49 2.46 7.27 1.64
C GLU A 49 2.86 5.91 1.06
N VAL A 50 2.09 5.39 0.09
CA VAL A 50 2.25 4.03 -0.46
C VAL A 50 2.91 4.09 -1.83
N THR A 51 3.95 3.29 -2.06
CA THR A 51 4.76 3.29 -3.27
C THR A 51 4.97 1.87 -3.82
N VAL A 52 4.59 1.58 -5.07
CA VAL A 52 4.84 0.29 -5.75
C VAL A 52 5.92 0.45 -6.81
N ALA A 53 7.00 -0.32 -6.68
CA ALA A 53 8.20 -0.29 -7.54
C ALA A 53 8.72 1.13 -7.86
N GLY A 54 8.53 2.10 -6.96
CA GLY A 54 8.90 3.52 -7.17
C GLY A 54 7.81 4.41 -7.76
N LYS A 55 6.53 4.04 -7.62
CA LYS A 55 5.34 4.80 -8.07
C LYS A 55 4.39 5.04 -6.89
N LEU A 56 4.16 6.30 -6.51
CA LEU A 56 3.17 6.66 -5.49
C LEU A 56 1.77 6.31 -5.96
N VAL A 57 1.06 5.56 -5.10
CA VAL A 57 -0.32 5.09 -5.33
C VAL A 57 -1.29 5.69 -4.30
N HIS A 58 -0.75 6.11 -3.15
CA HIS A 58 -1.49 6.74 -2.07
C HIS A 58 -0.65 7.79 -1.34
N SER A 59 -1.32 8.76 -0.75
CA SER A 59 -0.71 9.76 0.13
C SER A 59 -1.71 10.47 1.02
N LYS A 60 -1.49 10.46 2.33
CA LYS A 60 -2.18 11.42 3.21
C LYS A 60 -1.73 12.87 3.04
N LYS A 61 -0.55 13.17 2.46
CA LYS A 61 -0.13 14.56 2.18
C LYS A 61 -0.50 15.10 0.78
N ARG A 62 -0.74 14.25 -0.22
CA ARG A 62 -1.28 14.67 -1.53
C ARG A 62 -2.78 14.98 -1.52
N GLY A 63 -3.47 14.49 -0.49
CA GLY A 63 -4.90 14.75 -0.26
C GLY A 63 -5.78 13.53 -0.50
N ASP A 64 -5.20 12.32 -0.47
CA ASP A 64 -5.95 11.14 -0.89
C ASP A 64 -6.96 10.67 0.17
N GLY A 65 -6.48 10.55 1.41
CA GLY A 65 -7.21 9.92 2.53
C GLY A 65 -7.56 8.44 2.32
N TYR A 66 -7.60 7.71 3.44
CA TYR A 66 -7.85 6.27 3.45
C TYR A 66 -9.17 5.85 2.78
N VAL A 67 -9.40 4.54 2.72
CA VAL A 67 -10.60 3.94 2.14
C VAL A 67 -11.87 4.32 2.91
N ASP A 68 -12.55 5.33 2.37
CA ASP A 68 -13.94 5.65 2.64
C ASP A 68 -14.88 4.61 2.03
N THR A 69 -14.49 4.03 0.89
CA THR A 69 -15.33 3.18 0.08
C THR A 69 -14.57 1.97 -0.44
N GLU A 70 -15.31 0.90 -0.67
CA GLU A 70 -14.87 -0.27 -1.45
C GLU A 70 -14.32 0.13 -2.81
N SER A 71 -14.99 1.08 -3.48
CA SER A 71 -14.54 1.60 -4.76
C SER A 71 -13.16 2.25 -4.70
N LYS A 72 -12.83 2.94 -3.59
CA LYS A 72 -11.49 3.50 -3.38
C LYS A 72 -10.47 2.36 -3.27
N PHE A 73 -10.75 1.38 -2.43
CA PHE A 73 -9.88 0.21 -2.28
C PHE A 73 -9.65 -0.51 -3.62
N ARG A 74 -10.75 -0.85 -4.30
CA ARG A 74 -10.84 -1.59 -5.57
C ARG A 74 -10.12 -0.91 -6.72
N LYS A 75 -10.00 0.42 -6.70
CA LYS A 75 -9.16 1.22 -7.61
C LYS A 75 -7.71 0.75 -7.56
N LEU A 76 -7.22 0.57 -6.33
CA LEU A 76 -5.83 0.19 -6.05
C LEU A 76 -5.61 -1.29 -6.31
N VAL A 77 -6.57 -2.12 -5.88
CA VAL A 77 -6.58 -3.55 -6.22
C VAL A 77 -6.51 -3.77 -7.72
N THR A 78 -7.34 -3.07 -8.49
CA THR A 78 -7.37 -3.20 -9.94
C THR A 78 -6.06 -2.76 -10.58
N ALA A 79 -5.44 -1.71 -10.04
CA ALA A 79 -4.21 -1.18 -10.62
C ALA A 79 -2.99 -2.03 -10.30
N ILE A 80 -3.02 -2.66 -9.13
CA ILE A 80 -1.96 -3.57 -8.69
C ILE A 80 -2.15 -4.92 -9.38
N LYS A 81 -3.39 -5.34 -9.70
CA LYS A 81 -3.68 -6.56 -10.46
C LYS A 81 -3.12 -6.47 -11.88
N ALA A 82 -3.34 -5.31 -12.49
CA ALA A 82 -2.80 -4.95 -13.79
C ALA A 82 -1.26 -4.91 -13.75
N ALA A 83 -0.68 -4.18 -12.78
CA ALA A 83 0.77 -4.11 -12.60
C ALA A 83 1.42 -5.48 -12.36
N LEU A 84 0.70 -6.35 -11.65
CA LEU A 84 1.12 -7.72 -11.35
C LEU A 84 1.21 -8.55 -12.62
N ALA A 85 0.12 -8.61 -13.37
CA ALA A 85 0.07 -9.31 -14.66
C ALA A 85 1.06 -8.77 -15.71
N GLN A 86 1.47 -7.52 -15.55
CA GLN A 86 2.45 -6.81 -16.39
C GLN A 86 3.89 -7.11 -15.96
N CYS A 87 4.09 -7.32 -14.66
CA CYS A 87 5.34 -7.76 -14.05
C CYS A 87 5.63 -9.25 -14.26
N GLN A 88 4.59 -10.09 -14.35
CA GLN A 88 4.77 -11.54 -14.56
C GLN A 88 5.29 -11.96 -15.94
N MET A 1 10.09 -13.35 -10.28
CA MET A 1 10.20 -13.72 -8.86
C MET A 1 8.96 -13.31 -8.08
N ALA A 2 8.91 -12.11 -7.51
CA ALA A 2 7.76 -11.48 -6.87
C ALA A 2 7.87 -9.96 -7.08
N LEU A 3 6.92 -9.18 -6.57
CA LEU A 3 7.03 -7.74 -6.37
C LEU A 3 7.19 -7.42 -4.87
N ALA A 4 7.53 -6.18 -4.55
CA ALA A 4 7.54 -5.62 -3.20
C ALA A 4 6.83 -4.25 -3.16
N VAL A 5 6.05 -4.01 -2.11
CA VAL A 5 5.25 -2.78 -1.95
C VAL A 5 5.52 -2.16 -0.59
N ARG A 6 5.39 -0.85 -0.53
CA ARG A 6 5.72 -0.01 0.62
C ARG A 6 4.54 0.88 1.01
N VAL A 7 4.49 1.24 2.30
CA VAL A 7 3.67 2.27 2.92
C VAL A 7 4.55 3.10 3.85
N VAL A 8 5.02 4.27 3.41
CA VAL A 8 5.55 5.25 4.37
C VAL A 8 4.38 5.71 5.23
N TYR A 9 4.57 5.84 6.54
CA TYR A 9 3.68 6.60 7.43
C TYR A 9 4.53 7.17 8.60
N SER A 10 3.92 7.84 9.58
CA SER A 10 4.57 8.15 10.85
C SER A 10 4.19 7.12 11.93
N GLY A 11 5.00 7.08 12.99
CA GLY A 11 4.81 6.24 14.19
C GLY A 11 3.67 6.69 15.13
N ALA A 12 2.54 7.12 14.58
CA ALA A 12 1.38 7.75 15.24
C ALA A 12 0.58 6.88 16.26
N CYS A 13 1.20 5.84 16.84
CA CYS A 13 0.54 4.73 17.54
C CYS A 13 -0.49 3.99 16.64
N GLY A 14 -1.11 2.92 17.13
CA GLY A 14 -2.23 2.18 16.52
C GLY A 14 -2.06 1.58 15.10
N TYR A 15 -0.99 1.89 14.35
CA TYR A 15 -0.89 1.65 12.92
C TYR A 15 -1.03 0.18 12.50
N LYS A 16 -0.36 -0.75 13.20
CA LYS A 16 -0.21 -2.16 12.83
C LYS A 16 -1.53 -2.83 12.36
N PRO A 17 -2.63 -2.85 13.12
CA PRO A 17 -3.89 -3.41 12.64
C PRO A 17 -4.50 -2.66 11.45
N LYS A 18 -4.47 -1.32 11.34
CA LYS A 18 -5.00 -0.66 10.11
C LYS A 18 -4.10 -0.93 8.90
N TYR A 19 -2.79 -1.03 9.10
CA TYR A 19 -1.81 -1.52 8.12
C TYR A 19 -2.20 -2.92 7.63
N LEU A 20 -2.25 -3.90 8.53
CA LEU A 20 -2.64 -5.29 8.26
C LEU A 20 -4.01 -5.39 7.59
N GLN A 21 -5.00 -4.61 7.99
CA GLN A 21 -6.36 -4.65 7.48
C GLN A 21 -6.45 -4.24 6.00
N LEU A 22 -5.52 -3.41 5.51
CA LEU A 22 -5.26 -3.26 4.07
C LEU A 22 -4.36 -4.38 3.52
N LYS A 23 -3.28 -4.72 4.23
CA LYS A 23 -2.23 -5.65 3.78
C LYS A 23 -2.80 -7.03 3.48
N GLU A 24 -3.44 -7.61 4.49
CA GLU A 24 -4.21 -8.86 4.45
C GLU A 24 -5.06 -8.99 3.19
N LYS A 25 -5.80 -7.95 2.83
CA LYS A 25 -6.64 -7.90 1.62
C LYS A 25 -5.83 -8.05 0.33
N LEU A 26 -4.77 -7.27 0.21
CA LEU A 26 -3.86 -7.21 -0.93
C LEU A 26 -3.14 -8.54 -1.16
N GLU A 27 -2.56 -9.08 -0.10
CA GLU A 27 -1.97 -10.41 -0.03
C GLU A 27 -2.96 -11.56 -0.21
N HIS A 28 -4.20 -11.46 0.25
CA HIS A 28 -5.25 -12.45 -0.04
C HIS A 28 -5.58 -12.50 -1.54
N GLU A 29 -5.56 -11.35 -2.21
CA GLU A 29 -5.71 -11.25 -3.68
C GLU A 29 -4.47 -11.78 -4.43
N PHE A 30 -3.26 -11.51 -3.93
CA PHE A 30 -1.99 -11.80 -4.61
C PHE A 30 -0.97 -12.55 -3.74
N PRO A 31 -1.30 -13.71 -3.15
CA PRO A 31 -0.44 -14.33 -2.15
C PRO A 31 0.84 -14.86 -2.78
N GLY A 32 1.98 -14.45 -2.23
CA GLY A 32 3.34 -14.74 -2.71
C GLY A 32 3.70 -14.24 -4.11
N CYS A 33 2.71 -13.85 -4.92
CA CYS A 33 2.87 -13.00 -6.09
C CYS A 33 3.38 -11.60 -5.71
N LEU A 34 3.24 -11.24 -4.45
CA LEU A 34 3.64 -9.96 -3.90
C LEU A 34 4.08 -10.07 -2.44
N ASP A 35 4.83 -9.06 -2.06
CA ASP A 35 4.96 -8.48 -0.73
C ASP A 35 4.24 -7.13 -0.68
N ILE A 36 3.79 -6.78 0.52
CA ILE A 36 3.58 -5.42 0.97
C ILE A 36 4.13 -5.29 2.39
N CYS A 37 4.78 -4.15 2.61
CA CYS A 37 5.51 -3.69 3.77
C CYS A 37 5.27 -2.19 3.95
N GLY A 38 5.93 -1.60 4.94
CA GLY A 38 6.02 -0.16 5.08
C GLY A 38 6.82 0.25 6.31
N GLU A 39 7.24 1.51 6.35
CA GLU A 39 8.23 2.03 7.28
C GLU A 39 7.65 3.28 7.95
N GLY A 40 7.01 3.02 9.08
CA GLY A 40 6.37 4.00 9.97
C GLY A 40 7.41 4.77 10.81
N THR A 41 8.13 5.67 10.16
CA THR A 41 9.22 6.48 10.74
C THR A 41 8.76 7.34 11.93
N PRO A 42 9.63 7.64 12.92
CA PRO A 42 9.31 8.58 14.00
C PRO A 42 9.17 10.03 13.52
N GLN A 43 9.48 10.35 12.26
CA GLN A 43 9.20 11.66 11.66
C GLN A 43 7.69 11.96 11.71
N VAL A 44 7.30 13.01 12.43
CA VAL A 44 5.89 13.46 12.61
C VAL A 44 5.12 13.79 11.33
N THR A 45 5.76 13.78 10.16
CA THR A 45 5.16 13.79 8.83
C THR A 45 4.29 12.54 8.59
N GLY A 46 3.03 12.58 9.04
CA GLY A 46 2.02 11.50 8.95
C GLY A 46 1.50 11.24 7.53
N PHE A 47 2.41 11.08 6.58
CA PHE A 47 2.18 10.92 5.15
C PHE A 47 2.10 9.43 4.81
N PHE A 48 0.87 8.88 4.88
CA PHE A 48 0.51 7.53 4.45
C PHE A 48 0.65 7.41 2.91
N GLU A 49 1.79 6.97 2.39
CA GLU A 49 2.11 7.02 0.97
C GLU A 49 2.46 5.64 0.41
N VAL A 50 1.60 5.11 -0.49
CA VAL A 50 1.67 3.72 -0.92
C VAL A 50 2.37 3.62 -2.27
N THR A 51 3.39 2.77 -2.35
CA THR A 51 4.28 2.68 -3.51
C THR A 51 4.55 1.22 -3.88
N VAL A 52 4.29 0.83 -5.13
CA VAL A 52 4.45 -0.54 -5.67
C VAL A 52 5.67 -0.58 -6.58
N ALA A 53 6.73 -1.28 -6.19
CA ALA A 53 8.04 -1.34 -6.86
C ALA A 53 8.68 0.02 -7.26
N GLY A 54 8.27 1.13 -6.65
CA GLY A 54 8.72 2.49 -7.02
C GLY A 54 7.70 3.31 -7.84
N LYS A 55 6.42 2.94 -7.77
CA LYS A 55 5.29 3.67 -8.36
C LYS A 55 4.32 4.08 -7.26
N LEU A 56 4.23 5.37 -6.94
CA LEU A 56 3.23 5.88 -6.01
C LEU A 56 1.83 5.68 -6.59
N VAL A 57 0.96 5.12 -5.77
CA VAL A 57 -0.41 4.76 -6.17
C VAL A 57 -1.45 5.51 -5.33
N HIS A 58 -1.00 6.02 -4.18
CA HIS A 58 -1.79 6.60 -3.09
C HIS A 58 -0.97 7.56 -2.24
N SER A 59 -1.60 8.58 -1.65
CA SER A 59 -0.94 9.59 -0.81
C SER A 59 -1.87 10.37 0.14
N LYS A 60 -1.73 10.20 1.46
CA LYS A 60 -2.33 11.13 2.42
C LYS A 60 -1.95 12.60 2.17
N LYS A 61 -0.67 12.91 1.88
CA LYS A 61 -0.21 14.30 1.71
C LYS A 61 -0.60 14.99 0.39
N ARG A 62 -0.86 14.23 -0.69
CA ARG A 62 -1.49 14.78 -1.91
C ARG A 62 -3.00 15.04 -1.77
N GLY A 63 -3.61 14.49 -0.71
CA GLY A 63 -5.04 14.57 -0.44
C GLY A 63 -5.83 13.35 -0.91
N ASP A 64 -5.18 12.18 -0.99
CA ASP A 64 -5.84 10.95 -1.42
C ASP A 64 -6.59 10.23 -0.30
N GLY A 65 -6.37 10.62 0.98
CA GLY A 65 -6.92 9.92 2.13
C GLY A 65 -6.12 8.66 2.42
N TYR A 66 -6.71 7.81 3.24
CA TYR A 66 -6.40 6.39 3.35
C TYR A 66 -7.33 5.57 2.44
N VAL A 67 -7.35 4.24 2.57
CA VAL A 67 -8.60 3.51 2.26
C VAL A 67 -9.70 3.91 3.26
N ASP A 68 -10.62 4.70 2.70
CA ASP A 68 -11.76 5.34 3.32
C ASP A 68 -13.08 4.94 2.64
N THR A 69 -13.00 4.24 1.50
CA THR A 69 -14.17 3.77 0.73
C THR A 69 -13.80 2.55 -0.11
N GLU A 70 -14.82 1.85 -0.60
CA GLU A 70 -14.70 0.74 -1.56
C GLU A 70 -13.91 1.19 -2.78
N SER A 71 -14.40 2.27 -3.36
CA SER A 71 -13.80 2.87 -4.56
C SER A 71 -12.31 3.17 -4.36
N LYS A 72 -11.96 3.63 -3.15
CA LYS A 72 -10.59 3.94 -2.77
C LYS A 72 -9.69 2.71 -2.67
N PHE A 73 -10.23 1.63 -2.09
CA PHE A 73 -9.58 0.31 -2.06
C PHE A 73 -9.43 -0.26 -3.48
N ARG A 74 -10.51 -0.29 -4.26
CA ARG A 74 -10.60 -0.83 -5.63
C ARG A 74 -9.64 -0.19 -6.64
N LYS A 75 -9.38 1.11 -6.50
CA LYS A 75 -8.37 1.90 -7.20
C LYS A 75 -6.94 1.42 -6.95
N LEU A 76 -6.68 0.90 -5.76
CA LEU A 76 -5.43 0.22 -5.42
C LEU A 76 -5.43 -1.23 -5.85
N VAL A 77 -6.50 -1.96 -5.54
CA VAL A 77 -6.63 -3.37 -5.94
C VAL A 77 -6.36 -3.53 -7.43
N THR A 78 -7.00 -2.68 -8.24
CA THR A 78 -6.86 -2.71 -9.69
C THR A 78 -5.46 -2.37 -10.15
N ALA A 79 -4.73 -1.52 -9.41
CA ALA A 79 -3.35 -1.19 -9.75
C ALA A 79 -2.34 -2.24 -9.31
N ILE A 80 -2.63 -2.99 -8.25
CA ILE A 80 -1.83 -4.13 -7.83
C ILE A 80 -2.14 -5.34 -8.73
N LYS A 81 -3.38 -5.46 -9.25
CA LYS A 81 -3.78 -6.50 -10.22
C LYS A 81 -3.02 -6.34 -11.53
N ALA A 82 -2.90 -5.09 -11.96
CA ALA A 82 -2.11 -4.68 -13.11
C ALA A 82 -0.61 -4.92 -12.86
N ALA A 83 -0.07 -4.44 -11.74
CA ALA A 83 1.34 -4.62 -11.39
C ALA A 83 1.73 -6.10 -11.25
N LEU A 84 0.78 -6.93 -10.81
CA LEU A 84 0.91 -8.39 -10.74
C LEU A 84 1.12 -8.97 -12.12
N ALA A 85 0.14 -8.78 -12.99
CA ALA A 85 0.18 -9.30 -14.36
C ALA A 85 1.36 -8.78 -15.21
N GLN A 86 1.97 -7.67 -14.79
CA GLN A 86 3.19 -7.11 -15.38
C GLN A 86 4.43 -7.83 -14.85
N CYS A 87 4.53 -7.92 -13.52
CA CYS A 87 5.57 -8.65 -12.80
C CYS A 87 5.59 -10.15 -13.07
N GLN A 88 4.43 -10.73 -13.42
CA GLN A 88 4.28 -12.15 -13.73
C GLN A 88 5.09 -12.59 -14.97
N MET A 1 8.41 -10.19 -12.90
CA MET A 1 8.81 -10.24 -11.47
C MET A 1 7.60 -10.36 -10.56
N ALA A 2 7.82 -10.70 -9.29
CA ALA A 2 6.87 -10.43 -8.21
C ALA A 2 6.88 -8.93 -7.87
N LEU A 3 5.71 -8.34 -7.57
CA LEU A 3 5.52 -6.90 -7.57
C LEU A 3 5.85 -6.29 -6.20
N ALA A 4 6.91 -5.51 -6.17
CA ALA A 4 7.54 -4.92 -4.99
C ALA A 4 6.77 -3.68 -4.45
N VAL A 5 5.99 -3.80 -3.36
CA VAL A 5 5.19 -2.71 -2.77
C VAL A 5 5.78 -2.29 -1.41
N ARG A 6 5.71 -0.99 -1.13
CA ARG A 6 6.08 -0.31 0.12
C ARG A 6 4.98 0.66 0.56
N VAL A 7 5.00 1.02 1.85
CA VAL A 7 4.22 2.12 2.44
C VAL A 7 5.11 2.81 3.47
N VAL A 8 5.40 4.10 3.28
CA VAL A 8 5.99 4.93 4.36
C VAL A 8 4.87 5.50 5.23
N TYR A 9 5.02 5.53 6.55
CA TYR A 9 4.09 6.24 7.45
C TYR A 9 4.80 6.75 8.69
N SER A 10 4.23 7.76 9.35
CA SER A 10 4.68 8.25 10.65
C SER A 10 4.13 7.37 11.79
N GLY A 11 4.86 6.30 12.12
CA GLY A 11 4.50 5.16 12.98
C GLY A 11 4.26 5.45 14.46
N ALA A 12 3.37 6.38 14.78
CA ALA A 12 2.94 6.78 16.12
C ALA A 12 2.01 5.73 16.80
N CYS A 13 2.46 4.48 16.86
CA CYS A 13 1.67 3.28 17.20
C CYS A 13 0.42 3.08 16.29
N GLY A 14 -0.38 2.05 16.57
CA GLY A 14 -1.61 1.64 15.82
C GLY A 14 -1.42 1.18 14.36
N TYR A 15 -0.31 1.54 13.73
CA TYR A 15 -0.07 1.39 12.29
C TYR A 15 -0.02 -0.07 11.82
N LYS A 16 0.49 -0.99 12.65
CA LYS A 16 0.63 -2.43 12.32
C LYS A 16 -0.68 -3.06 11.80
N PRO A 17 -1.78 -3.21 12.56
CA PRO A 17 -3.01 -3.80 12.03
C PRO A 17 -3.65 -2.94 10.92
N LYS A 18 -3.49 -1.60 10.93
CA LYS A 18 -3.95 -0.72 9.84
C LYS A 18 -3.27 -1.04 8.50
N TYR A 19 -1.97 -1.33 8.54
CA TYR A 19 -1.17 -1.84 7.44
C TYR A 19 -1.65 -3.24 7.03
N LEU A 20 -1.66 -4.19 7.97
CA LEU A 20 -2.04 -5.58 7.70
C LEU A 20 -3.38 -5.67 6.96
N GLN A 21 -4.40 -4.92 7.37
CA GLN A 21 -5.72 -5.03 6.76
C GLN A 21 -5.78 -4.59 5.28
N LEU A 22 -4.80 -3.82 4.79
CA LEU A 22 -4.53 -3.68 3.35
C LEU A 22 -3.59 -4.80 2.85
N LYS A 23 -2.53 -5.13 3.59
CA LYS A 23 -1.50 -6.10 3.22
C LYS A 23 -2.05 -7.51 3.01
N GLU A 24 -2.71 -8.04 4.04
CA GLU A 24 -3.50 -9.27 4.12
C GLU A 24 -4.82 -9.21 3.31
N LYS A 25 -4.96 -8.23 2.42
CA LYS A 25 -5.71 -8.28 1.16
C LYS A 25 -4.78 -8.48 -0.03
N LEU A 26 -3.87 -7.54 -0.28
CA LEU A 26 -3.03 -7.47 -1.48
C LEU A 26 -2.18 -8.74 -1.73
N GLU A 27 -1.60 -9.29 -0.68
CA GLU A 27 -0.93 -10.59 -0.66
C GLU A 27 -1.88 -11.80 -0.82
N HIS A 28 -3.08 -11.75 -0.24
CA HIS A 28 -4.12 -12.76 -0.44
C HIS A 28 -4.63 -12.79 -1.89
N GLU A 29 -4.80 -11.62 -2.50
CA GLU A 29 -5.20 -11.43 -3.89
C GLU A 29 -4.16 -12.03 -4.85
N PHE A 30 -2.88 -11.82 -4.54
CA PHE A 30 -1.74 -12.01 -5.45
C PHE A 30 -0.57 -12.79 -4.81
N PRO A 31 -0.78 -13.98 -4.21
CA PRO A 31 0.19 -14.63 -3.34
C PRO A 31 1.45 -15.05 -4.09
N GLY A 32 2.59 -14.61 -3.59
CA GLY A 32 3.91 -14.70 -4.21
C GLY A 32 4.09 -14.02 -5.58
N CYS A 33 3.01 -13.60 -6.23
CA CYS A 33 3.04 -12.64 -7.33
C CYS A 33 3.38 -11.22 -6.86
N LEU A 34 3.38 -10.99 -5.55
CA LEU A 34 3.58 -9.72 -4.88
C LEU A 34 4.49 -9.83 -3.66
N ASP A 35 4.95 -8.64 -3.26
CA ASP A 35 5.60 -8.24 -2.02
C ASP A 35 4.95 -6.95 -1.55
N ILE A 36 4.68 -6.82 -0.26
CA ILE A 36 4.38 -5.56 0.40
C ILE A 36 5.14 -5.51 1.73
N CYS A 37 6.11 -4.62 1.80
CA CYS A 37 6.73 -4.16 3.03
C CYS A 37 6.29 -2.74 3.37
N GLY A 38 6.92 -2.15 4.39
CA GLY A 38 6.61 -0.82 4.89
C GLY A 38 7.71 -0.18 5.76
N GLU A 39 7.59 1.13 5.97
CA GLU A 39 8.57 2.05 6.53
C GLU A 39 7.88 3.03 7.49
N GLY A 40 7.27 2.44 8.51
CA GLY A 40 6.55 3.12 9.61
C GLY A 40 7.46 3.85 10.59
N THR A 41 8.25 4.82 10.12
CA THR A 41 9.25 5.58 10.91
C THR A 41 8.62 6.21 12.17
N PRO A 42 9.21 6.00 13.38
CA PRO A 42 8.62 6.39 14.67
C PRO A 42 8.75 7.90 14.96
N GLN A 43 8.06 8.69 14.14
CA GLN A 43 7.90 10.15 14.21
C GLN A 43 6.44 10.52 13.90
N VAL A 44 6.11 11.80 13.75
CA VAL A 44 4.73 12.30 13.57
C VAL A 44 4.65 13.26 12.38
N THR A 45 3.97 12.86 11.31
CA THR A 45 3.69 13.71 10.12
C THR A 45 2.30 13.50 9.52
N GLY A 46 1.68 12.33 9.72
CA GLY A 46 0.38 11.96 9.14
C GLY A 46 0.43 11.54 7.66
N PHE A 47 1.60 11.65 7.01
CA PHE A 47 1.89 11.13 5.68
C PHE A 47 1.81 9.59 5.69
N PHE A 48 1.26 9.00 4.62
CA PHE A 48 0.94 7.59 4.43
C PHE A 48 1.08 7.27 2.93
N GLU A 49 2.26 6.80 2.50
CA GLU A 49 2.77 7.01 1.16
C GLU A 49 3.06 5.67 0.43
N VAL A 50 2.21 5.26 -0.50
CA VAL A 50 2.20 3.90 -1.06
C VAL A 50 2.88 3.88 -2.42
N THR A 51 3.91 3.06 -2.55
CA THR A 51 4.70 2.85 -3.76
C THR A 51 4.66 1.39 -4.19
N VAL A 52 4.57 1.12 -5.49
CA VAL A 52 4.70 -0.21 -6.10
C VAL A 52 5.64 -0.16 -7.29
N ALA A 53 6.65 -1.05 -7.34
CA ALA A 53 7.77 -1.04 -8.28
C ALA A 53 8.38 0.36 -8.56
N GLY A 54 8.38 1.26 -7.56
CA GLY A 54 8.85 2.66 -7.66
C GLY A 54 7.79 3.68 -8.12
N LYS A 55 6.53 3.27 -8.28
CA LYS A 55 5.37 4.10 -8.65
C LYS A 55 4.57 4.48 -7.41
N LEU A 56 4.66 5.74 -6.96
CA LEU A 56 3.76 6.34 -5.97
C LEU A 56 2.32 6.37 -6.49
N VAL A 57 1.45 5.67 -5.77
CA VAL A 57 0.02 5.52 -6.08
C VAL A 57 -0.83 6.35 -5.13
N HIS A 58 -0.33 6.54 -3.90
CA HIS A 58 -1.12 7.05 -2.79
C HIS A 58 -0.28 7.86 -1.82
N SER A 59 -0.89 8.84 -1.17
CA SER A 59 -0.17 9.85 -0.40
C SER A 59 -1.11 10.65 0.51
N LYS A 60 -1.04 10.50 1.83
CA LYS A 60 -1.60 11.53 2.72
C LYS A 60 -0.84 12.86 2.67
N LYS A 61 0.44 12.89 2.27
CA LYS A 61 1.20 14.14 2.03
C LYS A 61 0.59 14.99 0.91
N ARG A 62 0.03 14.37 -0.14
CA ARG A 62 -0.75 15.08 -1.16
C ARG A 62 -2.20 15.30 -0.73
N GLY A 63 -2.74 14.35 0.04
CA GLY A 63 -3.99 14.49 0.77
C GLY A 63 -5.08 13.54 0.34
N ASP A 64 -4.71 12.56 -0.48
CA ASP A 64 -5.55 11.55 -1.14
C ASP A 64 -6.70 11.05 -0.26
N GLY A 65 -6.33 10.62 0.94
CA GLY A 65 -7.12 9.74 1.77
C GLY A 65 -6.29 8.59 2.30
N TYR A 66 -6.96 7.51 2.64
CA TYR A 66 -6.52 6.15 2.87
C TYR A 66 -7.17 5.23 1.83
N VAL A 67 -7.34 3.94 2.13
CA VAL A 67 -8.51 3.23 1.58
C VAL A 67 -9.79 3.56 2.37
N ASP A 68 -10.37 4.69 2.00
CA ASP A 68 -11.51 5.32 2.66
C ASP A 68 -12.86 4.69 2.31
N THR A 69 -12.88 3.87 1.27
CA THR A 69 -14.09 3.35 0.61
C THR A 69 -13.81 2.04 -0.10
N GLU A 70 -14.86 1.37 -0.55
CA GLU A 70 -14.76 0.24 -1.48
C GLU A 70 -14.07 0.66 -2.76
N SER A 71 -14.60 1.71 -3.37
CA SER A 71 -14.05 2.23 -4.64
C SER A 71 -12.58 2.58 -4.54
N LYS A 72 -12.19 3.14 -3.39
CA LYS A 72 -10.81 3.46 -3.00
C LYS A 72 -9.93 2.22 -2.97
N PHE A 73 -10.34 1.22 -2.20
CA PHE A 73 -9.65 -0.08 -2.15
C PHE A 73 -9.55 -0.71 -3.55
N ARG A 74 -10.67 -0.81 -4.26
CA ARG A 74 -10.79 -1.42 -5.59
C ARG A 74 -10.00 -0.71 -6.68
N LYS A 75 -9.73 0.59 -6.54
CA LYS A 75 -8.78 1.35 -7.36
C LYS A 75 -7.37 0.79 -7.20
N LEU A 76 -6.96 0.51 -5.96
CA LEU A 76 -5.65 -0.04 -5.67
C LEU A 76 -5.55 -1.50 -6.12
N VAL A 77 -6.58 -2.30 -5.82
CA VAL A 77 -6.67 -3.68 -6.32
C VAL A 77 -6.59 -3.72 -7.83
N THR A 78 -7.35 -2.86 -8.51
CA THR A 78 -7.34 -2.81 -9.97
C THR A 78 -5.96 -2.49 -10.50
N ALA A 79 -5.28 -1.53 -9.89
CA ALA A 79 -3.97 -1.12 -10.39
C ALA A 79 -2.89 -2.18 -10.17
N ILE A 80 -3.00 -2.89 -9.05
CA ILE A 80 -2.05 -3.94 -8.70
C ILE A 80 -2.32 -5.20 -9.53
N LYS A 81 -3.59 -5.48 -9.86
CA LYS A 81 -3.98 -6.64 -10.69
C LYS A 81 -3.51 -6.41 -12.12
N ALA A 82 -3.68 -5.18 -12.60
CA ALA A 82 -3.22 -4.72 -13.91
C ALA A 82 -1.69 -4.81 -14.01
N ALA A 83 -0.99 -4.20 -13.05
CA ALA A 83 0.47 -4.20 -13.00
C ALA A 83 1.06 -5.61 -12.91
N LEU A 84 0.41 -6.48 -12.13
CA LEU A 84 0.71 -7.90 -12.09
C LEU A 84 0.60 -8.53 -13.48
N ALA A 85 -0.60 -8.42 -14.06
CA ALA A 85 -0.89 -8.95 -15.41
C ALA A 85 -0.08 -8.32 -16.57
N GLN A 86 0.69 -7.27 -16.30
CA GLN A 86 1.74 -6.73 -17.19
C GLN A 86 3.10 -7.37 -16.89
N CYS A 87 3.47 -7.38 -15.61
CA CYS A 87 4.72 -7.96 -15.09
C CYS A 87 4.82 -9.49 -15.23
N GLN A 88 3.70 -10.21 -15.43
CA GLN A 88 3.71 -11.66 -15.68
C GLN A 88 4.53 -12.05 -16.92
N MET A 1 11.71 -9.80 -10.88
CA MET A 1 10.68 -10.76 -10.45
C MET A 1 9.89 -10.17 -9.30
N ALA A 2 8.57 -10.40 -9.27
CA ALA A 2 7.61 -9.75 -8.39
C ALA A 2 7.60 -8.20 -8.48
N LEU A 3 6.76 -7.55 -7.67
CA LEU A 3 6.54 -6.10 -7.65
C LEU A 3 6.72 -5.54 -6.24
N ALA A 4 7.62 -4.57 -6.09
CA ALA A 4 8.16 -4.08 -4.81
C ALA A 4 7.40 -2.87 -4.20
N VAL A 5 6.52 -3.06 -3.21
CA VAL A 5 5.63 -2.03 -2.65
C VAL A 5 6.07 -1.59 -1.25
N ARG A 6 5.82 -0.32 -0.95
CA ARG A 6 6.20 0.42 0.26
C ARG A 6 5.03 1.30 0.78
N VAL A 7 5.07 1.65 2.07
CA VAL A 7 4.11 2.51 2.79
C VAL A 7 4.87 3.37 3.80
N VAL A 8 5.07 4.66 3.54
CA VAL A 8 5.75 5.59 4.46
C VAL A 8 4.72 6.30 5.36
N TYR A 9 4.76 6.07 6.68
CA TYR A 9 3.78 6.60 7.66
C TYR A 9 4.46 7.17 8.90
N SER A 10 3.77 8.08 9.58
CA SER A 10 3.99 8.45 10.98
C SER A 10 3.60 7.32 11.94
N GLY A 11 4.48 6.34 12.14
CA GLY A 11 4.24 5.07 12.86
C GLY A 11 4.14 5.17 14.39
N ALA A 12 3.45 6.19 14.91
CA ALA A 12 3.21 6.50 16.33
C ALA A 12 2.29 5.47 17.03
N CYS A 13 2.77 4.22 17.11
CA CYS A 13 2.01 3.02 17.44
C CYS A 13 0.82 2.79 16.47
N GLY A 14 -0.03 1.79 16.74
CA GLY A 14 -1.23 1.42 15.97
C GLY A 14 -1.00 0.94 14.52
N TYR A 15 0.14 1.23 13.92
CA TYR A 15 0.41 1.00 12.50
C TYR A 15 0.47 -0.47 12.11
N LYS A 16 0.91 -1.37 12.99
CA LYS A 16 1.07 -2.81 12.72
C LYS A 16 -0.19 -3.49 12.18
N PRO A 17 -1.35 -3.58 12.89
CA PRO A 17 -2.56 -4.18 12.32
C PRO A 17 -3.13 -3.35 11.17
N LYS A 18 -2.99 -2.02 11.19
CA LYS A 18 -3.40 -1.12 10.09
C LYS A 18 -2.69 -1.48 8.77
N TYR A 19 -1.36 -1.64 8.83
CA TYR A 19 -0.52 -2.18 7.76
C TYR A 19 -0.96 -3.59 7.38
N LEU A 20 -1.03 -4.53 8.33
CA LEU A 20 -1.37 -5.92 8.05
C LEU A 20 -2.74 -6.11 7.38
N GLN A 21 -3.79 -5.38 7.76
CA GLN A 21 -5.11 -5.54 7.17
C GLN A 21 -5.14 -5.11 5.71
N LEU A 22 -4.51 -3.96 5.41
CA LEU A 22 -4.29 -3.49 4.04
C LEU A 22 -3.41 -4.48 3.26
N LYS A 23 -2.29 -4.93 3.85
CA LYS A 23 -1.34 -5.89 3.30
C LYS A 23 -1.99 -7.22 2.97
N GLU A 24 -2.58 -7.86 3.98
CA GLU A 24 -3.28 -9.14 3.89
C GLU A 24 -4.19 -9.23 2.65
N LYS A 25 -4.93 -8.17 2.32
CA LYS A 25 -5.83 -8.13 1.16
C LYS A 25 -5.16 -8.05 -0.22
N LEU A 26 -3.92 -7.60 -0.26
CA LEU A 26 -3.06 -7.48 -1.44
C LEU A 26 -2.19 -8.73 -1.63
N GLU A 27 -1.56 -9.19 -0.55
CA GLU A 27 -0.89 -10.49 -0.44
C GLU A 27 -1.79 -11.72 -0.60
N HIS A 28 -3.08 -11.62 -0.23
CA HIS A 28 -4.15 -12.54 -0.65
C HIS A 28 -4.23 -12.63 -2.17
N GLU A 29 -4.28 -11.46 -2.81
CA GLU A 29 -4.55 -11.32 -4.24
C GLU A 29 -3.38 -11.78 -5.10
N PHE A 30 -2.16 -11.52 -4.60
CA PHE A 30 -0.88 -11.60 -5.31
C PHE A 30 0.21 -12.40 -4.57
N PRO A 31 -0.07 -13.57 -3.96
CA PRO A 31 0.86 -14.20 -3.03
C PRO A 31 2.16 -14.59 -3.70
N GLY A 32 3.25 -14.02 -3.19
CA GLY A 32 4.59 -14.03 -3.77
C GLY A 32 4.75 -13.48 -5.20
N CYS A 33 3.67 -13.12 -5.90
CA CYS A 33 3.71 -12.29 -7.10
C CYS A 33 4.08 -10.83 -6.78
N LEU A 34 4.06 -10.47 -5.50
CA LEU A 34 4.33 -9.16 -4.95
C LEU A 34 5.19 -9.22 -3.69
N ASP A 35 5.84 -8.09 -3.43
CA ASP A 35 6.29 -7.61 -2.12
C ASP A 35 5.43 -6.40 -1.73
N ILE A 36 5.09 -6.33 -0.47
CA ILE A 36 4.69 -5.10 0.21
C ILE A 36 5.37 -5.07 1.58
N CYS A 37 6.08 -3.99 1.78
CA CYS A 37 6.64 -3.53 3.04
C CYS A 37 6.10 -2.13 3.37
N GLY A 38 6.53 -1.58 4.50
CA GLY A 38 6.29 -0.20 4.89
C GLY A 38 7.31 0.27 5.93
N GLU A 39 7.53 1.57 6.00
CA GLU A 39 8.64 2.25 6.65
C GLU A 39 8.07 3.41 7.46
N GLY A 40 7.61 3.04 8.65
CA GLY A 40 6.80 3.85 9.56
C GLY A 40 7.56 4.94 10.35
N THR A 41 8.56 5.58 9.75
CA THR A 41 9.46 6.58 10.36
C THR A 41 8.68 7.74 11.03
N PRO A 42 8.57 7.78 12.37
CA PRO A 42 7.56 8.56 13.08
C PRO A 42 8.03 10.00 13.34
N GLN A 43 8.04 10.85 12.30
CA GLN A 43 8.61 12.20 12.40
C GLN A 43 7.73 13.39 11.96
N VAL A 44 6.70 13.21 11.12
CA VAL A 44 5.86 14.34 10.64
C VAL A 44 4.38 13.97 10.62
N THR A 45 3.64 14.42 11.65
CA THR A 45 2.18 14.63 11.69
C THR A 45 1.26 13.44 11.39
N GLY A 46 1.21 12.97 10.14
CA GLY A 46 0.09 12.14 9.63
C GLY A 46 0.11 11.83 8.13
N PHE A 47 1.28 11.86 7.49
CA PHE A 47 1.47 11.35 6.11
C PHE A 47 1.33 9.81 6.08
N PHE A 48 1.02 9.23 4.91
CA PHE A 48 0.76 7.81 4.67
C PHE A 48 0.88 7.58 3.15
N GLU A 49 2.08 7.31 2.66
CA GLU A 49 2.44 7.54 1.27
C GLU A 49 2.80 6.20 0.62
N VAL A 50 2.00 5.75 -0.38
CA VAL A 50 2.13 4.37 -0.91
C VAL A 50 2.80 4.41 -2.28
N THR A 51 3.79 3.54 -2.46
CA THR A 51 4.58 3.44 -3.69
C THR A 51 4.79 2.00 -4.09
N VAL A 52 4.63 1.69 -5.36
CA VAL A 52 4.79 0.38 -6.02
C VAL A 52 5.84 0.46 -7.10
N ALA A 53 6.90 -0.34 -7.00
CA ALA A 53 8.08 -0.35 -7.88
C ALA A 53 8.61 1.07 -8.27
N GLY A 54 8.54 2.03 -7.33
CA GLY A 54 8.95 3.42 -7.56
C GLY A 54 7.89 4.30 -8.25
N LYS A 55 6.60 4.04 -7.99
CA LYS A 55 5.44 4.76 -8.52
C LYS A 55 4.45 5.07 -7.40
N LEU A 56 4.38 6.32 -6.96
CA LEU A 56 3.41 6.73 -5.94
C LEU A 56 2.00 6.63 -6.52
N VAL A 57 1.12 6.00 -5.72
CA VAL A 57 -0.30 5.81 -6.06
C VAL A 57 -1.21 6.50 -5.04
N HIS A 58 -0.68 6.76 -3.84
CA HIS A 58 -1.45 7.25 -2.70
C HIS A 58 -0.65 8.20 -1.82
N SER A 59 -1.37 9.06 -1.09
CA SER A 59 -0.80 10.10 -0.25
C SER A 59 -1.82 10.66 0.76
N LYS A 60 -1.65 10.40 2.06
CA LYS A 60 -2.30 11.22 3.08
C LYS A 60 -1.88 12.69 3.04
N LYS A 61 -0.64 13.00 2.65
CA LYS A 61 -0.11 14.37 2.48
C LYS A 61 -0.94 15.18 1.47
N ARG A 62 -1.21 14.61 0.29
CA ARG A 62 -1.99 15.25 -0.80
C ARG A 62 -3.48 15.33 -0.53
N GLY A 63 -3.95 14.60 0.48
CA GLY A 63 -5.35 14.59 0.90
C GLY A 63 -6.15 13.48 0.25
N ASP A 64 -5.49 12.37 -0.09
CA ASP A 64 -6.19 11.24 -0.71
C ASP A 64 -7.16 10.50 0.22
N GLY A 65 -6.82 10.39 1.51
CA GLY A 65 -7.61 9.65 2.49
C GLY A 65 -7.57 8.12 2.28
N TYR A 66 -7.73 7.37 3.37
CA TYR A 66 -7.65 5.91 3.41
C TYR A 66 -8.72 5.21 2.56
N VAL A 67 -8.86 3.88 2.69
CA VAL A 67 -9.91 3.13 1.98
C VAL A 67 -11.29 3.29 2.61
N ASP A 68 -11.72 4.52 2.47
CA ASP A 68 -12.95 5.15 2.90
C ASP A 68 -14.17 4.59 2.14
N THR A 69 -13.93 3.88 1.04
CA THR A 69 -14.95 3.14 0.30
C THR A 69 -14.34 2.00 -0.50
N GLU A 70 -15.19 1.07 -0.93
CA GLU A 70 -14.86 -0.02 -1.86
C GLU A 70 -14.20 0.50 -3.15
N SER A 71 -14.75 1.58 -3.72
CA SER A 71 -14.18 2.17 -4.93
C SER A 71 -12.76 2.72 -4.72
N LYS A 72 -12.47 3.19 -3.50
CA LYS A 72 -11.11 3.58 -3.09
C LYS A 72 -10.19 2.37 -3.05
N PHE A 73 -10.57 1.31 -2.34
CA PHE A 73 -9.78 0.07 -2.26
C PHE A 73 -9.54 -0.56 -3.64
N ARG A 74 -10.59 -0.65 -4.46
CA ARG A 74 -10.58 -1.19 -5.82
C ARG A 74 -9.60 -0.48 -6.73
N LYS A 75 -9.31 0.80 -6.51
CA LYS A 75 -8.27 1.57 -7.21
C LYS A 75 -6.93 0.85 -7.12
N LEU A 76 -6.59 0.42 -5.90
CA LEU A 76 -5.33 -0.29 -5.63
C LEU A 76 -5.39 -1.70 -6.18
N VAL A 77 -6.47 -2.41 -5.86
CA VAL A 77 -6.60 -3.80 -6.32
C VAL A 77 -6.52 -3.89 -7.84
N THR A 78 -7.18 -2.97 -8.54
CA THR A 78 -7.16 -2.91 -9.99
C THR A 78 -5.76 -2.62 -10.51
N ALA A 79 -5.06 -1.67 -9.90
CA ALA A 79 -3.78 -1.25 -10.46
C ALA A 79 -2.66 -2.25 -10.20
N ILE A 80 -2.75 -2.95 -9.08
CA ILE A 80 -1.73 -3.90 -8.69
C ILE A 80 -1.99 -5.25 -9.40
N LYS A 81 -3.25 -5.56 -9.75
CA LYS A 81 -3.61 -6.78 -10.51
C LYS A 81 -3.21 -6.64 -11.97
N ALA A 82 -3.35 -5.43 -12.50
CA ALA A 82 -2.79 -5.05 -13.80
C ALA A 82 -1.26 -5.22 -13.81
N ALA A 83 -0.56 -4.63 -12.83
CA ALA A 83 0.89 -4.75 -12.73
C ALA A 83 1.39 -6.18 -12.46
N LEU A 84 0.54 -7.02 -11.87
CA LEU A 84 0.78 -8.47 -11.74
C LEU A 84 0.92 -9.11 -13.12
N ALA A 85 -0.12 -8.98 -13.94
CA ALA A 85 -0.15 -9.56 -15.29
C ALA A 85 0.96 -9.03 -16.22
N GLN A 86 1.53 -7.87 -15.89
CA GLN A 86 2.66 -7.27 -16.60
C GLN A 86 4.00 -7.82 -16.13
N CYS A 87 4.14 -7.99 -14.82
CA CYS A 87 5.24 -8.70 -14.17
C CYS A 87 5.32 -10.18 -14.56
N GLN A 88 4.19 -10.81 -14.89
CA GLN A 88 4.15 -12.18 -15.39
C GLN A 88 4.89 -12.38 -16.74
N MET A 1 9.54 -12.87 -11.38
CA MET A 1 8.15 -12.54 -11.77
C MET A 1 7.29 -12.26 -10.52
N ALA A 2 7.64 -11.25 -9.71
CA ALA A 2 6.84 -10.84 -8.55
C ALA A 2 6.97 -9.33 -8.28
N LEU A 3 5.96 -8.73 -7.65
CA LEU A 3 5.78 -7.27 -7.55
C LEU A 3 6.05 -6.73 -6.14
N ALA A 4 7.08 -5.88 -6.03
CA ALA A 4 7.64 -5.28 -4.83
C ALA A 4 6.89 -4.03 -4.32
N VAL A 5 6.14 -4.09 -3.22
CA VAL A 5 5.36 -2.98 -2.66
C VAL A 5 5.95 -2.52 -1.33
N ARG A 6 5.90 -1.22 -1.09
CA ARG A 6 6.42 -0.48 0.07
C ARG A 6 5.46 0.65 0.49
N VAL A 7 5.47 1.05 1.76
CA VAL A 7 4.65 2.14 2.32
C VAL A 7 5.48 2.88 3.35
N VAL A 8 5.74 4.17 3.13
CA VAL A 8 6.26 5.06 4.18
C VAL A 8 5.13 5.57 5.07
N TYR A 9 5.19 5.31 6.38
CA TYR A 9 4.17 5.79 7.32
C TYR A 9 4.75 6.43 8.58
N SER A 10 3.99 7.39 9.11
CA SER A 10 4.13 7.93 10.46
C SER A 10 3.33 7.08 11.46
N GLY A 11 3.97 6.10 12.11
CA GLY A 11 3.40 5.06 12.97
C GLY A 11 2.78 5.50 14.31
N ALA A 12 2.25 6.72 14.37
CA ALA A 12 1.96 7.49 15.59
C ALA A 12 1.11 6.77 16.66
N CYS A 13 0.13 5.95 16.24
CA CYS A 13 -0.53 4.95 17.07
C CYS A 13 -1.06 3.81 16.18
N GLY A 14 -1.40 2.66 16.78
CA GLY A 14 -2.17 1.55 16.16
C GLY A 14 -1.62 0.95 14.86
N TYR A 15 -0.41 1.30 14.42
CA TYR A 15 -0.03 1.20 13.00
C TYR A 15 -0.03 -0.20 12.41
N LYS A 16 0.42 -1.22 13.18
CA LYS A 16 0.57 -2.61 12.72
C LYS A 16 -0.71 -3.22 12.10
N PRO A 17 -1.86 -3.31 12.80
CA PRO A 17 -3.10 -3.79 12.19
C PRO A 17 -3.63 -2.86 11.08
N LYS A 18 -3.49 -1.53 11.20
CA LYS A 18 -3.81 -0.56 10.12
C LYS A 18 -3.10 -0.89 8.81
N TYR A 19 -1.80 -1.17 8.92
CA TYR A 19 -0.93 -1.61 7.83
C TYR A 19 -1.44 -2.92 7.23
N LEU A 20 -1.57 -3.96 8.06
CA LEU A 20 -2.06 -5.27 7.63
C LEU A 20 -3.43 -5.22 6.96
N GLN A 21 -4.35 -4.35 7.36
CA GLN A 21 -5.69 -4.33 6.77
C GLN A 21 -5.64 -4.01 5.26
N LEU A 22 -4.63 -3.24 4.82
CA LEU A 22 -4.27 -3.12 3.41
C LEU A 22 -3.43 -4.31 2.92
N LYS A 23 -2.37 -4.69 3.66
CA LYS A 23 -1.38 -5.69 3.22
C LYS A 23 -1.96 -7.08 3.01
N GLU A 24 -2.68 -7.55 4.03
CA GLU A 24 -3.49 -8.77 4.05
C GLU A 24 -4.28 -8.96 2.75
N LYS A 25 -4.97 -7.91 2.29
CA LYS A 25 -5.80 -7.92 1.08
C LYS A 25 -4.97 -8.18 -0.18
N LEU A 26 -3.85 -7.49 -0.28
CA LEU A 26 -2.90 -7.55 -1.38
C LEU A 26 -2.24 -8.94 -1.52
N GLU A 27 -1.70 -9.44 -0.41
CA GLU A 27 -1.17 -10.80 -0.25
C GLU A 27 -2.22 -11.91 -0.36
N HIS A 28 -3.47 -11.68 0.06
CA HIS A 28 -4.60 -12.57 -0.19
C HIS A 28 -4.90 -12.69 -1.69
N GLU A 29 -4.90 -11.56 -2.38
CA GLU A 29 -5.23 -11.48 -3.80
C GLU A 29 -4.18 -12.16 -4.69
N PHE A 30 -2.89 -11.99 -4.33
CA PHE A 30 -1.75 -12.34 -5.18
C PHE A 30 -0.60 -13.03 -4.40
N PRO A 31 -0.84 -14.09 -3.62
CA PRO A 31 0.19 -14.67 -2.76
C PRO A 31 1.36 -15.20 -3.59
N GLY A 32 2.59 -14.87 -3.16
CA GLY A 32 3.86 -15.24 -3.80
C GLY A 32 4.18 -14.56 -5.13
N CYS A 33 3.16 -14.13 -5.88
CA CYS A 33 3.29 -13.20 -6.98
C CYS A 33 3.60 -11.78 -6.50
N LEU A 34 3.45 -11.53 -5.21
CA LEU A 34 3.63 -10.21 -4.63
C LEU A 34 4.41 -10.21 -3.32
N ASP A 35 5.03 -9.06 -3.12
CA ASP A 35 5.77 -8.63 -1.95
C ASP A 35 5.15 -7.31 -1.51
N ILE A 36 4.88 -7.19 -0.23
CA ILE A 36 4.67 -5.92 0.44
C ILE A 36 5.47 -5.92 1.74
N CYS A 37 6.36 -4.95 1.84
CA CYS A 37 7.09 -4.54 3.04
C CYS A 37 6.77 -3.07 3.35
N GLY A 38 7.39 -2.47 4.37
CA GLY A 38 7.10 -1.10 4.81
C GLY A 38 8.20 -0.39 5.59
N GLU A 39 8.09 0.94 5.66
CA GLU A 39 9.01 1.91 6.27
C GLU A 39 8.25 2.78 7.29
N GLY A 40 8.03 2.23 8.48
CA GLY A 40 7.14 2.77 9.51
C GLY A 40 7.88 3.53 10.61
N THR A 41 8.20 4.80 10.37
CA THR A 41 8.86 5.70 11.33
C THR A 41 7.91 6.19 12.44
N PRO A 42 8.39 6.39 13.69
CA PRO A 42 7.61 7.03 14.76
C PRO A 42 7.42 8.55 14.57
N GLN A 43 7.95 9.16 13.50
CA GLN A 43 7.80 10.57 13.19
C GLN A 43 6.35 10.93 12.79
N VAL A 44 5.50 11.18 13.80
CA VAL A 44 4.13 11.70 13.70
C VAL A 44 4.04 12.96 12.82
N THR A 45 3.71 12.75 11.54
CA THR A 45 3.74 13.77 10.47
C THR A 45 2.59 13.65 9.46
N GLY A 46 1.89 12.51 9.41
CA GLY A 46 0.68 12.31 8.60
C GLY A 46 0.89 11.72 7.20
N PHE A 47 2.12 11.39 6.82
CA PHE A 47 2.46 10.67 5.59
C PHE A 47 1.96 9.22 5.67
N PHE A 48 1.46 8.67 4.56
CA PHE A 48 1.15 7.25 4.29
C PHE A 48 1.29 7.04 2.76
N GLU A 49 2.50 6.90 2.23
CA GLU A 49 2.71 7.00 0.78
C GLU A 49 3.09 5.62 0.22
N VAL A 50 2.35 5.12 -0.79
CA VAL A 50 2.39 3.70 -1.21
C VAL A 50 2.99 3.59 -2.60
N THR A 51 3.99 2.74 -2.75
CA THR A 51 4.77 2.52 -3.94
C THR A 51 4.80 1.03 -4.32
N VAL A 52 4.83 0.71 -5.61
CA VAL A 52 4.94 -0.65 -6.15
C VAL A 52 5.91 -0.68 -7.33
N ALA A 53 6.91 -1.55 -7.31
CA ALA A 53 8.16 -1.42 -8.10
C ALA A 53 8.76 0.02 -8.09
N GLY A 54 8.51 0.79 -7.03
CA GLY A 54 8.83 2.22 -6.89
C GLY A 54 7.74 3.19 -7.38
N LYS A 55 6.81 2.76 -8.24
CA LYS A 55 5.65 3.55 -8.70
C LYS A 55 4.70 3.87 -7.56
N LEU A 56 4.64 5.13 -7.16
CA LEU A 56 3.55 5.68 -6.35
C LEU A 56 2.18 5.29 -6.92
N VAL A 57 1.32 4.80 -6.04
CA VAL A 57 -0.12 4.52 -6.28
C VAL A 57 -1.03 5.31 -5.32
N HIS A 58 -0.50 5.65 -4.14
CA HIS A 58 -1.19 6.37 -3.08
C HIS A 58 -0.31 7.48 -2.51
N SER A 59 -0.94 8.51 -1.98
CA SER A 59 -0.25 9.59 -1.28
C SER A 59 -1.19 10.25 -0.28
N LYS A 60 -1.09 9.94 1.01
CA LYS A 60 -1.74 10.70 2.07
C LYS A 60 -1.32 12.17 2.06
N LYS A 61 -0.08 12.48 1.68
CA LYS A 61 0.47 13.83 1.51
C LYS A 61 0.00 14.54 0.22
N ARG A 62 -0.64 13.83 -0.74
CA ARG A 62 -1.44 14.47 -1.80
C ARG A 62 -2.91 14.63 -1.44
N GLY A 63 -3.37 13.96 -0.38
CA GLY A 63 -4.77 13.96 0.03
C GLY A 63 -5.59 12.93 -0.75
N ASP A 64 -5.00 11.80 -1.14
CA ASP A 64 -5.77 10.67 -1.70
C ASP A 64 -6.67 9.99 -0.64
N GLY A 65 -6.25 9.98 0.64
CA GLY A 65 -7.00 9.41 1.78
C GLY A 65 -7.10 7.87 1.77
N TYR A 66 -7.25 7.27 2.93
CA TYR A 66 -7.23 5.81 3.14
C TYR A 66 -8.34 5.05 2.38
N VAL A 67 -8.46 3.74 2.62
CA VAL A 67 -9.55 2.93 2.06
C VAL A 67 -10.86 3.13 2.82
N ASP A 68 -11.34 4.33 2.61
CA ASP A 68 -12.54 4.96 3.11
C ASP A 68 -13.81 4.34 2.49
N THR A 69 -13.65 3.61 1.38
CA THR A 69 -14.70 2.84 0.74
C THR A 69 -14.11 1.76 -0.17
N GLU A 70 -14.93 0.78 -0.54
CA GLU A 70 -14.53 -0.32 -1.42
C GLU A 70 -14.03 0.18 -2.78
N SER A 71 -14.65 1.24 -3.32
CA SER A 71 -14.19 1.84 -4.57
C SER A 71 -12.79 2.48 -4.45
N LYS A 72 -12.46 3.01 -3.26
CA LYS A 72 -11.12 3.50 -2.95
C LYS A 72 -10.09 2.37 -2.88
N PHE A 73 -10.43 1.28 -2.19
CA PHE A 73 -9.60 0.07 -2.18
C PHE A 73 -9.37 -0.47 -3.59
N ARG A 74 -10.44 -0.57 -4.39
CA ARG A 74 -10.43 -1.04 -5.79
C ARG A 74 -9.50 -0.24 -6.72
N LYS A 75 -9.23 1.05 -6.47
CA LYS A 75 -8.23 1.84 -7.19
C LYS A 75 -6.81 1.30 -6.96
N LEU A 76 -6.54 0.78 -5.76
CA LEU A 76 -5.27 0.12 -5.44
C LEU A 76 -5.25 -1.32 -5.96
N VAL A 77 -6.35 -2.05 -5.80
CA VAL A 77 -6.50 -3.39 -6.40
C VAL A 77 -6.19 -3.35 -7.88
N THR A 78 -6.83 -2.43 -8.60
CA THR A 78 -6.73 -2.36 -10.06
C THR A 78 -5.29 -2.14 -10.50
N ALA A 79 -4.54 -1.32 -9.78
CA ALA A 79 -3.18 -1.03 -10.22
C ALA A 79 -2.18 -2.13 -9.85
N ILE A 80 -2.46 -2.84 -8.78
CA ILE A 80 -1.67 -4.00 -8.36
C ILE A 80 -2.01 -5.20 -9.25
N LYS A 81 -3.28 -5.38 -9.63
CA LYS A 81 -3.75 -6.53 -10.42
C LYS A 81 -3.22 -6.46 -11.83
N ALA A 82 -3.27 -5.26 -12.40
CA ALA A 82 -2.73 -4.96 -13.72
C ALA A 82 -1.21 -5.21 -13.75
N ALA A 83 -0.48 -4.58 -12.81
CA ALA A 83 0.97 -4.72 -12.73
C ALA A 83 1.43 -6.15 -12.44
N LEU A 84 0.61 -6.92 -11.72
CA LEU A 84 0.85 -8.35 -11.51
C LEU A 84 0.78 -9.13 -12.82
N ALA A 85 -0.34 -8.99 -13.53
CA ALA A 85 -0.54 -9.64 -14.83
C ALA A 85 0.50 -9.23 -15.91
N GLN A 86 1.17 -8.10 -15.73
CA GLN A 86 2.29 -7.63 -16.54
C GLN A 86 3.59 -8.36 -16.15
N CYS A 87 3.96 -8.29 -14.87
CA CYS A 87 5.10 -9.01 -14.28
C CYS A 87 5.01 -10.53 -14.40
N GLN A 88 3.83 -11.12 -14.65
CA GLN A 88 3.70 -12.55 -14.93
C GLN A 88 4.38 -13.00 -16.25
#